data_2YYR
# 
_entry.id   2YYR 
# 
_audit_conform.dict_name       mmcif_pdbx.dic 
_audit_conform.dict_version    5.381 
_audit_conform.dict_location   http://mmcif.pdb.org/dictionaries/ascii/mmcif_pdbx.dic 
# 
loop_
_database_2.database_id 
_database_2.database_code 
_database_2.pdbx_database_accession 
_database_2.pdbx_DOI 
PDB   2YYR         pdb_00002yyr 10.2210/pdb2yyr/pdb 
RCSB  RCSB027303   ?            ?                   
WWPDB D_1000027303 ?            ?                   
# 
loop_
_pdbx_database_related.db_name 
_pdbx_database_related.db_id 
_pdbx_database_related.details 
_pdbx_database_related.content_type 
PDB      2DX8           'Native structure' unspecified 
TargetDB mmt007007653.2 .                  unspecified 
# 
_pdbx_database_status.status_code                     REL 
_pdbx_database_status.entry_id                        2YYR 
_pdbx_database_status.recvd_initial_deposition_date   2007-05-01 
_pdbx_database_status.deposit_site                    PDBJ 
_pdbx_database_status.process_site                    PDBJ 
_pdbx_database_status.status_code_sf                  ? 
_pdbx_database_status.status_code_mr                  ? 
_pdbx_database_status.SG_entry                        Y 
_pdbx_database_status.pdb_format_compatible           Y 
_pdbx_database_status.status_code_cs                  ? 
_pdbx_database_status.status_code_nmr_data            ? 
_pdbx_database_status.methods_development_category    ? 
# 
loop_
_audit_author.name 
_audit_author.pdbx_ordinal 
'Nakamura, Y.'                                           1 
'Padmanabhan, B.'                                        2 
'Yokoyama, S.'                                           3 
'RIKEN Structural Genomics/Proteomics Initiative (RSGI)' 4 
# 
_citation.id                        primary 
_citation.title                     'Structural analysis of PHD domain of Pygopus complexed with trimethylated histone H3 peptide' 
_citation.journal_abbrev            'To be Published' 
_citation.journal_volume            ? 
_citation.page_first                ? 
_citation.page_last                 ? 
_citation.year                      ? 
_citation.journal_id_ASTM           ? 
_citation.country                   ? 
_citation.journal_id_ISSN           ? 
_citation.journal_id_CSD            0353 
_citation.book_publisher            ? 
_citation.pdbx_database_id_PubMed   ? 
_citation.pdbx_database_id_DOI      ? 
# 
loop_
_citation_author.citation_id 
_citation_author.name 
_citation_author.ordinal 
_citation_author.identifier_ORCID 
primary 'Nakamura, Y.'    1 ? 
primary 'Umehara, T.'     2 ? 
primary 'Padmanabhan, B.' 3 ? 
primary 'Yokoyama, S.'    4 ? 
# 
_cell.entry_id           2YYR 
_cell.length_a           59.518 
_cell.length_b           59.518 
_cell.length_c           95.853 
_cell.angle_alpha        90.00 
_cell.angle_beta         90.00 
_cell.angle_gamma        90.00 
_cell.Z_PDB              16 
_cell.pdbx_unique_axis   ? 
_cell.length_a_esd       ? 
_cell.length_b_esd       ? 
_cell.length_c_esd       ? 
_cell.angle_alpha_esd    ? 
_cell.angle_beta_esd     ? 
_cell.angle_gamma_esd    ? 
# 
_symmetry.entry_id                         2YYR 
_symmetry.space_group_name_H-M             'P 43 21 2' 
_symmetry.pdbx_full_space_group_name_H-M   ? 
_symmetry.cell_setting                     ? 
_symmetry.Int_Tables_number                96 
_symmetry.space_group_name_Hall            ? 
# 
loop_
_entity.id 
_entity.type 
_entity.src_method 
_entity.pdbx_description 
_entity.formula_weight 
_entity.pdbx_number_of_molecules 
_entity.pdbx_ec 
_entity.pdbx_mutation 
_entity.pdbx_fragment 
_entity.details 
1 polymer     man 'Pygopus homolog 1' 7329.780 2  ? ? 'PHD Domain' ? 
2 polymer     syn 'H3K4Me3 peptide'   976.155  1  ? ? ?            ? 
3 non-polymer syn 'ZINC ION'          65.409   4  ? ? ?            ? 
4 water       nat water               18.015   60 ? ? ?            ? 
# 
loop_
_entity_poly.entity_id 
_entity_poly.type 
_entity_poly.nstd_linkage 
_entity_poly.nstd_monomer 
_entity_poly.pdbx_seq_one_letter_code 
_entity_poly.pdbx_seq_one_letter_code_can 
_entity_poly.pdbx_strand_id 
_entity_poly.pdbx_target_identifier 
1 'polypeptide(L)' no yes 'HGHSSSDPVYPCGICTNEVNDDQDAILCEASCQKWFHRICTG(MSE)TETAYGLLTAEASAVWGCDTC(MSE)AD' 
HGHSSSDPVYPCGICTNEVNDDQDAILCEASCQKWFHRICTGMTETAYGLLTAEASAVWGCDTCMAD A,B mmt007007653.2 
2 'polypeptide(L)' no yes 'ART(M3L)QTAR'                                                                ARTKQTAR P   ? 
# 
loop_
_entity_poly_seq.entity_id 
_entity_poly_seq.num 
_entity_poly_seq.mon_id 
_entity_poly_seq.hetero 
1 1  HIS n 
1 2  GLY n 
1 3  HIS n 
1 4  SER n 
1 5  SER n 
1 6  SER n 
1 7  ASP n 
1 8  PRO n 
1 9  VAL n 
1 10 TYR n 
1 11 PRO n 
1 12 CYS n 
1 13 GLY n 
1 14 ILE n 
1 15 CYS n 
1 16 THR n 
1 17 ASN n 
1 18 GLU n 
1 19 VAL n 
1 20 ASN n 
1 21 ASP n 
1 22 ASP n 
1 23 GLN n 
1 24 ASP n 
1 25 ALA n 
1 26 ILE n 
1 27 LEU n 
1 28 CYS n 
1 29 GLU n 
1 30 ALA n 
1 31 SER n 
1 32 CYS n 
1 33 GLN n 
1 34 LYS n 
1 35 TRP n 
1 36 PHE n 
1 37 HIS n 
1 38 ARG n 
1 39 ILE n 
1 40 CYS n 
1 41 THR n 
1 42 GLY n 
1 43 MSE n 
1 44 THR n 
1 45 GLU n 
1 46 THR n 
1 47 ALA n 
1 48 TYR n 
1 49 GLY n 
1 50 LEU n 
1 51 LEU n 
1 52 THR n 
1 53 ALA n 
1 54 GLU n 
1 55 ALA n 
1 56 SER n 
1 57 ALA n 
1 58 VAL n 
1 59 TRP n 
1 60 GLY n 
1 61 CYS n 
1 62 ASP n 
1 63 THR n 
1 64 CYS n 
1 65 MSE n 
1 66 ALA n 
1 67 ASP n 
2 1  ALA n 
2 2  ARG n 
2 3  THR n 
2 4  M3L n 
2 5  GLN n 
2 6  THR n 
2 7  ALA n 
2 8  ARG n 
# 
_entity_src_gen.entity_id                          1 
_entity_src_gen.pdbx_src_id                        1 
_entity_src_gen.pdbx_alt_source_flag               sample 
_entity_src_gen.pdbx_seq_type                      ? 
_entity_src_gen.pdbx_beg_seq_num                   ? 
_entity_src_gen.pdbx_end_seq_num                   ? 
_entity_src_gen.gene_src_common_name               'house mouse' 
_entity_src_gen.gene_src_genus                     Mus 
_entity_src_gen.pdbx_gene_src_gene                 ? 
_entity_src_gen.gene_src_species                   ? 
_entity_src_gen.gene_src_strain                    ? 
_entity_src_gen.gene_src_tissue                    ? 
_entity_src_gen.gene_src_tissue_fraction           ? 
_entity_src_gen.gene_src_details                   ? 
_entity_src_gen.pdbx_gene_src_fragment             ? 
_entity_src_gen.pdbx_gene_src_scientific_name      'Mus musculus' 
_entity_src_gen.pdbx_gene_src_ncbi_taxonomy_id     10090 
_entity_src_gen.pdbx_gene_src_variant              ? 
_entity_src_gen.pdbx_gene_src_cell_line            ? 
_entity_src_gen.pdbx_gene_src_atcc                 ? 
_entity_src_gen.pdbx_gene_src_organ                ? 
_entity_src_gen.pdbx_gene_src_organelle            ? 
_entity_src_gen.pdbx_gene_src_cell                 ? 
_entity_src_gen.pdbx_gene_src_cellular_location    ? 
_entity_src_gen.host_org_common_name               ? 
_entity_src_gen.pdbx_host_org_scientific_name      'cell-free protein synthesis' 
_entity_src_gen.pdbx_host_org_ncbi_taxonomy_id     ? 
_entity_src_gen.host_org_genus                     ? 
_entity_src_gen.pdbx_host_org_gene                 ? 
_entity_src_gen.pdbx_host_org_organ                ? 
_entity_src_gen.host_org_species                   ? 
_entity_src_gen.pdbx_host_org_tissue               ? 
_entity_src_gen.pdbx_host_org_tissue_fraction      ? 
_entity_src_gen.pdbx_host_org_strain               ? 
_entity_src_gen.pdbx_host_org_variant              ? 
_entity_src_gen.pdbx_host_org_cell_line            ? 
_entity_src_gen.pdbx_host_org_atcc                 ? 
_entity_src_gen.pdbx_host_org_culture_collection   ? 
_entity_src_gen.pdbx_host_org_cell                 ? 
_entity_src_gen.pdbx_host_org_organelle            ? 
_entity_src_gen.pdbx_host_org_cellular_location    ? 
_entity_src_gen.pdbx_host_org_vector_type          plasmid 
_entity_src_gen.pdbx_host_org_vector               ? 
_entity_src_gen.host_org_details                   ? 
_entity_src_gen.expression_system_id               ? 
_entity_src_gen.plasmid_name                       pCR2.1-TOPO 
_entity_src_gen.plasmid_details                    ? 
_entity_src_gen.pdbx_description                   ? 
# 
_pdbx_entity_src_syn.entity_id              2 
_pdbx_entity_src_syn.pdbx_src_id            1 
_pdbx_entity_src_syn.pdbx_alt_source_flag   sample 
_pdbx_entity_src_syn.pdbx_beg_seq_num       ? 
_pdbx_entity_src_syn.pdbx_end_seq_num       ? 
_pdbx_entity_src_syn.organism_scientific    ? 
_pdbx_entity_src_syn.organism_common_name   ? 
_pdbx_entity_src_syn.ncbi_taxonomy_id       ? 
_pdbx_entity_src_syn.details                'Synthesized histone H3 peptide, tri-methylated at Lys4' 
# 
loop_
_struct_ref.id 
_struct_ref.db_name 
_struct_ref.db_code 
_struct_ref.pdbx_db_accession 
_struct_ref.entity_id 
_struct_ref.pdbx_seq_one_letter_code 
_struct_ref.pdbx_align_begin 
_struct_ref.pdbx_db_isoform 
1 UNP PYGO1_MOUSE Q9D0P5 1 HGHSSSDPVYPCGICTNEVNDDQDAILCEASCQKWFHRICTGMTETAYGLLTAEASAVWGCDTCMAD 330 ? 
2 PDB 2YYR        2YYR   2 ARTKQTAR                                                            ?   ? 
# 
loop_
_struct_ref_seq.align_id 
_struct_ref_seq.ref_id 
_struct_ref_seq.pdbx_PDB_id_code 
_struct_ref_seq.pdbx_strand_id 
_struct_ref_seq.seq_align_beg 
_struct_ref_seq.pdbx_seq_align_beg_ins_code 
_struct_ref_seq.seq_align_end 
_struct_ref_seq.pdbx_seq_align_end_ins_code 
_struct_ref_seq.pdbx_db_accession 
_struct_ref_seq.db_align_beg 
_struct_ref_seq.pdbx_db_align_beg_ins_code 
_struct_ref_seq.db_align_end 
_struct_ref_seq.pdbx_db_align_end_ins_code 
_struct_ref_seq.pdbx_auth_seq_align_beg 
_struct_ref_seq.pdbx_auth_seq_align_end 
1 1 2YYR A 1 ? 67 ? Q9D0P5 330 ? 396 ? 330 396 
2 1 2YYR B 1 ? 67 ? Q9D0P5 330 ? 396 ? 330 396 
3 2 2YYR P 1 ? 8  ? 2YYR   1   ? 8   ? 1   8   
# 
loop_
_chem_comp.id 
_chem_comp.type 
_chem_comp.mon_nstd_flag 
_chem_comp.name 
_chem_comp.pdbx_synonyms 
_chem_comp.formula 
_chem_comp.formula_weight 
ALA 'L-peptide linking' y ALANINE           ? 'C3 H7 N O2'     89.093  
ARG 'L-peptide linking' y ARGININE          ? 'C6 H15 N4 O2 1' 175.209 
ASN 'L-peptide linking' y ASPARAGINE        ? 'C4 H8 N2 O3'    132.118 
ASP 'L-peptide linking' y 'ASPARTIC ACID'   ? 'C4 H7 N O4'     133.103 
CYS 'L-peptide linking' y CYSTEINE          ? 'C3 H7 N O2 S'   121.158 
GLN 'L-peptide linking' y GLUTAMINE         ? 'C5 H10 N2 O3'   146.144 
GLU 'L-peptide linking' y 'GLUTAMIC ACID'   ? 'C5 H9 N O4'     147.129 
GLY 'peptide linking'   y GLYCINE           ? 'C2 H5 N O2'     75.067  
HIS 'L-peptide linking' y HISTIDINE         ? 'C6 H10 N3 O2 1' 156.162 
HOH non-polymer         . WATER             ? 'H2 O'           18.015  
ILE 'L-peptide linking' y ISOLEUCINE        ? 'C6 H13 N O2'    131.173 
LEU 'L-peptide linking' y LEUCINE           ? 'C6 H13 N O2'    131.173 
LYS 'L-peptide linking' y LYSINE            ? 'C6 H15 N2 O2 1' 147.195 
M3L 'L-peptide linking' n N-TRIMETHYLLYSINE ? 'C9 H21 N2 O2 1' 189.275 
MSE 'L-peptide linking' n SELENOMETHIONINE  ? 'C5 H11 N O2 Se' 196.106 
PHE 'L-peptide linking' y PHENYLALANINE     ? 'C9 H11 N O2'    165.189 
PRO 'L-peptide linking' y PROLINE           ? 'C5 H9 N O2'     115.130 
SER 'L-peptide linking' y SERINE            ? 'C3 H7 N O3'     105.093 
THR 'L-peptide linking' y THREONINE         ? 'C4 H9 N O3'     119.119 
TRP 'L-peptide linking' y TRYPTOPHAN        ? 'C11 H12 N2 O2'  204.225 
TYR 'L-peptide linking' y TYROSINE          ? 'C9 H11 N O3'    181.189 
VAL 'L-peptide linking' y VALINE            ? 'C5 H11 N O2'    117.146 
ZN  non-polymer         . 'ZINC ION'        ? 'Zn 2'           65.409  
# 
_exptl.entry_id          2YYR 
_exptl.method            'X-RAY DIFFRACTION' 
_exptl.crystals_number   1 
# 
_exptl_crystal.id                    1 
_exptl_crystal.density_meas          ? 
_exptl_crystal.density_Matthews      2.71 
_exptl_crystal.density_percent_sol   54.68 
_exptl_crystal.description           ? 
_exptl_crystal.F_000                 ? 
_exptl_crystal.preparation           ? 
# 
_exptl_crystal_grow.crystal_id      1 
_exptl_crystal_grow.method          co-crystallization 
_exptl_crystal_grow.temp            298 
_exptl_crystal_grow.temp_details    ? 
_exptl_crystal_grow.pH              9.0 
_exptl_crystal_grow.pdbx_details    
'1.0M Na Citrate, 0.1M LiSo4, 0.1mM ZnCl2, 50mM Tris-HCl, pH 9.0, co-crystallization, temperature 298K' 
_exptl_crystal_grow.pdbx_pH_range   . 
# 
_diffrn.id                     1 
_diffrn.ambient_temp           100 
_diffrn.ambient_temp_details   ? 
_diffrn.crystal_id             1 
# 
_diffrn_detector.diffrn_id              1 
_diffrn_detector.detector               CCD 
_diffrn_detector.type                   'ADSC QUANTUM 315' 
_diffrn_detector.pdbx_collection_date   ? 
_diffrn_detector.details                mirror 
# 
_diffrn_radiation.diffrn_id                        1 
_diffrn_radiation.wavelength_id                    1 
_diffrn_radiation.pdbx_monochromatic_or_laue_m_l   M 
_diffrn_radiation.monochromator                    'double crystal monochromator' 
_diffrn_radiation.pdbx_diffrn_protocol             'SINGLE WAVELENGTH' 
_diffrn_radiation.pdbx_scattering_type             x-ray 
# 
_diffrn_radiation_wavelength.id           1 
_diffrn_radiation_wavelength.wavelength   1.0 
_diffrn_radiation_wavelength.wt           1.0 
# 
_diffrn_source.diffrn_id                   1 
_diffrn_source.source                      SYNCHROTRON 
_diffrn_source.type                        'PHOTON FACTORY BEAMLINE BL-5A' 
_diffrn_source.pdbx_synchrotron_site       'Photon Factory' 
_diffrn_source.pdbx_synchrotron_beamline   BL-5A 
_diffrn_source.pdbx_wavelength             ? 
_diffrn_source.pdbx_wavelength_list        1.0 
# 
_reflns.entry_id                     2YYR 
_reflns.observed_criterion_sigma_I   ? 
_reflns.observed_criterion_sigma_F   -3 
_reflns.d_resolution_low             50.0 
_reflns.d_resolution_high            2.5 
_reflns.number_obs                   6470 
_reflns.number_all                   6486 
_reflns.percent_possible_obs         99.8 
_reflns.pdbx_Rmerge_I_obs            0.094 
_reflns.pdbx_Rsym_value              ? 
_reflns.pdbx_netI_over_sigmaI        ? 
_reflns.B_iso_Wilson_estimate        43.3 
_reflns.pdbx_redundancy              13.9 
_reflns.R_free_details               ? 
_reflns.limit_h_max                  ? 
_reflns.limit_h_min                  ? 
_reflns.limit_k_max                  ? 
_reflns.limit_k_min                  ? 
_reflns.limit_l_max                  ? 
_reflns.limit_l_min                  ? 
_reflns.observed_criterion_F_max     ? 
_reflns.observed_criterion_F_min     ? 
_reflns.pdbx_chi_squared             ? 
_reflns.pdbx_scaling_rejects         ? 
_reflns.pdbx_diffrn_id               1 
_reflns.pdbx_ordinal                 1 
# 
_reflns_shell.d_res_high             2.5 
_reflns_shell.d_res_low              2.59 
_reflns_shell.percent_possible_all   100 
_reflns_shell.Rmerge_I_obs           0.315 
_reflns_shell.pdbx_Rsym_value        ? 
_reflns_shell.meanI_over_sigI_obs    ? 
_reflns_shell.pdbx_redundancy        13.9 
_reflns_shell.percent_possible_obs   ? 
_reflns_shell.number_unique_all      630 
_reflns_shell.number_measured_all    ? 
_reflns_shell.number_measured_obs    ? 
_reflns_shell.number_unique_obs      ? 
_reflns_shell.pdbx_chi_squared       ? 
_reflns_shell.pdbx_diffrn_id         ? 
_reflns_shell.pdbx_ordinal           1 
# 
_refine.entry_id                                 2YYR 
_refine.ls_number_reflns_obs                     6106 
_refine.ls_number_reflns_all                     ? 
_refine.pdbx_ls_sigma_I                          ? 
_refine.pdbx_ls_sigma_F                          0.0 
_refine.pdbx_data_cutoff_high_absF               105460.71 
_refine.pdbx_data_cutoff_low_absF                0.000000 
_refine.pdbx_data_cutoff_high_rms_absF           ? 
_refine.ls_d_res_low                             19.43 
_refine.ls_d_res_high                            2.50 
_refine.ls_percent_reflns_obs                    95.8 
_refine.ls_R_factor_obs                          0.213 
_refine.ls_R_factor_all                          ? 
_refine.ls_R_factor_R_work                       0.213 
_refine.ls_R_factor_R_free                       0.234 
_refine.ls_R_factor_R_free_error                 0.009 
_refine.ls_R_factor_R_free_error_details         ? 
_refine.ls_percent_reflns_R_free                 10.6 
_refine.ls_number_reflns_R_free                  646 
_refine.ls_number_parameters                     ? 
_refine.ls_number_restraints                     ? 
_refine.occupancy_min                            ? 
_refine.occupancy_max                            ? 
_refine.correlation_coeff_Fo_to_Fc               ? 
_refine.correlation_coeff_Fo_to_Fc_free          ? 
_refine.B_iso_mean                               40.1 
_refine.aniso_B[1][1]                            7.62 
_refine.aniso_B[2][2]                            7.62 
_refine.aniso_B[3][3]                            -15.25 
_refine.aniso_B[1][2]                            0.00 
_refine.aniso_B[1][3]                            0.00 
_refine.aniso_B[2][3]                            0.00 
_refine.solvent_model_details                    'FLAT MODEL' 
_refine.solvent_model_param_ksol                 0.29875 
_refine.solvent_model_param_bsol                 11.0377 
_refine.pdbx_solvent_vdw_probe_radii             ? 
_refine.pdbx_solvent_ion_probe_radii             ? 
_refine.pdbx_solvent_shrinkage_radii             ? 
_refine.pdbx_ls_cross_valid_method               THROUGHOUT 
_refine.details                                  ? 
_refine.pdbx_starting_model                      2DX8 
_refine.pdbx_method_to_determine_struct          'MOLECULAR REPLACEMENT' 
_refine.pdbx_isotropic_thermal_model             RESTRAINED 
_refine.pdbx_stereochemistry_target_values       'Engh & Huber' 
_refine.pdbx_stereochem_target_val_spec_case     ? 
_refine.pdbx_R_Free_selection_details            RANDOM 
_refine.pdbx_overall_ESU_R                       ? 
_refine.pdbx_overall_ESU_R_Free                  ? 
_refine.overall_SU_ML                            ? 
_refine.overall_SU_B                             ? 
_refine.ls_redundancy_reflns_obs                 ? 
_refine.B_iso_min                                ? 
_refine.B_iso_max                                ? 
_refine.overall_SU_R_Cruickshank_DPI             ? 
_refine.overall_SU_R_free                        ? 
_refine.ls_wR_factor_R_free                      ? 
_refine.ls_wR_factor_R_work                      ? 
_refine.overall_FOM_free_R_set                   ? 
_refine.overall_FOM_work_R_set                   ? 
_refine.pdbx_overall_phase_error                 ? 
_refine.pdbx_refine_id                           'X-RAY DIFFRACTION' 
_refine.pdbx_diffrn_id                           1 
_refine.pdbx_TLS_residual_ADP_flag               ? 
_refine.pdbx_overall_SU_R_free_Cruickshank_DPI   ? 
_refine.pdbx_overall_SU_R_Blow_DPI               ? 
_refine.pdbx_overall_SU_R_free_Blow_DPI          ? 
# 
_refine_analyze.entry_id                        2YYR 
_refine_analyze.Luzzati_coordinate_error_obs    0.29 
_refine_analyze.Luzzati_sigma_a_obs             0.26 
_refine_analyze.Luzzati_d_res_low_obs           5.00 
_refine_analyze.Luzzati_coordinate_error_free   0.34 
_refine_analyze.Luzzati_sigma_a_free            0.37 
_refine_analyze.Luzzati_d_res_low_free          ? 
_refine_analyze.number_disordered_residues      ? 
_refine_analyze.occupancy_sum_hydrogen          ? 
_refine_analyze.occupancy_sum_non_hydrogen      ? 
_refine_analyze.pdbx_Luzzati_d_res_high_obs     ? 
_refine_analyze.pdbx_refine_id                  'X-RAY DIFFRACTION' 
# 
_refine_hist.pdbx_refine_id                   'X-RAY DIFFRACTION' 
_refine_hist.cycle_id                         LAST 
_refine_hist.pdbx_number_atoms_protein        951 
_refine_hist.pdbx_number_atoms_nucleic_acid   0 
_refine_hist.pdbx_number_atoms_ligand         4 
_refine_hist.number_atoms_solvent             60 
_refine_hist.number_atoms_total               1015 
_refine_hist.d_res_high                       2.50 
_refine_hist.d_res_low                        19.43 
# 
loop_
_refine_ls_restr.type 
_refine_ls_restr.dev_ideal 
_refine_ls_restr.dev_ideal_target 
_refine_ls_restr.weight 
_refine_ls_restr.number 
_refine_ls_restr.pdbx_refine_id 
_refine_ls_restr.pdbx_restraint_function 
c_bond_d           0.006 ? ? ? 'X-RAY DIFFRACTION' ? 
c_angle_deg        1.2   ? ? ? 'X-RAY DIFFRACTION' ? 
c_dihedral_angle_d 22.8  ? ? ? 'X-RAY DIFFRACTION' ? 
c_improper_angle_d 1.04  ? ? ? 'X-RAY DIFFRACTION' ? 
# 
_refine_ls_shell.pdbx_total_number_of_bins_used   6 
_refine_ls_shell.d_res_high                       2.50 
_refine_ls_shell.d_res_low                        2.66 
_refine_ls_shell.number_reflns_R_work             805 
_refine_ls_shell.R_factor_R_work                  0.268 
_refine_ls_shell.percent_reflns_obs               87.2 
_refine_ls_shell.R_factor_R_free                  0.382 
_refine_ls_shell.R_factor_R_free_error            0.041 
_refine_ls_shell.percent_reflns_R_free            9.7 
_refine_ls_shell.number_reflns_R_free             86 
_refine_ls_shell.number_reflns_all                ? 
_refine_ls_shell.R_factor_all                     ? 
_refine_ls_shell.number_reflns_obs                ? 
_refine_ls_shell.redundancy_reflns_obs            ? 
_refine_ls_shell.pdbx_refine_id                   'X-RAY DIFFRACTION' 
# 
loop_
_pdbx_xplor_file.serial_no 
_pdbx_xplor_file.param_file 
_pdbx_xplor_file.topol_file 
_pdbx_xplor_file.pdbx_refine_id 
1 protein.param protein.top 'X-RAY DIFFRACTION' 
2 water.param   water.top   'X-RAY DIFFRACTION' 
3 ion.param     ion.top     'X-RAY DIFFRACTION' 
# 
_struct.entry_id                  2YYR 
_struct.title                     'Structural analysis of PHD domain of Pygopus complexed with trimethylated histone H3 peptide' 
_struct.pdbx_model_details        ? 
_struct.pdbx_CASP_flag            ? 
_struct.pdbx_model_type_details   ? 
# 
_struct_keywords.entry_id        2YYR 
_struct_keywords.pdbx_keywords   'METAL BINDING PROTEIN' 
_struct_keywords.text            
;PHD finger, Bcl9/Lgs interactor, histone recognition, Structural Genomics, NPPSFA, National Project on Protein Structural and Functional Analyses, RIKEN Structural Genomics/Proteomics Initiative, RSGI, METAL BINDING PROTEIN
;
# 
loop_
_struct_asym.id 
_struct_asym.pdbx_blank_PDB_chainid_flag 
_struct_asym.pdbx_modified 
_struct_asym.entity_id 
_struct_asym.details 
A N N 1 ? 
B N N 1 ? 
C N N 2 ? 
D N N 3 ? 
E N N 3 ? 
F N N 3 ? 
G N N 3 ? 
H N N 4 ? 
I N N 4 ? 
J N N 4 ? 
# 
_struct_biol.id        1 
_struct_biol.details   ? 
# 
loop_
_struct_conf.conf_type_id 
_struct_conf.id 
_struct_conf.pdbx_PDB_helix_id 
_struct_conf.beg_label_comp_id 
_struct_conf.beg_label_asym_id 
_struct_conf.beg_label_seq_id 
_struct_conf.pdbx_beg_PDB_ins_code 
_struct_conf.end_label_comp_id 
_struct_conf.end_label_asym_id 
_struct_conf.end_label_seq_id 
_struct_conf.pdbx_end_PDB_ins_code 
_struct_conf.beg_auth_comp_id 
_struct_conf.beg_auth_asym_id 
_struct_conf.beg_auth_seq_id 
_struct_conf.end_auth_comp_id 
_struct_conf.end_auth_asym_id 
_struct_conf.end_auth_seq_id 
_struct_conf.pdbx_PDB_helix_class 
_struct_conf.details 
_struct_conf.pdbx_PDB_helix_length 
HELX_P HELX_P1 1 ARG A 38 ? GLY A 42 ? ARG A 367 GLY A 371 1 ? 5  
HELX_P HELX_P2 2 THR A 44 ? GLU A 54 ? THR A 373 GLU A 383 1 ? 11 
HELX_P HELX_P3 3 CYS A 61 ? ALA A 66 ? CYS A 390 ALA A 395 1 ? 6  
HELX_P HELX_P4 4 ARG B 38 ? GLY B 42 ? ARG B 367 GLY B 371 1 ? 5  
HELX_P HELX_P5 5 THR B 44 ? GLU B 54 ? THR B 373 GLU B 383 1 ? 11 
HELX_P HELX_P6 6 CYS B 61 ? ALA B 66 ? CYS B 390 ALA B 395 1 ? 6  
# 
_struct_conf_type.id          HELX_P 
_struct_conf_type.criteria    ? 
_struct_conf_type.reference   ? 
# 
loop_
_struct_conn.id 
_struct_conn.conn_type_id 
_struct_conn.pdbx_leaving_atom_flag 
_struct_conn.pdbx_PDB_id 
_struct_conn.ptnr1_label_asym_id 
_struct_conn.ptnr1_label_comp_id 
_struct_conn.ptnr1_label_seq_id 
_struct_conn.ptnr1_label_atom_id 
_struct_conn.pdbx_ptnr1_label_alt_id 
_struct_conn.pdbx_ptnr1_PDB_ins_code 
_struct_conn.pdbx_ptnr1_standard_comp_id 
_struct_conn.ptnr1_symmetry 
_struct_conn.ptnr2_label_asym_id 
_struct_conn.ptnr2_label_comp_id 
_struct_conn.ptnr2_label_seq_id 
_struct_conn.ptnr2_label_atom_id 
_struct_conn.pdbx_ptnr2_label_alt_id 
_struct_conn.pdbx_ptnr2_PDB_ins_code 
_struct_conn.ptnr1_auth_asym_id 
_struct_conn.ptnr1_auth_comp_id 
_struct_conn.ptnr1_auth_seq_id 
_struct_conn.ptnr2_auth_asym_id 
_struct_conn.ptnr2_auth_comp_id 
_struct_conn.ptnr2_auth_seq_id 
_struct_conn.ptnr2_symmetry 
_struct_conn.pdbx_ptnr3_label_atom_id 
_struct_conn.pdbx_ptnr3_label_seq_id 
_struct_conn.pdbx_ptnr3_label_comp_id 
_struct_conn.pdbx_ptnr3_label_asym_id 
_struct_conn.pdbx_ptnr3_label_alt_id 
_struct_conn.pdbx_ptnr3_PDB_ins_code 
_struct_conn.details 
_struct_conn.pdbx_dist_value 
_struct_conn.pdbx_value_order 
_struct_conn.pdbx_role 
metalc1  metalc ? ? A CYS 12 SG  ? ? ? 1_555 D ZN . ZN ? ? A CYS 341 A ZN 401 1_555 ? ? ? ? ? ? ? 2.342 ? ? 
metalc2  metalc ? ? A CYS 15 SG  ? ? ? 1_555 D ZN . ZN ? ? A CYS 344 A ZN 401 1_555 ? ? ? ? ? ? ? 2.447 ? ? 
metalc3  metalc ? ? A CYS 28 SG  ? ? ? 1_555 E ZN . ZN ? ? A CYS 357 A ZN 402 1_555 ? ? ? ? ? ? ? 2.374 ? ? 
metalc4  metalc ? ? A CYS 32 SG  ? ? ? 1_555 E ZN . ZN ? ? A CYS 361 A ZN 402 1_555 ? ? ? ? ? ? ? 2.236 ? ? 
metalc5  metalc ? ? A HIS 37 ND1 ? ? ? 1_555 D ZN . ZN ? ? A HIS 366 A ZN 401 1_555 ? ? ? ? ? ? ? 2.123 ? ? 
metalc6  metalc ? ? A CYS 40 SG  ? ? ? 1_555 D ZN . ZN ? ? A CYS 369 A ZN 401 1_555 ? ? ? ? ? ? ? 2.239 ? ? 
metalc7  metalc ? ? A CYS 61 SG  ? ? ? 1_555 E ZN . ZN ? ? A CYS 390 A ZN 402 1_555 ? ? ? ? ? ? ? 2.238 ? ? 
metalc8  metalc ? ? A CYS 64 SG  ? ? ? 1_555 E ZN . ZN ? ? A CYS 393 A ZN 402 1_555 ? ? ? ? ? ? ? 2.325 ? ? 
metalc9  metalc ? ? B CYS 12 SG  ? ? ? 1_555 F ZN . ZN ? ? B CYS 341 B ZN 403 1_555 ? ? ? ? ? ? ? 2.351 ? ? 
metalc10 metalc ? ? B CYS 15 SG  ? ? ? 1_555 F ZN . ZN ? ? B CYS 344 B ZN 403 1_555 ? ? ? ? ? ? ? 2.406 ? ? 
metalc11 metalc ? ? B CYS 28 SG  ? ? ? 1_555 G ZN . ZN ? ? B CYS 357 B ZN 404 1_555 ? ? ? ? ? ? ? 2.360 ? ? 
metalc12 metalc ? ? B CYS 32 SG  ? ? ? 1_555 G ZN . ZN ? ? B CYS 361 B ZN 404 1_555 ? ? ? ? ? ? ? 2.289 ? ? 
metalc13 metalc ? ? B HIS 37 ND1 ? ? ? 1_555 F ZN . ZN ? ? B HIS 366 B ZN 403 1_555 ? ? ? ? ? ? ? 2.237 ? ? 
metalc14 metalc ? ? B CYS 40 SG  ? ? ? 1_555 F ZN . ZN ? ? B CYS 369 B ZN 403 1_555 ? ? ? ? ? ? ? 2.273 ? ? 
metalc15 metalc ? ? B CYS 61 SG  ? ? ? 1_555 G ZN . ZN ? ? B CYS 390 B ZN 404 1_555 ? ? ? ? ? ? ? 2.246 ? ? 
metalc16 metalc ? ? B CYS 64 SG  ? ? ? 1_555 G ZN . ZN ? ? B CYS 393 B ZN 404 1_555 ? ? ? ? ? ? ? 2.348 ? ? 
# 
_struct_conn_type.id          metalc 
_struct_conn_type.criteria    ? 
_struct_conn_type.reference   ? 
# 
loop_
_struct_sheet.id 
_struct_sheet.type 
_struct_sheet.number_strands 
_struct_sheet.details 
A ? 2 ? 
B ? 2 ? 
C ? 2 ? 
# 
loop_
_struct_sheet_order.sheet_id 
_struct_sheet_order.range_id_1 
_struct_sheet_order.range_id_2 
_struct_sheet_order.offset 
_struct_sheet_order.sense 
A 1 2 ? anti-parallel 
B 1 2 ? anti-parallel 
C 1 2 ? anti-parallel 
# 
loop_
_struct_sheet_range.sheet_id 
_struct_sheet_range.id 
_struct_sheet_range.beg_label_comp_id 
_struct_sheet_range.beg_label_asym_id 
_struct_sheet_range.beg_label_seq_id 
_struct_sheet_range.pdbx_beg_PDB_ins_code 
_struct_sheet_range.end_label_comp_id 
_struct_sheet_range.end_label_asym_id 
_struct_sheet_range.end_label_seq_id 
_struct_sheet_range.pdbx_end_PDB_ins_code 
_struct_sheet_range.beg_auth_comp_id 
_struct_sheet_range.beg_auth_asym_id 
_struct_sheet_range.beg_auth_seq_id 
_struct_sheet_range.end_auth_comp_id 
_struct_sheet_range.end_auth_asym_id 
_struct_sheet_range.end_auth_seq_id 
A 1 ALA A 25 ? LEU A 27 ? ALA A 354 LEU A 356 
A 2 TRP A 35 ? HIS A 37 ? TRP A 364 HIS A 366 
B 1 ALA A 57 ? TRP A 59 ? ALA A 386 TRP A 388 
B 2 ALA B 57 ? TRP B 59 ? ALA B 386 TRP B 388 
C 1 ALA B 25 ? LEU B 27 ? ALA B 354 LEU B 356 
C 2 TRP B 35 ? HIS B 37 ? TRP B 364 HIS B 366 
# 
loop_
_pdbx_struct_sheet_hbond.sheet_id 
_pdbx_struct_sheet_hbond.range_id_1 
_pdbx_struct_sheet_hbond.range_id_2 
_pdbx_struct_sheet_hbond.range_1_label_atom_id 
_pdbx_struct_sheet_hbond.range_1_label_comp_id 
_pdbx_struct_sheet_hbond.range_1_label_asym_id 
_pdbx_struct_sheet_hbond.range_1_label_seq_id 
_pdbx_struct_sheet_hbond.range_1_PDB_ins_code 
_pdbx_struct_sheet_hbond.range_1_auth_atom_id 
_pdbx_struct_sheet_hbond.range_1_auth_comp_id 
_pdbx_struct_sheet_hbond.range_1_auth_asym_id 
_pdbx_struct_sheet_hbond.range_1_auth_seq_id 
_pdbx_struct_sheet_hbond.range_2_label_atom_id 
_pdbx_struct_sheet_hbond.range_2_label_comp_id 
_pdbx_struct_sheet_hbond.range_2_label_asym_id 
_pdbx_struct_sheet_hbond.range_2_label_seq_id 
_pdbx_struct_sheet_hbond.range_2_PDB_ins_code 
_pdbx_struct_sheet_hbond.range_2_auth_atom_id 
_pdbx_struct_sheet_hbond.range_2_auth_comp_id 
_pdbx_struct_sheet_hbond.range_2_auth_asym_id 
_pdbx_struct_sheet_hbond.range_2_auth_seq_id 
A 1 2 N ILE A 26 ? N ILE A 355 O PHE A 36 ? O PHE A 365 
B 1 2 N VAL A 58 ? N VAL A 387 O VAL B 58 ? O VAL B 387 
C 1 2 N ILE B 26 ? N ILE B 355 O PHE B 36 ? O PHE B 365 
# 
loop_
_struct_site.id 
_struct_site.pdbx_evidence_code 
_struct_site.pdbx_auth_asym_id 
_struct_site.pdbx_auth_comp_id 
_struct_site.pdbx_auth_seq_id 
_struct_site.pdbx_auth_ins_code 
_struct_site.pdbx_num_residues 
_struct_site.details 
AC1 Software A ZN 401 ? 4 'BINDING SITE FOR RESIDUE ZN A 401' 
AC2 Software A ZN 402 ? 4 'BINDING SITE FOR RESIDUE ZN A 402' 
AC3 Software B ZN 403 ? 4 'BINDING SITE FOR RESIDUE ZN B 403' 
AC4 Software B ZN 404 ? 4 'BINDING SITE FOR RESIDUE ZN B 404' 
# 
loop_
_struct_site_gen.id 
_struct_site_gen.site_id 
_struct_site_gen.pdbx_num_res 
_struct_site_gen.label_comp_id 
_struct_site_gen.label_asym_id 
_struct_site_gen.label_seq_id 
_struct_site_gen.pdbx_auth_ins_code 
_struct_site_gen.auth_comp_id 
_struct_site_gen.auth_asym_id 
_struct_site_gen.auth_seq_id 
_struct_site_gen.label_atom_id 
_struct_site_gen.label_alt_id 
_struct_site_gen.symmetry 
_struct_site_gen.details 
1  AC1 4 CYS A 12 ? CYS A 341 . ? 1_555 ? 
2  AC1 4 CYS A 15 ? CYS A 344 . ? 1_555 ? 
3  AC1 4 HIS A 37 ? HIS A 366 . ? 1_555 ? 
4  AC1 4 CYS A 40 ? CYS A 369 . ? 1_555 ? 
5  AC2 4 CYS A 28 ? CYS A 357 . ? 1_555 ? 
6  AC2 4 CYS A 32 ? CYS A 361 . ? 1_555 ? 
7  AC2 4 CYS A 61 ? CYS A 390 . ? 1_555 ? 
8  AC2 4 CYS A 64 ? CYS A 393 . ? 1_555 ? 
9  AC3 4 CYS B 12 ? CYS B 341 . ? 1_555 ? 
10 AC3 4 CYS B 15 ? CYS B 344 . ? 1_555 ? 
11 AC3 4 HIS B 37 ? HIS B 366 . ? 1_555 ? 
12 AC3 4 CYS B 40 ? CYS B 369 . ? 1_555 ? 
13 AC4 4 CYS B 28 ? CYS B 357 . ? 1_555 ? 
14 AC4 4 CYS B 32 ? CYS B 361 . ? 1_555 ? 
15 AC4 4 CYS B 61 ? CYS B 390 . ? 1_555 ? 
16 AC4 4 CYS B 64 ? CYS B 393 . ? 1_555 ? 
# 
_atom_sites.entry_id                    2YYR 
_atom_sites.fract_transf_matrix[1][1]   -0.01030871 
_atom_sites.fract_transf_matrix[1][2]   -0.00311046 
_atom_sites.fract_transf_matrix[1][3]   -0.01289817 
_atom_sites.fract_transf_matrix[2][1]   -0.00668766 
_atom_sites.fract_transf_matrix[2][2]   -0.01288894 
_atom_sites.fract_transf_matrix[2][3]   0.00845327 
_atom_sites.fract_transf_matrix[3][1]   -0.00711544 
_atom_sites.fract_transf_matrix[3][2]   0.00640824 
_atom_sites.fract_transf_matrix[3][3]   0.00414156 
_atom_sites.fract_transf_vector[1]      0.503406 
_atom_sites.fract_transf_vector[2]      0.066879 
_atom_sites.fract_transf_vector[3]      0.019231 
# 
loop_
_atom_type.symbol 
C  
N  
O  
S  
SE 
ZN 
# 
loop_
_atom_site.group_PDB 
_atom_site.id 
_atom_site.type_symbol 
_atom_site.label_atom_id 
_atom_site.label_alt_id 
_atom_site.label_comp_id 
_atom_site.label_asym_id 
_atom_site.label_entity_id 
_atom_site.label_seq_id 
_atom_site.pdbx_PDB_ins_code 
_atom_site.Cartn_x 
_atom_site.Cartn_y 
_atom_site.Cartn_z 
_atom_site.occupancy 
_atom_site.B_iso_or_equiv 
_atom_site.pdbx_formal_charge 
_atom_site.auth_seq_id 
_atom_site.auth_comp_id 
_atom_site.auth_asym_id 
_atom_site.auth_atom_id 
_atom_site.pdbx_PDB_model_num 
ATOM   1    N  N   . PRO A 1 8  ? -5.497  -24.606 6.477   1.00 70.76 ? 337 PRO A N   1 
ATOM   2    C  CA  . PRO A 1 8  ? -5.934  -24.634 7.891   1.00 70.61 ? 337 PRO A CA  1 
ATOM   3    C  C   . PRO A 1 8  ? -5.157  -23.657 8.769   1.00 69.68 ? 337 PRO A C   1 
ATOM   4    O  O   . PRO A 1 8  ? -5.758  -22.920 9.557   1.00 70.49 ? 337 PRO A O   1 
ATOM   5    C  CB  . PRO A 1 8  ? -5.744  -26.064 8.382   1.00 71.58 ? 337 PRO A CB  1 
ATOM   6    C  CG  . PRO A 1 8  ? -5.891  -26.841 7.088   1.00 72.78 ? 337 PRO A CG  1 
ATOM   7    C  CD  . PRO A 1 8  ? -5.177  -25.973 6.034   1.00 72.32 ? 337 PRO A CD  1 
ATOM   8    N  N   . VAL A 1 9  ? -3.828  -23.660 8.642   1.00 66.73 ? 338 VAL A N   1 
ATOM   9    C  CA  . VAL A 1 9  ? -2.978  -22.767 9.433   1.00 64.36 ? 338 VAL A CA  1 
ATOM   10   C  C   . VAL A 1 9  ? -3.031  -21.320 8.942   1.00 60.97 ? 338 VAL A C   1 
ATOM   11   O  O   . VAL A 1 9  ? -3.120  -20.386 9.746   1.00 60.51 ? 338 VAL A O   1 
ATOM   12   C  CB  . VAL A 1 9  ? -1.506  -23.262 9.489   1.00 65.69 ? 338 VAL A CB  1 
ATOM   13   C  CG1 . VAL A 1 9  ? -1.422  -24.556 10.281  1.00 65.83 ? 338 VAL A CG1 1 
ATOM   14   C  CG2 . VAL A 1 9  ? -0.954  -23.475 8.092   1.00 67.02 ? 338 VAL A CG2 1 
ATOM   15   N  N   . TYR A 1 10 ? -2.990  -21.142 7.624   1.00 57.11 ? 339 TYR A N   1 
ATOM   16   C  CA  . TYR A 1 10 ? -3.054  -19.818 7.007   1.00 52.55 ? 339 TYR A CA  1 
ATOM   17   C  C   . TYR A 1 10 ? -4.123  -19.831 5.918   1.00 49.64 ? 339 TYR A C   1 
ATOM   18   O  O   . TYR A 1 10 ? -3.818  -19.843 4.725   1.00 49.72 ? 339 TYR A O   1 
ATOM   19   C  CB  . TYR A 1 10 ? -1.699  -19.430 6.417   1.00 52.42 ? 339 TYR A CB  1 
ATOM   20   C  CG  . TYR A 1 10 ? -0.627  -19.209 7.455   1.00 54.84 ? 339 TYR A CG  1 
ATOM   21   C  CD1 . TYR A 1 10 ? 0.448   -20.092 7.577   1.00 56.56 ? 339 TYR A CD1 1 
ATOM   22   C  CD2 . TYR A 1 10 ? -0.686  -18.118 8.324   1.00 55.16 ? 339 TYR A CD2 1 
ATOM   23   C  CE1 . TYR A 1 10 ? 1.440   -19.892 8.540   1.00 56.57 ? 339 TYR A CE1 1 
ATOM   24   C  CE2 . TYR A 1 10 ? 0.296   -17.914 9.290   1.00 55.63 ? 339 TYR A CE2 1 
ATOM   25   C  CZ  . TYR A 1 10 ? 1.356   -18.804 9.391   1.00 56.86 ? 339 TYR A CZ  1 
ATOM   26   O  OH  . TYR A 1 10 ? 2.326   -18.607 10.346  1.00 59.59 ? 339 TYR A OH  1 
ATOM   27   N  N   . PRO A 1 11 ? -5.402  -19.842 6.324   1.00 46.38 ? 340 PRO A N   1 
ATOM   28   C  CA  . PRO A 1 11 ? -6.534  -19.859 5.397   1.00 44.19 ? 340 PRO A CA  1 
ATOM   29   C  C   . PRO A 1 11 ? -6.639  -18.558 4.605   1.00 41.73 ? 340 PRO A C   1 
ATOM   30   O  O   . PRO A 1 11 ? -6.570  -17.470 5.180   1.00 42.07 ? 340 PRO A O   1 
ATOM   31   C  CB  . PRO A 1 11 ? -7.740  -20.004 6.334   1.00 44.36 ? 340 PRO A CB  1 
ATOM   32   C  CG  . PRO A 1 11 ? -7.162  -20.543 7.603   1.00 44.84 ? 340 PRO A CG  1 
ATOM   33   C  CD  . PRO A 1 11 ? -5.879  -19.808 7.715   1.00 45.46 ? 340 PRO A CD  1 
ATOM   34   N  N   . CYS A 1 12 ? -6.798  -18.673 3.290   1.00 37.51 ? 341 CYS A N   1 
ATOM   35   C  CA  . CYS A 1 12 ? -6.945  -17.502 2.439   1.00 33.63 ? 341 CYS A CA  1 
ATOM   36   C  C   . CYS A 1 12 ? -8.279  -16.867 2.797   1.00 31.87 ? 341 CYS A C   1 
ATOM   37   O  O   . CYS A 1 12 ? -9.284  -17.560 2.904   1.00 32.56 ? 341 CYS A O   1 
ATOM   38   C  CB  . CYS A 1 12 ? -6.935  -17.913 0.966   1.00 33.34 ? 341 CYS A CB  1 
ATOM   39   S  SG  . CYS A 1 12 ? -7.340  -16.590 -0.200  1.00 31.84 ? 341 CYS A SG  1 
ATOM   40   N  N   . GLY A 1 13 ? -8.282  -15.554 3.005   1.00 32.52 ? 342 GLY A N   1 
ATOM   41   C  CA  . GLY A 1 13 ? -9.504  -14.854 3.366   1.00 31.75 ? 342 GLY A CA  1 
ATOM   42   C  C   . GLY A 1 13 ? -10.631 -14.903 2.348   1.00 33.83 ? 342 GLY A C   1 
ATOM   43   O  O   . GLY A 1 13 ? -11.746 -14.460 2.638   1.00 35.33 ? 342 GLY A O   1 
ATOM   44   N  N   . ILE A 1 14 ? -10.351 -15.421 1.154   1.00 33.09 ? 343 ILE A N   1 
ATOM   45   C  CA  . ILE A 1 14 ? -11.362 -15.513 0.109   1.00 32.91 ? 343 ILE A CA  1 
ATOM   46   C  C   . ILE A 1 14 ? -11.752 -16.961 -0.208  1.00 34.19 ? 343 ILE A C   1 
ATOM   47   O  O   . ILE A 1 14 ? -12.913 -17.349 -0.035  1.00 33.40 ? 343 ILE A O   1 
ATOM   48   C  CB  . ILE A 1 14 ? -10.903 -14.775 -1.175  1.00 32.38 ? 343 ILE A CB  1 
ATOM   49   C  CG1 . ILE A 1 14 ? -10.831 -13.269 -0.902  1.00 31.83 ? 343 ILE A CG1 1 
ATOM   50   C  CG2 . ILE A 1 14 ? -11.845 -15.071 -2.342  1.00 27.88 ? 343 ILE A CG2 1 
ATOM   51   C  CD1 . ILE A 1 14 ? -10.215 -12.453 -2.009  1.00 28.07 ? 343 ILE A CD1 1 
ATOM   52   N  N   . CYS A 1 15 ? -10.782 -17.766 -0.634  1.00 33.20 ? 344 CYS A N   1 
ATOM   53   C  CA  . CYS A 1 15 ? -11.051 -19.158 -0.984  1.00 33.43 ? 344 CYS A CA  1 
ATOM   54   C  C   . CYS A 1 15 ? -10.969 -20.137 0.190   1.00 34.25 ? 344 CYS A C   1 
ATOM   55   O  O   . CYS A 1 15 ? -11.321 -21.306 0.041   1.00 34.36 ? 344 CYS A O   1 
ATOM   56   C  CB  . CYS A 1 15 ? -10.090 -19.616 -2.077  1.00 31.83 ? 344 CYS A CB  1 
ATOM   57   S  SG  . CYS A 1 15 ? -8.466  -20.044 -1.442  1.00 31.87 ? 344 CYS A SG  1 
ATOM   58   N  N   . THR A 1 16 ? -10.476 -19.663 1.336   1.00 34.63 ? 345 THR A N   1 
ATOM   59   C  CA  . THR A 1 16 ? -10.319 -20.462 2.564   1.00 34.13 ? 345 THR A CA  1 
ATOM   60   C  C   . THR A 1 16 ? -9.259  -21.555 2.469   1.00 35.55 ? 345 THR A C   1 
ATOM   61   O  O   . THR A 1 16 ? -9.020  -22.276 3.434   1.00 37.59 ? 345 THR A O   1 
ATOM   62   C  CB  . THR A 1 16 ? -11.656 -21.107 3.064   1.00 33.96 ? 345 THR A CB  1 
ATOM   63   O  OG1 . THR A 1 16 ? -11.952 -22.282 2.297   1.00 34.15 ? 345 THR A OG1 1 
ATOM   64   C  CG2 . THR A 1 16 ? -12.825 -20.119 2.963   1.00 28.14 ? 345 THR A CG2 1 
ATOM   65   N  N   . ASN A 1 17 ? -8.633  -21.689 1.305   1.00 37.40 ? 346 ASN A N   1 
ATOM   66   C  CA  . ASN A 1 17 ? -7.595  -22.695 1.112   1.00 39.55 ? 346 ASN A CA  1 
ATOM   67   C  C   . ASN A 1 17 ? -6.260  -22.231 1.703   1.00 41.87 ? 346 ASN A C   1 
ATOM   68   O  O   . ASN A 1 17 ? -6.057  -21.041 1.964   1.00 40.93 ? 346 ASN A O   1 
ATOM   69   C  CB  . ASN A 1 17 ? -7.438  -23.026 -0.376  1.00 39.70 ? 346 ASN A CB  1 
ATOM   70   C  CG  . ASN A 1 17 ? -8.709  -23.591 -0.986  1.00 40.26 ? 346 ASN A CG  1 
ATOM   71   O  OD1 . ASN A 1 17 ? -9.349  -24.473 -0.411  1.00 40.13 ? 346 ASN A OD1 1 
ATOM   72   N  ND2 . ASN A 1 17 ? -9.084  -23.082 -2.156  1.00 41.42 ? 346 ASN A ND2 1 
ATOM   73   N  N   . GLU A 1 18 ? -5.352  -23.181 1.892   1.00 44.39 ? 347 GLU A N   1 
ATOM   74   C  CA  . GLU A 1 18 ? -4.035  -22.924 2.465   1.00 47.78 ? 347 GLU A CA  1 
ATOM   75   C  C   . GLU A 1 18 ? -3.169  -21.967 1.654   1.00 47.87 ? 347 GLU A C   1 
ATOM   76   O  O   . GLU A 1 18 ? -3.080  -22.077 0.431   1.00 49.11 ? 347 GLU A O   1 
ATOM   77   C  CB  . GLU A 1 18 ? -3.281  -24.248 2.622   1.00 51.10 ? 347 GLU A CB  1 
ATOM   78   C  CG  . GLU A 1 18 ? -2.743  -24.516 4.017   1.00 59.46 ? 347 GLU A CG  1 
ATOM   79   C  CD  . GLU A 1 18 ? -1.656  -23.546 4.437   1.00 63.35 ? 347 GLU A CD  1 
ATOM   80   O  OE1 . GLU A 1 18 ? -1.950  -22.627 5.237   1.00 63.92 ? 347 GLU A OE1 1 
ATOM   81   O  OE2 . GLU A 1 18 ? -0.505  -23.710 3.974   1.00 66.03 ? 347 GLU A OE2 1 
ATOM   82   N  N   . VAL A 1 19 ? -2.539  -21.023 2.346   1.00 47.06 ? 348 VAL A N   1 
ATOM   83   C  CA  . VAL A 1 19 ? -1.635  -20.078 1.701   1.00 46.68 ? 348 VAL A CA  1 
ATOM   84   C  C   . VAL A 1 19 ? -0.211  -20.575 1.965   1.00 47.67 ? 348 VAL A C   1 
ATOM   85   O  O   . VAL A 1 19 ? 0.301   -20.454 3.078   1.00 46.15 ? 348 VAL A O   1 
ATOM   86   C  CB  . VAL A 1 19 ? -1.815  -18.644 2.245   1.00 44.28 ? 348 VAL A CB  1 
ATOM   87   C  CG1 . VAL A 1 19 ? -0.765  -17.728 1.663   1.00 40.87 ? 348 VAL A CG1 1 
ATOM   88   C  CG2 . VAL A 1 19 ? -3.192  -18.122 1.887   1.00 43.68 ? 348 VAL A CG2 1 
ATOM   89   N  N   . ASN A 1 20 ? 0.393   -21.178 0.942   1.00 49.78 ? 349 ASN A N   1 
ATOM   90   C  CA  . ASN A 1 20 ? 1.748   -21.728 1.023   1.00 52.13 ? 349 ASN A CA  1 
ATOM   91   C  C   . ASN A 1 20 ? 2.835   -20.676 0.819   1.00 52.61 ? 349 ASN A C   1 
ATOM   92   O  O   . ASN A 1 20 ? 2.558   -19.550 0.404   1.00 52.62 ? 349 ASN A O   1 
ATOM   93   C  CB  . ASN A 1 20 ? 1.938   -22.838 -0.019  1.00 52.48 ? 349 ASN A CB  1 
ATOM   94   C  CG  . ASN A 1 20 ? 0.916   -23.948 0.116   1.00 55.06 ? 349 ASN A CG  1 
ATOM   95   O  OD1 . ASN A 1 20 ? 0.561   -24.353 1.223   1.00 55.27 ? 349 ASN A OD1 1 
ATOM   96   N  ND2 . ASN A 1 20 ? 0.431   -24.446 -1.020  1.00 55.27 ? 349 ASN A ND2 1 
ATOM   97   N  N   . ASP A 1 21 ? 4.078   -21.078 1.072   1.00 52.92 ? 350 ASP A N   1 
ATOM   98   C  CA  . ASP A 1 21 ? 5.233   -20.199 0.925   1.00 52.79 ? 350 ASP A CA  1 
ATOM   99   C  C   . ASP A 1 21 ? 5.614   -19.956 -0.527  1.00 51.57 ? 350 ASP A C   1 
ATOM   100  O  O   . ASP A 1 21 ? 6.209   -18.930 -0.855  1.00 52.02 ? 350 ASP A O   1 
ATOM   101  C  CB  . ASP A 1 21 ? 6.433   -20.766 1.689   1.00 54.45 ? 350 ASP A CB  1 
ATOM   102  C  CG  . ASP A 1 21 ? 6.264   -20.667 3.192   1.00 56.13 ? 350 ASP A CG  1 
ATOM   103  O  OD1 . ASP A 1 21 ? 6.412   -19.553 3.740   1.00 57.77 ? 350 ASP A OD1 1 
ATOM   104  O  OD2 . ASP A 1 21 ? 5.977   -21.700 3.830   1.00 58.56 ? 350 ASP A OD2 1 
ATOM   105  N  N   . ASP A 1 22 ? 5.272   -20.903 -1.394  1.00 50.82 ? 351 ASP A N   1 
ATOM   106  C  CA  . ASP A 1 22 ? 5.584   -20.791 -2.814  1.00 50.31 ? 351 ASP A CA  1 
ATOM   107  C  C   . ASP A 1 22 ? 4.456   -20.165 -3.642  1.00 47.56 ? 351 ASP A C   1 
ATOM   108  O  O   . ASP A 1 22 ? 4.474   -20.222 -4.874  1.00 48.00 ? 351 ASP A O   1 
ATOM   109  C  CB  . ASP A 1 22 ? 5.982   -22.161 -3.383  1.00 54.31 ? 351 ASP A CB  1 
ATOM   110  C  CG  . ASP A 1 22 ? 4.927   -23.231 -3.138  1.00 57.99 ? 351 ASP A CG  1 
ATOM   111  O  OD1 . ASP A 1 22 ? 5.027   -23.942 -2.113  1.00 60.06 ? 351 ASP A OD1 1 
ATOM   112  O  OD2 . ASP A 1 22 ? 4.008   -23.371 -3.978  1.00 60.07 ? 351 ASP A OD2 1 
ATOM   113  N  N   . GLN A 1 23 ? 3.475   -19.577 -2.964  1.00 43.98 ? 352 GLN A N   1 
ATOM   114  C  CA  . GLN A 1 23 ? 2.351   -18.938 -3.647  1.00 41.32 ? 352 GLN A CA  1 
ATOM   115  C  C   . GLN A 1 23 ? 2.386   -17.431 -3.439  1.00 38.65 ? 352 GLN A C   1 
ATOM   116  O  O   . GLN A 1 23 ? 2.904   -16.951 -2.430  1.00 36.97 ? 352 GLN A O   1 
ATOM   117  C  CB  . GLN A 1 23 ? 1.015   -19.470 -3.123  1.00 40.43 ? 352 GLN A CB  1 
ATOM   118  C  CG  . GLN A 1 23 ? 0.785   -20.951 -3.325  1.00 41.55 ? 352 GLN A CG  1 
ATOM   119  C  CD  . GLN A 1 23 ? -0.537  -21.413 -2.739  1.00 42.07 ? 352 GLN A CD  1 
ATOM   120  O  OE1 . GLN A 1 23 ? -0.879  -21.070 -1.607  1.00 41.58 ? 352 GLN A OE1 1 
ATOM   121  N  NE2 . GLN A 1 23 ? -1.287  -22.193 -3.508  1.00 40.01 ? 352 GLN A NE2 1 
ATOM   122  N  N   . ASP A 1 24 ? 1.854   -16.694 -4.412  1.00 36.71 ? 353 ASP A N   1 
ATOM   123  C  CA  . ASP A 1 24 ? 1.782   -15.239 -4.325  1.00 33.52 ? 353 ASP A CA  1 
ATOM   124  C  C   . ASP A 1 24 ? 0.631   -14.920 -3.390  1.00 32.03 ? 353 ASP A C   1 
ATOM   125  O  O   . ASP A 1 24 ? -0.508  -15.291 -3.659  1.00 32.78 ? 353 ASP A O   1 
ATOM   126  C  CB  . ASP A 1 24 ? 1.480   -14.615 -5.692  1.00 33.29 ? 353 ASP A CB  1 
ATOM   127  C  CG  . ASP A 1 24 ? 2.632   -14.730 -6.669  1.00 33.80 ? 353 ASP A CG  1 
ATOM   128  O  OD1 . ASP A 1 24 ? 3.747   -15.119 -6.257  1.00 34.42 ? 353 ASP A OD1 1 
ATOM   129  O  OD2 . ASP A 1 24 ? 2.415   -14.420 -7.862  1.00 31.00 ? 353 ASP A OD2 1 
ATOM   130  N  N   . ALA A 1 25 ? 0.930   -14.269 -2.276  1.00 31.44 ? 354 ALA A N   1 
ATOM   131  C  CA  . ALA A 1 25 ? -0.106  -13.912 -1.323  1.00 30.62 ? 354 ALA A CA  1 
ATOM   132  C  C   . ALA A 1 25 ? 0.248   -12.607 -0.651  1.00 31.56 ? 354 ALA A C   1 
ATOM   133  O  O   . ALA A 1 25 ? 1.420   -12.234 -0.579  1.00 32.43 ? 354 ALA A O   1 
ATOM   134  C  CB  . ALA A 1 25 ? -0.291  -15.000 -0.296  1.00 30.59 ? 354 ALA A CB  1 
ATOM   135  N  N   . ILE A 1 26 ? -0.771  -11.920 -0.154  1.00 30.71 ? 355 ILE A N   1 
ATOM   136  C  CA  . ILE A 1 26 ? -0.577  -10.641 0.494   1.00 30.03 ? 355 ILE A CA  1 
ATOM   137  C  C   . ILE A 1 26 ? -1.389  -10.552 1.781   1.00 31.83 ? 355 ILE A C   1 
ATOM   138  O  O   . ILE A 1 26 ? -2.545  -10.961 1.835   1.00 32.18 ? 355 ILE A O   1 
ATOM   139  C  CB  . ILE A 1 26 ? -0.898  -9.485  -0.498  1.00 29.01 ? 355 ILE A CB  1 
ATOM   140  C  CG1 . ILE A 1 26 ? -0.604  -8.124  0.132   1.00 29.17 ? 355 ILE A CG1 1 
ATOM   141  C  CG2 . ILE A 1 26 ? -2.323  -9.586  -1.009  1.00 26.75 ? 355 ILE A CG2 1 
ATOM   142  C  CD1 . ILE A 1 26 ? -0.447  -7.020  -0.895  1.00 28.60 ? 355 ILE A CD1 1 
ATOM   143  N  N   . LEU A 1 27 ? -0.731  -10.081 2.837   1.00 35.08 ? 356 LEU A N   1 
ATOM   144  C  CA  . LEU A 1 27 ? -1.335  -9.933  4.155   1.00 36.22 ? 356 LEU A CA  1 
ATOM   145  C  C   . LEU A 1 27 ? -2.101  -8.624  4.272   1.00 37.77 ? 356 LEU A C   1 
ATOM   146  O  O   . LEU A 1 27 ? -1.629  -7.581  3.826   1.00 39.48 ? 356 LEU A O   1 
ATOM   147  C  CB  . LEU A 1 27 ? -0.235  -9.975  5.217   1.00 37.47 ? 356 LEU A CB  1 
ATOM   148  C  CG  . LEU A 1 27 ? -0.608  -9.810  6.695   1.00 38.51 ? 356 LEU A CG  1 
ATOM   149  C  CD1 . LEU A 1 27 ? -1.473  -10.967 7.136   1.00 36.85 ? 356 LEU A CD1 1 
ATOM   150  C  CD2 . LEU A 1 27 ? 0.661   -9.759  7.532   1.00 37.26 ? 356 LEU A CD2 1 
ATOM   151  N  N   . CYS A 1 28 ? -3.292  -8.681  4.859   1.00 39.01 ? 357 CYS A N   1 
ATOM   152  C  CA  . CYS A 1 28 ? -4.098  -7.480  5.046   1.00 39.88 ? 357 CYS A CA  1 
ATOM   153  C  C   . CYS A 1 28 ? -3.631  -6.787  6.313   1.00 42.19 ? 357 CYS A C   1 
ATOM   154  O  O   . CYS A 1 28 ? -4.143  -7.048  7.399   1.00 42.77 ? 357 CYS A O   1 
ATOM   155  C  CB  . CYS A 1 28 ? -5.583  -7.824  5.156   1.00 36.61 ? 357 CYS A CB  1 
ATOM   156  S  SG  . CYS A 1 28 ? -6.634  -6.419  5.618   1.00 34.14 ? 357 CYS A SG  1 
ATOM   157  N  N   . GLU A 1 29 ? -2.620  -5.935  6.173   1.00 46.02 ? 358 GLU A N   1 
ATOM   158  C  CA  . GLU A 1 29 ? -2.070  -5.204  7.308   1.00 49.60 ? 358 GLU A CA  1 
ATOM   159  C  C   . GLU A 1 29 ? -2.990  -4.061  7.716   1.00 51.97 ? 358 GLU A C   1 
ATOM   160  O  O   . GLU A 1 29 ? -2.803  -3.444  8.766   1.00 51.15 ? 358 GLU A O   1 
ATOM   161  C  CB  . GLU A 1 29 ? -0.670  -4.682  6.981   1.00 49.58 ? 358 GLU A CB  1 
ATOM   162  C  CG  . GLU A 1 29 ? 0.335   -5.792  6.733   1.00 52.26 ? 358 GLU A CG  1 
ATOM   163  C  CD  . GLU A 1 29 ? 1.728   -5.280  6.416   1.00 54.82 ? 358 GLU A CD  1 
ATOM   164  O  OE1 . GLU A 1 29 ? 1.898   -4.569  5.400   1.00 56.17 ? 358 GLU A OE1 1 
ATOM   165  O  OE2 . GLU A 1 29 ? 2.661   -5.608  7.181   1.00 57.28 ? 358 GLU A OE2 1 
ATOM   166  N  N   . ALA A 1 30 ? -4.006  -3.809  6.893   1.00 54.89 ? 359 ALA A N   1 
ATOM   167  C  CA  . ALA A 1 30 ? -4.965  -2.747  7.164   1.00 57.61 ? 359 ALA A CA  1 
ATOM   168  C  C   . ALA A 1 30 ? -5.809  -3.055  8.396   1.00 58.85 ? 359 ALA A C   1 
ATOM   169  O  O   . ALA A 1 30 ? -6.130  -2.143  9.163   1.00 61.06 ? 359 ALA A O   1 
ATOM   170  C  CB  . ALA A 1 30 ? -5.854  -2.507  5.954   1.00 57.33 ? 359 ALA A CB  1 
ATOM   171  N  N   . SER A 1 31 ? -6.146  -4.329  8.606   1.00 57.85 ? 360 SER A N   1 
ATOM   172  C  CA  . SER A 1 31 ? -6.949  -4.696  9.766   1.00 56.74 ? 360 SER A CA  1 
ATOM   173  C  C   . SER A 1 31 ? -7.005  -6.167  10.172  1.00 56.39 ? 360 SER A C   1 
ATOM   174  O  O   . SER A 1 31 ? -6.384  -6.554  11.164  1.00 56.31 ? 360 SER A O   1 
ATOM   175  C  CB  . SER A 1 31 ? -8.378  -4.163  9.615   1.00 57.74 ? 360 SER A CB  1 
ATOM   176  O  OG  . SER A 1 31 ? -9.168  -4.486  10.750  1.00 58.59 ? 360 SER A OG  1 
ATOM   177  N  N   . CYS A 1 32 ? -7.756  -6.971  9.415   1.00 54.79 ? 361 CYS A N   1 
ATOM   178  C  CA  . CYS A 1 32 ? -7.964  -8.392  9.721   1.00 52.38 ? 361 CYS A CA  1 
ATOM   179  C  C   . CYS A 1 32 ? -6.747  -9.305  9.876   1.00 51.51 ? 361 CYS A C   1 
ATOM   180  O  O   . CYS A 1 32 ? -6.860  -10.398 10.438  1.00 51.38 ? 361 CYS A O   1 
ATOM   181  C  CB  . CYS A 1 32 ? -8.959  -9.014  8.736   1.00 52.12 ? 361 CYS A CB  1 
ATOM   182  S  SG  . CYS A 1 32 ? -8.306  -9.371  7.096   1.00 49.34 ? 361 CYS A SG  1 
ATOM   183  N  N   . GLN A 1 33 ? -5.598  -8.870  9.371   1.00 50.29 ? 362 GLN A N   1 
ATOM   184  C  CA  . GLN A 1 33 ? -4.358  -9.642  9.469   1.00 50.05 ? 362 GLN A CA  1 
ATOM   185  C  C   . GLN A 1 33 ? -4.403  -11.042 8.848   1.00 48.14 ? 362 GLN A C   1 
ATOM   186  O  O   . GLN A 1 33 ? -3.663  -11.936 9.262   1.00 47.52 ? 362 GLN A O   1 
ATOM   187  C  CB  . GLN A 1 33 ? -3.893  -9.734  10.929  1.00 52.85 ? 362 GLN A CB  1 
ATOM   188  C  CG  . GLN A 1 33 ? -3.512  -8.398  11.563  1.00 56.87 ? 362 GLN A CG  1 
ATOM   189  C  CD  . GLN A 1 33 ? -2.363  -7.705  10.845  1.00 58.73 ? 362 GLN A CD  1 
ATOM   190  O  OE1 . GLN A 1 33 ? -1.304  -8.298  10.620  1.00 60.24 ? 362 GLN A OE1 1 
ATOM   191  N  NE2 . GLN A 1 33 ? -2.567  -6.443  10.485  1.00 59.54 ? 362 GLN A NE2 1 
ATOM   192  N  N   . LYS A 1 34 ? -5.272  -11.235 7.861   1.00 46.30 ? 363 LYS A N   1 
ATOM   193  C  CA  . LYS A 1 34 ? -5.367  -12.522 7.181   1.00 45.02 ? 363 LYS A CA  1 
ATOM   194  C  C   . LYS A 1 34 ? -4.648  -12.485 5.833   1.00 42.28 ? 363 LYS A C   1 
ATOM   195  O  O   . LYS A 1 34 ? -4.493  -11.417 5.233   1.00 40.24 ? 363 LYS A O   1 
ATOM   196  C  CB  . LYS A 1 34 ? -6.831  -12.937 6.999   1.00 47.69 ? 363 LYS A CB  1 
ATOM   197  C  CG  . LYS A 1 34 ? -7.453  -13.518 8.265   1.00 52.32 ? 363 LYS A CG  1 
ATOM   198  C  CD  . LYS A 1 34 ? -8.872  -14.026 8.038   1.00 55.06 ? 363 LYS A CD  1 
ATOM   199  C  CE  . LYS A 1 34 ? -9.850  -12.880 7.819   1.00 57.33 ? 363 LYS A CE  1 
ATOM   200  N  NZ  . LYS A 1 34 ? -11.266 -13.347 7.754   1.00 56.60 ? 363 LYS A NZ  1 
ATOM   201  N  N   . TRP A 1 35 ? -4.159  -13.644 5.394   1.00 38.95 ? 364 TRP A N   1 
ATOM   202  C  CA  . TRP A 1 35 ? -3.465  -13.749 4.113   1.00 35.99 ? 364 TRP A CA  1 
ATOM   203  C  C   . TRP A 1 35 ? -4.471  -13.975 2.991   1.00 34.35 ? 364 TRP A C   1 
ATOM   204  O  O   . TRP A 1 35 ? -5.465  -14.677 3.172   1.00 33.75 ? 364 TRP A O   1 
ATOM   205  C  CB  . TRP A 1 35 ? -2.452  -14.892 4.135   1.00 36.34 ? 364 TRP A CB  1 
ATOM   206  C  CG  . TRP A 1 35 ? -1.206  -14.594 4.918   1.00 37.65 ? 364 TRP A CG  1 
ATOM   207  C  CD1 . TRP A 1 35 ? -0.960  -14.916 6.222   1.00 36.60 ? 364 TRP A CD1 1 
ATOM   208  C  CD2 . TRP A 1 35 ? -0.025  -13.936 4.437   1.00 36.97 ? 364 TRP A CD2 1 
ATOM   209  N  NE1 . TRP A 1 35 ? 0.301   -14.503 6.583   1.00 36.43 ? 364 TRP A NE1 1 
ATOM   210  C  CE2 . TRP A 1 35 ? 0.897   -13.898 5.509   1.00 36.09 ? 364 TRP A CE2 1 
ATOM   211  C  CE3 . TRP A 1 35 ? 0.345   -13.377 3.205   1.00 35.74 ? 364 TRP A CE3 1 
ATOM   212  C  CZ2 . TRP A 1 35 ? 2.166   -13.323 5.385   1.00 35.14 ? 364 TRP A CZ2 1 
ATOM   213  C  CZ3 . TRP A 1 35 ? 1.605   -12.807 3.081   1.00 33.98 ? 364 TRP A CZ3 1 
ATOM   214  C  CH2 . TRP A 1 35 ? 2.502   -12.786 4.167   1.00 36.04 ? 364 TRP A CH2 1 
ATOM   215  N  N   . PHE A 1 36 ? -4.220  -13.354 1.844   1.00 31.72 ? 365 PHE A N   1 
ATOM   216  C  CA  . PHE A 1 36 ? -5.100  -13.477 0.688   1.00 29.28 ? 365 PHE A CA  1 
ATOM   217  C  C   . PHE A 1 36 ? -4.286  -13.798 -0.551  1.00 29.32 ? 365 PHE A C   1 
ATOM   218  O  O   . PHE A 1 36 ? -3.347  -13.070 -0.878  1.00 29.32 ? 365 PHE A O   1 
ATOM   219  C  CB  . PHE A 1 36 ? -5.853  -12.165 0.441   1.00 28.65 ? 365 PHE A CB  1 
ATOM   220  C  CG  . PHE A 1 36 ? -6.794  -11.778 1.546   1.00 28.34 ? 365 PHE A CG  1 
ATOM   221  C  CD1 . PHE A 1 36 ? -6.309  -11.284 2.752   1.00 26.90 ? 365 PHE A CD1 1 
ATOM   222  C  CD2 . PHE A 1 36 ? -8.170  -11.899 1.374   1.00 30.58 ? 365 PHE A CD2 1 
ATOM   223  C  CE1 . PHE A 1 36 ? -7.178  -10.917 3.776   1.00 28.48 ? 365 PHE A CE1 1 
ATOM   224  C  CE2 . PHE A 1 36 ? -9.053  -11.534 2.391   1.00 30.62 ? 365 PHE A CE2 1 
ATOM   225  C  CZ  . PHE A 1 36 ? -8.552  -11.041 3.597   1.00 29.93 ? 365 PHE A CZ  1 
ATOM   226  N  N   . HIS A 1 37 ? -4.645  -14.878 -1.243  1.00 28.63 ? 366 HIS A N   1 
ATOM   227  C  CA  . HIS A 1 37 ? -3.940  -15.256 -2.466  1.00 28.01 ? 366 HIS A CA  1 
ATOM   228  C  C   . HIS A 1 37 ? -4.055  -14.097 -3.459  1.00 28.64 ? 366 HIS A C   1 
ATOM   229  O  O   . HIS A 1 37 ? -5.118  -13.469 -3.566  1.00 27.85 ? 366 HIS A O   1 
ATOM   230  C  CB  . HIS A 1 37 ? -4.559  -16.509 -3.089  1.00 27.18 ? 366 HIS A CB  1 
ATOM   231  C  CG  . HIS A 1 37 ? -4.218  -17.785 -2.380  1.00 27.95 ? 366 HIS A CG  1 
ATOM   232  N  ND1 . HIS A 1 37 ? -5.175  -18.611 -1.831  1.00 25.45 ? 366 HIS A ND1 1 
ATOM   233  C  CD2 . HIS A 1 37 ? -3.028  -18.395 -2.161  1.00 28.71 ? 366 HIS A CD2 1 
ATOM   234  C  CE1 . HIS A 1 37 ? -4.591  -19.673 -1.307  1.00 26.88 ? 366 HIS A CE1 1 
ATOM   235  N  NE2 . HIS A 1 37 ? -3.288  -19.567 -1.493  1.00 26.59 ? 366 HIS A NE2 1 
ATOM   236  N  N   . ARG A 1 38 ? -2.962  -13.794 -4.156  1.00 26.45 ? 367 ARG A N   1 
ATOM   237  C  CA  . ARG A 1 38 ? -2.970  -12.711 -5.135  1.00 27.96 ? 367 ARG A CA  1 
ATOM   238  C  C   . ARG A 1 38 ? -4.085  -12.929 -6.164  1.00 29.67 ? 367 ARG A C   1 
ATOM   239  O  O   . ARG A 1 38 ? -4.885  -12.026 -6.436  1.00 30.22 ? 367 ARG A O   1 
ATOM   240  C  CB  . ARG A 1 38 ? -1.619  -12.617 -5.842  1.00 25.39 ? 367 ARG A CB  1 
ATOM   241  C  CG  . ARG A 1 38 ? -1.585  -11.601 -6.965  1.00 24.27 ? 367 ARG A CG  1 
ATOM   242  C  CD  . ARG A 1 38 ? -0.305  -11.700 -7.770  1.00 25.65 ? 367 ARG A CD  1 
ATOM   243  N  NE  . ARG A 1 38 ? -0.125  -13.014 -8.383  1.00 24.92 ? 367 ARG A NE  1 
ATOM   244  C  CZ  . ARG A 1 38 ? -0.739  -13.422 -9.489  1.00 25.27 ? 367 ARG A CZ  1 
ATOM   245  N  NH1 . ARG A 1 38 ? -1.586  -12.621 -10.122 1.00 23.92 ? 367 ARG A NH1 1 
ATOM   246  N  NH2 . ARG A 1 38 ? -0.485  -14.632 -9.977  1.00 27.80 ? 367 ARG A NH2 1 
ATOM   247  N  N   . ILE A 1 39 ? -4.150  -14.148 -6.695  1.00 29.64 ? 368 ILE A N   1 
ATOM   248  C  CA  . ILE A 1 39 ? -5.152  -14.514 -7.686  1.00 31.01 ? 368 ILE A CA  1 
ATOM   249  C  C   . ILE A 1 39 ? -6.574  -14.373 -7.133  1.00 30.85 ? 368 ILE A C   1 
ATOM   250  O  O   . ILE A 1 39 ? -7.467  -13.876 -7.822  1.00 30.82 ? 368 ILE A O   1 
ATOM   251  C  CB  . ILE A 1 39 ? -4.891  -15.952 -8.224  1.00 33.07 ? 368 ILE A CB  1 
ATOM   252  C  CG1 . ILE A 1 39 ? -3.599  -15.963 -9.057  1.00 32.28 ? 368 ILE A CG1 1 
ATOM   253  C  CG2 . ILE A 1 39 ? -6.075  -16.447 -9.065  1.00 32.08 ? 368 ILE A CG2 1 
ATOM   254  C  CD1 . ILE A 1 39 ? -3.070  -17.357 -9.376  1.00 31.78 ? 368 ILE A CD1 1 
ATOM   255  N  N   . CYS A 1 40 ? -6.770  -14.765 -5.879  1.00 30.28 ? 369 CYS A N   1 
ATOM   256  C  CA  . CYS A 1 40 ? -8.083  -14.663 -5.254  1.00 31.48 ? 369 CYS A CA  1 
ATOM   257  C  C   . CYS A 1 40 ? -8.591  -13.224 -5.152  1.00 32.20 ? 369 CYS A C   1 
ATOM   258  O  O   . CYS A 1 40 ? -9.769  -12.968 -5.380  1.00 34.64 ? 369 CYS A O   1 
ATOM   259  C  CB  . CYS A 1 40 ? -8.075  -15.330 -3.876  1.00 32.60 ? 369 CYS A CB  1 
ATOM   260  S  SG  . CYS A 1 40 ? -7.938  -17.137 -3.959  1.00 31.20 ? 369 CYS A SG  1 
ATOM   261  N  N   . THR A 1 41 ? -7.701  -12.285 -4.838  1.00 33.18 ? 370 THR A N   1 
ATOM   262  C  CA  . THR A 1 41 ? -8.071  -10.874 -4.720  1.00 33.35 ? 370 THR A CA  1 
ATOM   263  C  C   . THR A 1 41 ? -8.217  -10.188 -6.081  1.00 32.87 ? 370 THR A C   1 
ATOM   264  O  O   . THR A 1 41 ? -8.727  -9.068  -6.164  1.00 32.60 ? 370 THR A O   1 
ATOM   265  C  CB  . THR A 1 41 ? -7.040  -10.079 -3.882  1.00 34.50 ? 370 THR A CB  1 
ATOM   266  O  OG1 . THR A 1 41 ? -5.755  -10.122 -4.518  1.00 36.03 ? 370 THR A OG1 1 
ATOM   267  C  CG2 . THR A 1 41 ? -6.920  -10.663 -2.505  1.00 35.38 ? 370 THR A CG2 1 
ATOM   268  N  N   . GLY A 1 42 ? -7.770  -10.865 -7.137  1.00 31.89 ? 371 GLY A N   1 
ATOM   269  C  CA  . GLY A 1 42 ? -7.853  -10.306 -8.475  1.00 32.30 ? 371 GLY A CA  1 
ATOM   270  C  C   . GLY A 1 42 ? -6.758  -9.290  -8.745  1.00 33.20 ? 371 GLY A C   1 
ATOM   271  O  O   . GLY A 1 42 ? -6.944  -8.347  -9.514  1.00 35.77 ? 371 GLY A O   1 
HETATM 272  N  N   . MSE A 1 43 ? -5.611  -9.486  -8.107  1.00 32.02 ? 372 MSE A N   1 
HETATM 273  C  CA  . MSE A 1 43 ? -4.474  -8.594  -8.260  1.00 30.54 ? 372 MSE A CA  1 
HETATM 274  C  C   . MSE A 1 43 ? -3.522  -9.121  -9.326  1.00 30.89 ? 372 MSE A C   1 
HETATM 275  O  O   . MSE A 1 43 ? -3.215  -10.315 -9.363  1.00 29.77 ? 372 MSE A O   1 
HETATM 276  C  CB  . MSE A 1 43 ? -3.740  -8.483  -6.928  1.00 32.35 ? 372 MSE A CB  1 
HETATM 277  C  CG  . MSE A 1 43 ? -2.577  -7.519  -6.909  1.00 33.47 ? 372 MSE A CG  1 
HETATM 278  SE SE  . MSE A 1 43 ? -1.731  -7.516  -5.174  1.00 38.49 ? 372 MSE A SE  1 
HETATM 279  C  CE  . MSE A 1 43 ? -3.132  -6.639  -4.173  1.00 35.07 ? 372 MSE A CE  1 
ATOM   280  N  N   . THR A 1 44 ? -3.054  -8.220  -10.185 1.00 29.71 ? 373 THR A N   1 
ATOM   281  C  CA  . THR A 1 44 ? -2.123  -8.576  -11.249 1.00 27.73 ? 373 THR A CA  1 
ATOM   282  C  C   . THR A 1 44 ? -0.725  -8.821  -10.669 1.00 29.13 ? 373 THR A C   1 
ATOM   283  O  O   . THR A 1 44 ? -0.393  -8.322  -9.588  1.00 28.44 ? 373 THR A O   1 
ATOM   284  C  CB  . THR A 1 44 ? -2.023  -7.446  -12.309 1.00 28.86 ? 373 THR A CB  1 
ATOM   285  O  OG1 . THR A 1 44 ? -1.485  -6.262  -11.708 1.00 26.99 ? 373 THR A OG1 1 
ATOM   286  C  CG2 . THR A 1 44 ? -3.392  -7.127  -12.899 1.00 25.83 ? 373 THR A CG2 1 
ATOM   287  N  N   . GLU A 1 45 ? 0.088   -9.593  -11.386 1.00 29.44 ? 374 GLU A N   1 
ATOM   288  C  CA  . GLU A 1 45 ? 1.451   -9.878  -10.951 1.00 30.32 ? 374 GLU A CA  1 
ATOM   289  C  C   . GLU A 1 45 ? 2.258   -8.575  -10.859 1.00 29.10 ? 374 GLU A C   1 
ATOM   290  O  O   . GLU A 1 45 ? 3.136   -8.436  -10.003 1.00 27.02 ? 374 GLU A O   1 
ATOM   291  C  CB  . GLU A 1 45 ? 2.137   -10.860 -11.911 1.00 34.06 ? 374 GLU A CB  1 
ATOM   292  C  CG  . GLU A 1 45 ? 1.500   -12.247 -11.962 1.00 40.14 ? 374 GLU A CG  1 
ATOM   293  C  CD  . GLU A 1 45 ? 2.338   -13.257 -12.732 1.00 44.12 ? 374 GLU A CD  1 
ATOM   294  O  OE1 . GLU A 1 45 ? 3.151   -13.973 -12.105 1.00 46.85 ? 374 GLU A OE1 1 
ATOM   295  O  OE2 . GLU A 1 45 ? 2.187   -13.336 -13.967 1.00 46.25 ? 374 GLU A OE2 1 
ATOM   296  N  N   . THR A 1 46 ? 1.942   -7.619  -11.734 1.00 27.36 ? 375 THR A N   1 
ATOM   297  C  CA  . THR A 1 46 ? 2.626   -6.332  -11.738 1.00 28.95 ? 375 THR A CA  1 
ATOM   298  C  C   . THR A 1 46 ? 2.335   -5.546  -10.463 1.00 29.99 ? 375 THR A C   1 
ATOM   299  O  O   . THR A 1 46 ? 3.256   -5.017  -9.841  1.00 30.46 ? 375 THR A O   1 
ATOM   300  C  CB  . THR A 1 46 ? 2.279   -5.475  -12.984 1.00 28.36 ? 375 THR A CB  1 
ATOM   301  O  OG1 . THR A 1 46 ? 0.863   -5.467  -13.198 1.00 29.89 ? 375 THR A OG1 1 
ATOM   302  C  CG2 . THR A 1 46 ? 2.976   -6.024  -14.215 1.00 29.38 ? 375 THR A CG2 1 
ATOM   303  N  N   . ALA A 1 47 ? 1.063   -5.501  -10.056 1.00 28.36 ? 376 ALA A N   1 
ATOM   304  C  CA  . ALA A 1 47 ? 0.679   -4.799  -8.832  1.00 26.52 ? 376 ALA A CA  1 
ATOM   305  C  C   . ALA A 1 47 ? 1.337   -5.478  -7.631  1.00 25.37 ? 376 ALA A C   1 
ATOM   306  O  O   . ALA A 1 47 ? 1.915   -4.815  -6.772  1.00 24.98 ? 376 ALA A O   1 
ATOM   307  C  CB  . ALA A 1 47 ? -0.839  -4.788  -8.667  1.00 24.82 ? 376 ALA A CB  1 
ATOM   308  N  N   . TYR A 1 48 ? 1.282   -6.807  -7.610  1.00 24.06 ? 377 TYR A N   1 
ATOM   309  C  CA  . TYR A 1 48 ? 1.870   -7.596  -6.530  1.00 24.71 ? 377 TYR A CA  1 
ATOM   310  C  C   . TYR A 1 48 ? 3.366   -7.297  -6.340  1.00 25.82 ? 377 TYR A C   1 
ATOM   311  O  O   . TYR A 1 48 ? 3.815   -7.069  -5.218  1.00 26.60 ? 377 TYR A O   1 
ATOM   312  C  CB  . TYR A 1 48 ? 1.670   -9.084  -6.816  1.00 23.30 ? 377 TYR A CB  1 
ATOM   313  C  CG  . TYR A 1 48 ? 2.197   -10.002 -5.744  1.00 22.84 ? 377 TYR A CG  1 
ATOM   314  C  CD1 . TYR A 1 48 ? 1.578   -10.074 -4.497  1.00 24.55 ? 377 TYR A CD1 1 
ATOM   315  C  CD2 . TYR A 1 48 ? 3.293   -10.831 -5.985  1.00 22.36 ? 377 TYR A CD2 1 
ATOM   316  C  CE1 . TYR A 1 48 ? 2.028   -10.952 -3.516  1.00 23.33 ? 377 TYR A CE1 1 
ATOM   317  C  CE2 . TYR A 1 48 ? 3.754   -11.710 -5.012  1.00 21.94 ? 377 TYR A CE2 1 
ATOM   318  C  CZ  . TYR A 1 48 ? 3.113   -11.768 -3.778  1.00 25.22 ? 377 TYR A CZ  1 
ATOM   319  O  OH  . TYR A 1 48 ? 3.538   -12.662 -2.814  1.00 26.81 ? 377 TYR A OH  1 
ATOM   320  N  N   . GLY A 1 49 ? 4.121   -7.315  -7.437  1.00 24.47 ? 378 GLY A N   1 
ATOM   321  C  CA  . GLY A 1 49 ? 5.546   -7.040  -7.381  1.00 25.76 ? 378 GLY A CA  1 
ATOM   322  C  C   . GLY A 1 49 ? 5.871   -5.664  -6.823  1.00 27.25 ? 378 GLY A C   1 
ATOM   323  O  O   . GLY A 1 49 ? 6.807   -5.517  -6.035  1.00 28.76 ? 378 GLY A O   1 
ATOM   324  N  N   . LEU A 1 50 ? 5.110   -4.654  -7.234  1.00 27.38 ? 379 LEU A N   1 
ATOM   325  C  CA  . LEU A 1 50 ? 5.321   -3.298  -6.747  1.00 27.87 ? 379 LEU A CA  1 
ATOM   326  C  C   . LEU A 1 50 ? 5.019   -3.219  -5.252  1.00 28.27 ? 379 LEU A C   1 
ATOM   327  O  O   . LEU A 1 50 ? 5.745   -2.569  -4.501  1.00 28.76 ? 379 LEU A O   1 
ATOM   328  C  CB  . LEU A 1 50 ? 4.442   -2.291  -7.494  1.00 26.61 ? 379 LEU A CB  1 
ATOM   329  C  CG  . LEU A 1 50 ? 4.904   -1.571  -8.771  1.00 27.92 ? 379 LEU A CG  1 
ATOM   330  C  CD1 . LEU A 1 50 ? 6.427   -1.405  -8.825  1.00 25.19 ? 379 LEU A CD1 1 
ATOM   331  C  CD2 . LEU A 1 50 ? 4.398   -2.280  -9.980  1.00 25.02 ? 379 LEU A CD2 1 
ATOM   332  N  N   . LEU A 1 51 ? 3.951   -3.887  -4.823  1.00 28.39 ? 380 LEU A N   1 
ATOM   333  C  CA  . LEU A 1 51 ? 3.570   -3.885  -3.414  1.00 30.17 ? 380 LEU A CA  1 
ATOM   334  C  C   . LEU A 1 51 ? 4.639   -4.530  -2.546  1.00 31.43 ? 380 LEU A C   1 
ATOM   335  O  O   . LEU A 1 51 ? 4.876   -4.100  -1.413  1.00 31.33 ? 380 LEU A O   1 
ATOM   336  C  CB  . LEU A 1 51 ? 2.234   -4.584  -3.214  1.00 30.79 ? 380 LEU A CB  1 
ATOM   337  C  CG  . LEU A 1 51 ? 1.059   -3.756  -3.723  1.00 32.20 ? 380 LEU A CG  1 
ATOM   338  C  CD1 . LEU A 1 51 ? -0.201  -4.601  -3.751  1.00 32.71 ? 380 LEU A CD1 1 
ATOM   339  C  CD2 . LEU A 1 51 ? 0.883   -2.530  -2.848  1.00 31.15 ? 380 LEU A CD2 1 
ATOM   340  N  N   . THR A 1 52 ? 5.292   -5.551  -3.092  1.00 30.98 ? 381 THR A N   1 
ATOM   341  C  CA  . THR A 1 52 ? 6.355   -6.233  -2.380  1.00 32.99 ? 381 THR A CA  1 
ATOM   342  C  C   . THR A 1 52 ? 7.560   -5.290  -2.289  1.00 35.52 ? 381 THR A C   1 
ATOM   343  O  O   . THR A 1 52 ? 8.253   -5.251  -1.273  1.00 34.87 ? 381 THR A O   1 
ATOM   344  C  CB  . THR A 1 52 ? 6.747   -7.532  -3.103  1.00 33.10 ? 381 THR A CB  1 
ATOM   345  O  OG1 . THR A 1 52 ? 5.605   -8.397  -3.162  1.00 33.30 ? 381 THR A OG1 1 
ATOM   346  C  CG2 . THR A 1 52 ? 7.891   -8.246  -2.376  1.00 30.25 ? 381 THR A CG2 1 
ATOM   347  N  N   . ALA A 1 53 ? 7.758   -4.491  -3.334  1.00 37.95 ? 382 ALA A N   1 
ATOM   348  C  CA  . ALA A 1 53 ? 8.869   -3.541  -3.400  1.00 40.84 ? 382 ALA A CA  1 
ATOM   349  C  C   . ALA A 1 53 ? 8.724   -2.333  -2.472  1.00 43.07 ? 382 ALA A C   1 
ATOM   350  O  O   . ALA A 1 53 ? 9.713   -1.874  -1.905  1.00 43.68 ? 382 ALA A O   1 
ATOM   351  C  CB  . ALA A 1 53 ? 9.069   -3.069  -4.838  1.00 40.08 ? 382 ALA A CB  1 
ATOM   352  N  N   . GLU A 1 54 ? 7.502   -1.814  -2.337  1.00 44.82 ? 383 GLU A N   1 
ATOM   353  C  CA  . GLU A 1 54 ? 7.229   -0.650  -1.490  1.00 45.17 ? 383 GLU A CA  1 
ATOM   354  C  C   . GLU A 1 54 ? 6.993   -0.964  -0.020  1.00 44.42 ? 383 GLU A C   1 
ATOM   355  O  O   . GLU A 1 54 ? 5.875   -1.282  0.388   1.00 43.94 ? 383 GLU A O   1 
ATOM   356  C  CB  . GLU A 1 54 ? 6.040   0.145   -2.031  1.00 48.24 ? 383 GLU A CB  1 
ATOM   357  C  CG  . GLU A 1 54 ? 6.409   1.214   -3.045  1.00 53.35 ? 383 GLU A CG  1 
ATOM   358  C  CD  . GLU A 1 54 ? 7.298   2.306   -2.459  1.00 56.89 ? 383 GLU A CD  1 
ATOM   359  O  OE1 . GLU A 1 54 ? 8.275   2.699   -3.133  1.00 58.22 ? 383 GLU A OE1 1 
ATOM   360  O  OE2 . GLU A 1 54 ? 7.024   2.770   -1.328  1.00 58.63 ? 383 GLU A OE2 1 
ATOM   361  N  N   . ALA A 1 55 ? 8.045   -0.806  0.780   1.00 44.12 ? 384 ALA A N   1 
ATOM   362  C  CA  . ALA A 1 55 ? 7.982   -1.060  2.216   1.00 43.39 ? 384 ALA A CA  1 
ATOM   363  C  C   . ALA A 1 55 ? 7.023   -0.100  2.920   1.00 43.51 ? 384 ALA A C   1 
ATOM   364  O  O   . ALA A 1 55 ? 6.497   -0.416  3.988   1.00 45.29 ? 384 ALA A O   1 
ATOM   365  C  CB  . ALA A 1 55 ? 9.371   -0.953  2.824   1.00 42.14 ? 384 ALA A CB  1 
ATOM   366  N  N   . SER A 1 56 ? 6.791   1.058   2.308   1.00 42.23 ? 385 SER A N   1 
ATOM   367  C  CA  . SER A 1 56 ? 5.899   2.072   2.866   1.00 41.85 ? 385 SER A CA  1 
ATOM   368  C  C   . SER A 1 56 ? 4.419   1.854   2.568   1.00 40.15 ? 385 SER A C   1 
ATOM   369  O  O   . SER A 1 56 ? 3.567   2.542   3.125   1.00 40.86 ? 385 SER A O   1 
ATOM   370  C  CB  . SER A 1 56 ? 6.315   3.456   2.377   1.00 42.08 ? 385 SER A CB  1 
ATOM   371  O  OG  . SER A 1 56 ? 7.571   3.809   2.915   1.00 44.38 ? 385 SER A OG  1 
ATOM   372  N  N   . ALA A 1 57 ? 4.114   0.922   1.673   1.00 38.94 ? 386 ALA A N   1 
ATOM   373  C  CA  . ALA A 1 57 ? 2.728   0.640   1.318   1.00 37.76 ? 386 ALA A CA  1 
ATOM   374  C  C   . ALA A 1 57 ? 2.113   -0.409  2.234   1.00 37.48 ? 386 ALA A C   1 
ATOM   375  O  O   . ALA A 1 57 ? 2.773   -1.359  2.643   1.00 38.27 ? 386 ALA A O   1 
ATOM   376  C  CB  . ALA A 1 57 ? 2.630   0.191   -0.133  1.00 35.44 ? 386 ALA A CB  1 
ATOM   377  N  N   . VAL A 1 58 ? 0.850   -0.198  2.577   1.00 37.35 ? 387 VAL A N   1 
ATOM   378  C  CA  . VAL A 1 58 ? 0.099   -1.117  3.422   1.00 37.42 ? 387 VAL A CA  1 
ATOM   379  C  C   . VAL A 1 58 ? -1.145  -1.489  2.626   1.00 35.46 ? 387 VAL A C   1 
ATOM   380  O  O   . VAL A 1 58 ? -1.826  -0.617  2.090   1.00 36.09 ? 387 VAL A O   1 
ATOM   381  C  CB  . VAL A 1 58 ? -0.303  -0.453  4.781   1.00 39.40 ? 387 VAL A CB  1 
ATOM   382  C  CG1 . VAL A 1 58 ? -1.337  -1.294  5.517   1.00 37.95 ? 387 VAL A CG1 1 
ATOM   383  C  CG2 . VAL A 1 58 ? 0.923   -0.286  5.663   1.00 39.73 ? 387 VAL A CG2 1 
ATOM   384  N  N   . TRP A 1 59 ? -1.424  -2.784  2.531   1.00 33.72 ? 388 TRP A N   1 
ATOM   385  C  CA  . TRP A 1 59 ? -2.584  -3.258  1.789   1.00 31.30 ? 388 TRP A CA  1 
ATOM   386  C  C   . TRP A 1 59 ? -3.715  -3.730  2.695   1.00 32.72 ? 388 TRP A C   1 
ATOM   387  O  O   . TRP A 1 59 ? -3.475  -4.258  3.785   1.00 32.80 ? 388 TRP A O   1 
ATOM   388  C  CB  . TRP A 1 59 ? -2.167  -4.387  0.846   1.00 28.82 ? 388 TRP A CB  1 
ATOM   389  C  CG  . TRP A 1 59 ? -3.292  -4.962  0.036   1.00 26.98 ? 388 TRP A CG  1 
ATOM   390  C  CD1 . TRP A 1 59 ? -3.773  -4.486  -1.150  1.00 24.89 ? 388 TRP A CD1 1 
ATOM   391  C  CD2 . TRP A 1 59 ? -4.060  -6.134  0.341   1.00 24.59 ? 388 TRP A CD2 1 
ATOM   392  N  NE1 . TRP A 1 59 ? -4.790  -5.292  -1.604  1.00 25.32 ? 388 TRP A NE1 1 
ATOM   393  C  CE2 . TRP A 1 59 ? -4.987  -6.311  -0.709  1.00 24.25 ? 388 TRP A CE2 1 
ATOM   394  C  CE3 . TRP A 1 59 ? -4.055  -7.052  1.401   1.00 25.88 ? 388 TRP A CE3 1 
ATOM   395  C  CZ2 . TRP A 1 59 ? -5.901  -7.371  -0.733  1.00 23.68 ? 388 TRP A CZ2 1 
ATOM   396  C  CZ3 . TRP A 1 59 ? -4.967  -8.111  1.377   1.00 24.37 ? 388 TRP A CZ3 1 
ATOM   397  C  CH2 . TRP A 1 59 ? -5.876  -8.258  0.314   1.00 24.10 ? 388 TRP A CH2 1 
ATOM   398  N  N   . GLY A 1 60 ? -4.946  -3.561  2.213   1.00 34.25 ? 389 GLY A N   1 
ATOM   399  C  CA  . GLY A 1 60 ? -6.124  -3.985  2.952   1.00 33.93 ? 389 GLY A CA  1 
ATOM   400  C  C   . GLY A 1 60 ? -7.113  -4.684  2.037   1.00 36.22 ? 389 GLY A C   1 
ATOM   401  O  O   . GLY A 1 60 ? -7.297  -4.272  0.887   1.00 34.46 ? 389 GLY A O   1 
ATOM   402  N  N   . CYS A 1 61 ? -7.749  -5.742  2.539   1.00 37.07 ? 390 CYS A N   1 
ATOM   403  C  CA  . CYS A 1 61 ? -8.720  -6.502  1.751   1.00 39.90 ? 390 CYS A CA  1 
ATOM   404  C  C   . CYS A 1 61 ? -10.019 -5.731  1.529   1.00 42.86 ? 390 CYS A C   1 
ATOM   405  O  O   . CYS A 1 61 ? -10.316 -4.785  2.258   1.00 44.44 ? 390 CYS A O   1 
ATOM   406  C  CB  . CYS A 1 61 ? -9.028  -7.841  2.420   1.00 38.26 ? 390 CYS A CB  1 
ATOM   407  S  SG  . CYS A 1 61 ? -9.900  -7.722  3.992   1.00 36.61 ? 390 CYS A SG  1 
ATOM   408  N  N   . ASP A 1 62 ? -10.794 -6.151  0.530   1.00 46.00 ? 391 ASP A N   1 
ATOM   409  C  CA  . ASP A 1 62 ? -12.061 -5.500  0.204   1.00 48.99 ? 391 ASP A CA  1 
ATOM   410  C  C   . ASP A 1 62 ? -13.009 -5.407  1.397   1.00 50.60 ? 391 ASP A C   1 
ATOM   411  O  O   . ASP A 1 62 ? -13.749 -4.432  1.528   1.00 50.54 ? 391 ASP A O   1 
ATOM   412  C  CB  . ASP A 1 62 ? -12.752 -6.213  -0.962  1.00 50.54 ? 391 ASP A CB  1 
ATOM   413  C  CG  . ASP A 1 62 ? -11.993 -6.064  -2.273  1.00 52.87 ? 391 ASP A CG  1 
ATOM   414  O  OD1 . ASP A 1 62 ? -11.844 -7.072  -2.995  1.00 54.49 ? 391 ASP A OD1 1 
ATOM   415  O  OD2 . ASP A 1 62 ? -11.550 -4.939  -2.588  1.00 53.32 ? 391 ASP A OD2 1 
ATOM   416  N  N   . THR A 1 63 ? -12.964 -6.409  2.272   1.00 51.85 ? 392 THR A N   1 
ATOM   417  C  CA  . THR A 1 63 ? -13.805 -6.436  3.466   1.00 53.70 ? 392 THR A CA  1 
ATOM   418  C  C   . THR A 1 63 ? -13.405 -5.327  4.439   1.00 54.57 ? 392 THR A C   1 
ATOM   419  O  O   . THR A 1 63 ? -14.245 -4.535  4.864   1.00 54.64 ? 392 THR A O   1 
ATOM   420  C  CB  . THR A 1 63 ? -13.720 -7.804  4.181   1.00 54.71 ? 392 THR A CB  1 
ATOM   421  O  OG1 . THR A 1 63 ? -14.310 -8.811  3.353   1.00 53.92 ? 392 THR A OG1 1 
ATOM   422  C  CG2 . THR A 1 63 ? -14.447 -7.767  5.521   1.00 54.88 ? 392 THR A CG2 1 
ATOM   423  N  N   . CYS A 1 64 ? -12.121 -5.270  4.777   1.00 55.61 ? 393 CYS A N   1 
ATOM   424  C  CA  . CYS A 1 64 ? -11.615 -4.257  5.695   1.00 57.37 ? 393 CYS A CA  1 
ATOM   425  C  C   . CYS A 1 64 ? -11.676 -2.841  5.119   1.00 59.73 ? 393 CYS A C   1 
ATOM   426  O  O   . CYS A 1 64 ? -11.975 -1.888  5.841   1.00 59.50 ? 393 CYS A O   1 
ATOM   427  C  CB  . CYS A 1 64 ? -10.185 -4.588  6.114   1.00 55.89 ? 393 CYS A CB  1 
ATOM   428  S  SG  . CYS A 1 64 ? -10.053 -6.084  7.097   1.00 54.14 ? 393 CYS A SG  1 
HETATM 429  N  N   . MSE A 1 65 ? -11.407 -2.706  3.823   1.00 62.26 ? 394 MSE A N   1 
HETATM 430  C  CA  . MSE A 1 65 ? -11.440 -1.398  3.177   1.00 66.16 ? 394 MSE A CA  1 
HETATM 431  C  C   . MSE A 1 65 ? -12.852 -0.819  3.071   1.00 68.97 ? 394 MSE A C   1 
HETATM 432  O  O   . MSE A 1 65 ? -13.024 0.402   3.011   1.00 70.02 ? 394 MSE A O   1 
HETATM 433  C  CB  . MSE A 1 65 ? -10.780 -1.448  1.795   1.00 66.00 ? 394 MSE A CB  1 
HETATM 434  C  CG  . MSE A 1 65 ? -9.293  -1.761  1.830   1.00 67.65 ? 394 MSE A CG  1 
HETATM 435  SE SE  . MSE A 1 65 ? -8.301  -0.710  3.124   1.00 70.31 ? 394 MSE A SE  1 
HETATM 436  C  CE  . MSE A 1 65 ? -8.191  0.942   2.135   1.00 68.83 ? 394 MSE A CE  1 
ATOM   437  N  N   . ALA A 1 66 ? -13.856 -1.694  3.056   1.00 71.38 ? 395 ALA A N   1 
ATOM   438  C  CA  . ALA A 1 66 ? -15.250 -1.262  2.977   1.00 73.71 ? 395 ALA A CA  1 
ATOM   439  C  C   . ALA A 1 66 ? -15.794 -0.887  4.360   1.00 75.80 ? 395 ALA A C   1 
ATOM   440  O  O   . ALA A 1 66 ? -16.958 -0.503  4.498   1.00 76.22 ? 395 ALA A O   1 
ATOM   441  C  CB  . ALA A 1 66 ? -16.107 -2.350  2.347   1.00 73.17 ? 395 ALA A CB  1 
ATOM   442  N  N   . ASP A 1 67 ? -14.948 -1.009  5.380   1.00 77.94 ? 396 ASP A N   1 
ATOM   443  C  CA  . ASP A 1 67 ? -15.331 -0.674  6.748   1.00 80.34 ? 396 ASP A CA  1 
ATOM   444  C  C   . ASP A 1 67 ? -14.993 0.792   7.040   1.00 81.29 ? 396 ASP A C   1 
ATOM   445  O  O   . ASP A 1 67 ? -15.935 1.563   7.325   1.00 81.53 ? 396 ASP A O   1 
ATOM   446  C  CB  . ASP A 1 67 ? -14.611 -1.595  7.739   1.00 81.64 ? 396 ASP A CB  1 
ATOM   447  C  CG  . ASP A 1 67 ? -15.079 -1.400  9.171   1.00 83.68 ? 396 ASP A CG  1 
ATOM   448  O  OD1 . ASP A 1 67 ? -15.900 -2.215  9.641   1.00 84.99 ? 396 ASP A OD1 1 
ATOM   449  O  OD2 . ASP A 1 67 ? -14.622 -0.440  9.828   1.00 84.50 ? 396 ASP A OD2 1 
ATOM   450  O  OXT . ASP A 1 67 ? -13.796 1.153   6.979   1.00 81.70 ? 396 ASP A OXT 1 
ATOM   451  N  N   . PRO B 1 8  ? -6.186  27.786  1.821   1.00 67.66 ? 337 PRO B N   1 
ATOM   452  C  CA  . PRO B 1 8  ? -5.930  26.564  2.625   1.00 65.53 ? 337 PRO B CA  1 
ATOM   453  C  C   . PRO B 1 8  ? -4.456  26.127  2.705   1.00 63.16 ? 337 PRO B C   1 
ATOM   454  O  O   . PRO B 1 8  ? -3.961  25.848  3.803   1.00 64.73 ? 337 PRO B O   1 
ATOM   455  C  CB  . PRO B 1 8  ? -6.816  25.453  2.061   1.00 67.52 ? 337 PRO B CB  1 
ATOM   456  C  CG  . PRO B 1 8  ? -7.231  26.030  0.681   1.00 68.53 ? 337 PRO B CG  1 
ATOM   457  C  CD  . PRO B 1 8  ? -7.300  27.547  0.884   1.00 67.91 ? 337 PRO B CD  1 
ATOM   458  N  N   . VAL B 1 9  ? -3.771  26.086  1.557   1.00 56.29 ? 338 VAL B N   1 
ATOM   459  C  CA  . VAL B 1 9  ? -2.350  25.698  1.442   1.00 50.88 ? 338 VAL B CA  1 
ATOM   460  C  C   . VAL B 1 9  ? -1.946  24.362  2.077   1.00 46.55 ? 338 VAL B C   1 
ATOM   461  O  O   . VAL B 1 9  ? -2.283  24.069  3.221   1.00 45.14 ? 338 VAL B O   1 
ATOM   462  C  CB  . VAL B 1 9  ? -1.373  26.824  1.930   1.00 51.42 ? 338 VAL B CB  1 
ATOM   463  C  CG1 . VAL B 1 9  ? -1.161  26.771  3.440   1.00 51.34 ? 338 VAL B CG1 1 
ATOM   464  C  CG2 . VAL B 1 9  ? -0.035  26.713  1.216   1.00 50.56 ? 338 VAL B CG2 1 
ATOM   465  N  N   . TYR B 1 10 ? -1.202  23.560  1.322   1.00 43.37 ? 339 TYR B N   1 
ATOM   466  C  CA  . TYR B 1 10 ? -0.749  22.257  1.798   1.00 40.08 ? 339 TYR B CA  1 
ATOM   467  C  C   . TYR B 1 10 ? 0.756   22.129  1.622   1.00 37.35 ? 339 TYR B C   1 
ATOM   468  O  O   . TYR B 1 10 ? 1.239   21.770  0.552   1.00 39.11 ? 339 TYR B O   1 
ATOM   469  C  CB  . TYR B 1 10 ? -1.466  21.133  1.039   1.00 40.35 ? 339 TYR B CB  1 
ATOM   470  C  CG  . TYR B 1 10 ? -2.972  21.269  1.046   1.00 40.02 ? 339 TYR B CG  1 
ATOM   471  C  CD1 . TYR B 1 10 ? -3.633  21.968  0.031   1.00 39.54 ? 339 TYR B CD1 1 
ATOM   472  C  CD2 . TYR B 1 10 ? -3.736  20.716  2.074   1.00 39.16 ? 339 TYR B CD2 1 
ATOM   473  C  CE1 . TYR B 1 10 ? -5.016  22.115  0.041   1.00 41.00 ? 339 TYR B CE1 1 
ATOM   474  C  CE2 . TYR B 1 10 ? -5.120  20.856  2.095   1.00 41.10 ? 339 TYR B CE2 1 
ATOM   475  C  CZ  . TYR B 1 10 ? -5.753  21.556  1.076   1.00 42.94 ? 339 TYR B CZ  1 
ATOM   476  O  OH  . TYR B 1 10 ? -7.122  21.699  1.100   1.00 45.46 ? 339 TYR B OH  1 
ATOM   477  N  N   . PRO B 1 11 ? 1.521   22.448  2.672   1.00 34.80 ? 340 PRO B N   1 
ATOM   478  C  CA  . PRO B 1 11 ? 2.982   22.363  2.613   1.00 32.17 ? 340 PRO B CA  1 
ATOM   479  C  C   . PRO B 1 11 ? 3.431   20.911  2.528   1.00 30.39 ? 340 PRO B C   1 
ATOM   480  O  O   . PRO B 1 11 ? 2.917   20.060  3.254   1.00 30.42 ? 340 PRO B O   1 
ATOM   481  C  CB  . PRO B 1 11 ? 3.413   22.971  3.953   1.00 32.54 ? 340 PRO B CB  1 
ATOM   482  C  CG  . PRO B 1 11 ? 2.233   23.808  4.378   1.00 33.39 ? 340 PRO B CG  1 
ATOM   483  C  CD  . PRO B 1 11 ? 1.075   22.960  3.977   1.00 33.24 ? 340 PRO B CD  1 
ATOM   484  N  N   . CYS B 1 12 ? 4.381   20.629  1.643   1.00 27.80 ? 341 CYS B N   1 
ATOM   485  C  CA  . CYS B 1 12 ? 4.902   19.277  1.505   1.00 26.75 ? 341 CYS B CA  1 
ATOM   486  C  C   . CYS B 1 12 ? 5.519   18.879  2.839   1.00 27.95 ? 341 CYS B C   1 
ATOM   487  O  O   . CYS B 1 12 ? 6.215   19.672  3.467   1.00 28.35 ? 341 CYS B O   1 
ATOM   488  C  CB  . CYS B 1 12 ? 5.954   19.217  0.402   1.00 26.73 ? 341 CYS B CB  1 
ATOM   489  S  SG  . CYS B 1 12 ? 6.753   17.614  0.232   1.00 26.32 ? 341 CYS B SG  1 
ATOM   490  N  N   . GLY B 1 13 ? 5.251   17.654  3.275   1.00 28.38 ? 342 GLY B N   1 
ATOM   491  C  CA  . GLY B 1 13 ? 5.773   17.196  4.547   1.00 28.24 ? 342 GLY B CA  1 
ATOM   492  C  C   . GLY B 1 13 ? 7.283   17.110  4.626   1.00 29.34 ? 342 GLY B C   1 
ATOM   493  O  O   . GLY B 1 13 ? 7.831   16.959  5.716   1.00 31.22 ? 342 GLY B O   1 
ATOM   494  N  N   . ILE B 1 14 ? 7.953   17.183  3.479   1.00 28.70 ? 343 ILE B N   1 
ATOM   495  C  CA  . ILE B 1 14 ? 9.408   17.108  3.439   1.00 27.89 ? 343 ILE B CA  1 
ATOM   496  C  C   . ILE B 1 14 ? 10.061  18.457  3.116   1.00 28.83 ? 343 ILE B C   1 
ATOM   497  O  O   . ILE B 1 14 ? 10.879  18.946  3.897   1.00 27.60 ? 343 ILE B O   1 
ATOM   498  C  CB  . ILE B 1 14 ? 9.892   16.014  2.450   1.00 27.26 ? 343 ILE B CB  1 
ATOM   499  C  CG1 . ILE B 1 14 ? 9.590   14.627  3.017   1.00 27.59 ? 343 ILE B CG1 1 
ATOM   500  C  CG2 . ILE B 1 14 ? 11.377  16.136  2.180   1.00 25.13 ? 343 ILE B CG2 1 
ATOM   501  C  CD1 . ILE B 1 14 ? 9.850   13.494  2.038   1.00 28.01 ? 343 ILE B CD1 1 
ATOM   502  N  N   . CYS B 1 15 ? 9.671   19.079  2.004   1.00 28.79 ? 344 CYS B N   1 
ATOM   503  C  CA  . CYS B 1 15 ? 10.268  20.355  1.614   1.00 28.68 ? 344 CYS B CA  1 
ATOM   504  C  C   . CYS B 1 15 ? 9.526   21.592  2.114   1.00 29.33 ? 344 CYS B C   1 
ATOM   505  O  O   . CYS B 1 15 ? 10.034  22.709  1.993   1.00 30.16 ? 344 CYS B O   1 
ATOM   506  C  CB  . CYS B 1 15 ? 10.431  20.428  0.089   1.00 28.81 ? 344 CYS B CB  1 
ATOM   507  S  SG  . CYS B 1 15 ? 8.902   20.721  -0.850  1.00 29.98 ? 344 CYS B SG  1 
ATOM   508  N  N   . THR B 1 16 ? 8.335   21.384  2.680   1.00 28.77 ? 345 THR B N   1 
ATOM   509  C  CA  . THR B 1 16 ? 7.464   22.451  3.203   1.00 28.86 ? 345 THR B CA  1 
ATOM   510  C  C   . THR B 1 16 ? 6.917   23.367  2.108   1.00 32.50 ? 345 THR B C   1 
ATOM   511  O  O   . THR B 1 16 ? 6.219   24.345  2.400   1.00 34.25 ? 345 THR B O   1 
ATOM   512  C  CB  . THR B 1 16 ? 8.138   23.331  4.305   1.00 28.33 ? 345 THR B CB  1 
ATOM   513  O  OG1 . THR B 1 16 ? 9.043   24.264  3.699   1.00 28.65 ? 345 THR B OG1 1 
ATOM   514  C  CG2 . THR B 1 16 ? 8.893   22.465  5.330   1.00 25.29 ? 345 THR B CG2 1 
ATOM   515  N  N   . ASN B 1 17 ? 7.237   23.052  0.854   1.00 33.04 ? 346 ASN B N   1 
ATOM   516  C  CA  . ASN B 1 17 ? 6.764   23.831  -0.284  1.00 33.89 ? 346 ASN B CA  1 
ATOM   517  C  C   . ASN B 1 17 ? 5.350   23.416  -0.666  1.00 34.66 ? 346 ASN B C   1 
ATOM   518  O  O   . ASN B 1 17 ? 4.892   22.334  -0.306  1.00 32.77 ? 346 ASN B O   1 
ATOM   519  C  CB  . ASN B 1 17 ? 7.702   23.663  -1.482  1.00 36.59 ? 346 ASN B CB  1 
ATOM   520  C  CG  . ASN B 1 17 ? 9.041   24.359  -1.282  1.00 38.19 ? 346 ASN B CG  1 
ATOM   521  O  OD1 . ASN B 1 17 ? 9.096   25.568  -1.080  1.00 39.47 ? 346 ASN B OD1 1 
ATOM   522  N  ND2 . ASN B 1 17 ? 10.127  23.595  -1.356  1.00 37.80 ? 346 ASN B ND2 1 
ATOM   523  N  N   . GLU B 1 18 ? 4.670   24.280  -1.410  1.00 37.51 ? 347 GLU B N   1 
ATOM   524  C  CA  . GLU B 1 18 ? 3.298   24.042  -1.848  1.00 38.75 ? 347 GLU B CA  1 
ATOM   525  C  C   . GLU B 1 18 ? 3.090   22.820  -2.722  1.00 37.08 ? 347 GLU B C   1 
ATOM   526  O  O   . GLU B 1 18 ? 3.891   22.527  -3.606  1.00 35.64 ? 347 GLU B O   1 
ATOM   527  C  CB  . GLU B 1 18 ? 2.768   25.249  -2.618  1.00 44.55 ? 347 GLU B CB  1 
ATOM   528  C  CG  . GLU B 1 18 ? 1.890   26.179  -1.812  1.00 54.52 ? 347 GLU B CG  1 
ATOM   529  C  CD  . GLU B 1 18 ? 0.935   26.972  -2.694  1.00 60.15 ? 347 GLU B CD  1 
ATOM   530  O  OE1 . GLU B 1 18 ? 1.412   27.673  -3.623  1.00 60.64 ? 347 GLU B OE1 1 
ATOM   531  O  OE2 . GLU B 1 18 ? -0.293  26.878  -2.462  1.00 61.09 ? 347 GLU B OE2 1 
ATOM   532  N  N   . VAL B 1 19 ? 1.991   22.120  -2.467  1.00 36.12 ? 348 VAL B N   1 
ATOM   533  C  CA  . VAL B 1 19 ? 1.620   20.956  -3.253  1.00 35.32 ? 348 VAL B CA  1 
ATOM   534  C  C   . VAL B 1 19 ? 0.479   21.443  -4.149  1.00 36.75 ? 348 VAL B C   1 
ATOM   535  O  O   . VAL B 1 19 ? -0.591  21.813  -3.661  1.00 35.95 ? 348 VAL B O   1 
ATOM   536  C  CB  . VAL B 1 19 ? 1.149   19.787  -2.360  1.00 34.10 ? 348 VAL B CB  1 
ATOM   537  C  CG1 . VAL B 1 19 ? 0.722   18.618  -3.220  1.00 30.12 ? 348 VAL B CG1 1 
ATOM   538  C  CG2 . VAL B 1 19 ? 2.267   19.355  -1.418  1.00 30.04 ? 348 VAL B CG2 1 
ATOM   539  N  N   . ASN B 1 20 ? 0.744   21.514  -5.449  1.00 39.03 ? 349 ASN B N   1 
ATOM   540  C  CA  . ASN B 1 20 ? -0.235  21.981  -6.426  1.00 42.22 ? 349 ASN B CA  1 
ATOM   541  C  C   . ASN B 1 20 ? -0.771  20.846  -7.289  1.00 43.45 ? 349 ASN B C   1 
ATOM   542  O  O   . ASN B 1 20 ? -0.231  19.738  -7.274  1.00 42.70 ? 349 ASN B O   1 
ATOM   543  C  CB  . ASN B 1 20 ? 0.390   23.051  -7.327  1.00 44.38 ? 349 ASN B CB  1 
ATOM   544  C  CG  . ASN B 1 20 ? 0.934   24.231  -6.544  1.00 48.39 ? 349 ASN B CG  1 
ATOM   545  O  OD1 . ASN B 1 20 ? 0.266   24.764  -5.651  1.00 51.64 ? 349 ASN B OD1 1 
ATOM   546  N  ND2 . ASN B 1 20 ? 2.152   24.648  -6.877  1.00 49.45 ? 349 ASN B ND2 1 
ATOM   547  N  N   . ASP B 1 21 ? -1.815  21.144  -8.064  1.00 44.70 ? 350 ASP B N   1 
ATOM   548  C  CA  . ASP B 1 21 ? -2.447  20.166  -8.947  1.00 46.93 ? 350 ASP B CA  1 
ATOM   549  C  C   . ASP B 1 21 ? -1.545  19.613  -10.048 1.00 48.74 ? 350 ASP B C   1 
ATOM   550  O  O   . ASP B 1 21 ? -1.733  18.480  -10.493 1.00 50.11 ? 350 ASP B O   1 
ATOM   551  C  CB  . ASP B 1 21 ? -3.721  20.744  -9.574  1.00 47.77 ? 350 ASP B CB  1 
ATOM   552  C  CG  . ASP B 1 21 ? -4.918  20.725  -8.624  1.00 48.61 ? 350 ASP B CG  1 
ATOM   553  O  OD1 . ASP B 1 21 ? -4.864  20.042  -7.579  1.00 46.24 ? 350 ASP B OD1 1 
ATOM   554  O  OD2 . ASP B 1 21 ? -5.929  21.389  -8.937  1.00 49.30 ? 350 ASP B OD2 1 
ATOM   555  N  N   . ASP B 1 22 ? -0.569  20.397  -10.494 1.00 49.58 ? 351 ASP B N   1 
ATOM   556  C  CA  . ASP B 1 22 ? 0.330   19.931  -11.551 1.00 50.38 ? 351 ASP B CA  1 
ATOM   557  C  C   . ASP B 1 22 ? 1.557   19.182  -11.023 1.00 46.62 ? 351 ASP B C   1 
ATOM   558  O  O   . ASP B 1 22 ? 2.562   19.051  -11.723 1.00 47.63 ? 351 ASP B O   1 
ATOM   559  C  CB  . ASP B 1 22 ? 0.755   21.097  -12.451 1.00 55.62 ? 351 ASP B CB  1 
ATOM   560  C  CG  . ASP B 1 22 ? 1.326   22.260  -11.667 1.00 60.74 ? 351 ASP B CG  1 
ATOM   561  O  OD1 . ASP B 1 22 ? 2.457   22.130  -11.143 1.00 62.83 ? 351 ASP B OD1 1 
ATOM   562  O  OD2 . ASP B 1 22 ? 0.639   23.303  -11.575 1.00 63.29 ? 351 ASP B OD2 1 
ATOM   563  N  N   . GLN B 1 23 ? 1.466   18.681  -9.798  1.00 42.25 ? 352 GLN B N   1 
ATOM   564  C  CA  . GLN B 1 23 ? 2.568   17.951  -9.185  1.00 39.40 ? 352 GLN B CA  1 
ATOM   565  C  C   . GLN B 1 23 ? 2.106   16.609  -8.631  1.00 37.28 ? 352 GLN B C   1 
ATOM   566  O  O   . GLN B 1 23 ? 1.049   16.525  -8.003  1.00 38.39 ? 352 GLN B O   1 
ATOM   567  C  CB  . GLN B 1 23 ? 3.170   18.763  -8.033  1.00 39.11 ? 352 GLN B CB  1 
ATOM   568  C  CG  . GLN B 1 23 ? 3.779   20.100  -8.422  1.00 38.34 ? 352 GLN B CG  1 
ATOM   569  C  CD  . GLN B 1 23 ? 4.057   20.975  -7.217  1.00 38.88 ? 352 GLN B CD  1 
ATOM   570  O  OE1 . GLN B 1 23 ? 3.292   20.982  -6.255  1.00 37.01 ? 352 GLN B OE1 1 
ATOM   571  N  NE2 . GLN B 1 23 ? 5.156   21.719  -7.261  1.00 41.00 ? 352 GLN B NE2 1 
ATOM   572  N  N   . ASP B 1 24 ? 2.885   15.561  -8.884  1.00 33.87 ? 353 ASP B N   1 
ATOM   573  C  CA  . ASP B 1 24 ? 2.568   14.239  -8.359  1.00 31.93 ? 353 ASP B CA  1 
ATOM   574  C  C   . ASP B 1 24 ? 2.699   14.353  -6.845  1.00 31.95 ? 353 ASP B C   1 
ATOM   575  O  O   . ASP B 1 24 ? 3.765   14.693  -6.331  1.00 32.30 ? 353 ASP B O   1 
ATOM   576  C  CB  . ASP B 1 24 ? 3.563   13.185  -8.862  1.00 30.60 ? 353 ASP B CB  1 
ATOM   577  C  CG  . ASP B 1 24 ? 3.433   12.897  -10.349 1.00 29.40 ? 353 ASP B CG  1 
ATOM   578  O  OD1 . ASP B 1 24 ? 2.402   13.241  -10.962 1.00 31.58 ? 353 ASP B OD1 1 
ATOM   579  O  OD2 . ASP B 1 24 ? 4.374   12.301  -10.909 1.00 29.97 ? 353 ASP B OD2 1 
ATOM   580  N  N   . ALA B 1 25 ? 1.608   14.103  -6.135  1.00 31.83 ? 354 ALA B N   1 
ATOM   581  C  CA  . ALA B 1 25 ? 1.622   14.189  -4.683  1.00 31.63 ? 354 ALA B CA  1 
ATOM   582  C  C   . ALA B 1 25 ? 0.866   13.030  -4.061  1.00 30.65 ? 354 ALA B C   1 
ATOM   583  O  O   . ALA B 1 25 ? -0.155  12.588  -4.579  1.00 31.27 ? 354 ALA B O   1 
ATOM   584  C  CB  . ALA B 1 25 ? 1.026   15.499  -4.234  1.00 34.73 ? 354 ALA B CB  1 
ATOM   585  N  N   . ILE B 1 26 ? 1.359   12.567  -2.923  1.00 29.88 ? 355 ILE B N   1 
ATOM   586  C  CA  . ILE B 1 26 ? 0.742   11.454  -2.234  1.00 27.51 ? 355 ILE B CA  1 
ATOM   587  C  C   . ILE B 1 26 ? 0.436   11.823  -0.786  1.00 28.10 ? 355 ILE B C   1 
ATOM   588  O  O   . ILE B 1 26 ? 1.215   12.520  -0.126  1.00 28.11 ? 355 ILE B O   1 
ATOM   589  C  CB  . ILE B 1 26 ? 1.638   10.202  -2.329  1.00 27.36 ? 355 ILE B CB  1 
ATOM   590  C  CG1 . ILE B 1 26 ? 0.903   8.979   -1.783  1.00 28.93 ? 355 ILE B CG1 1 
ATOM   591  C  CG2 . ILE B 1 26 ? 2.957   10.435  -1.612  1.00 26.78 ? 355 ILE B CG2 1 
ATOM   592  C  CD1 . ILE B 1 26 ? 1.590   7.678   -2.102  1.00 29.15 ? 355 ILE B CD1 1 
ATOM   593  N  N   . LEU B 1 27 ? -0.726  11.378  -0.319  1.00 27.17 ? 356 LEU B N   1 
ATOM   594  C  CA  . LEU B 1 27 ? -1.193  11.653  1.033   1.00 27.65 ? 356 LEU B CA  1 
ATOM   595  C  C   . LEU B 1 27 ? -0.796  10.557  2.011   1.00 29.04 ? 356 LEU B C   1 
ATOM   596  O  O   . LEU B 1 27 ? -0.911  9.375   1.701   1.00 30.65 ? 356 LEU B O   1 
ATOM   597  C  CB  . LEU B 1 27 ? -2.718  11.794  1.025   1.00 25.21 ? 356 LEU B CB  1 
ATOM   598  C  CG  . LEU B 1 27 ? -3.394  12.140  2.353   1.00 25.83 ? 356 LEU B CG  1 
ATOM   599  C  CD1 . LEU B 1 27 ? -2.931  13.513  2.830   1.00 25.52 ? 356 LEU B CD1 1 
ATOM   600  C  CD2 . LEU B 1 27 ? -4.896  12.118  2.183   1.00 23.61 ? 356 LEU B CD2 1 
ATOM   601  N  N   . CYS B 1 28 ? -0.307  10.946  3.186   1.00 29.54 ? 357 CYS B N   1 
ATOM   602  C  CA  . CYS B 1 28 ? 0.057   9.962   4.197   1.00 30.45 ? 357 CYS B CA  1 
ATOM   603  C  C   . CYS B 1 28 ? -1.222  9.562   4.916   1.00 32.38 ? 357 CYS B C   1 
ATOM   604  O  O   . CYS B 1 28 ? -1.638  10.213  5.871   1.00 32.35 ? 357 CYS B O   1 
ATOM   605  C  CB  . CYS B 1 28 ? 1.063   10.531  5.204   1.00 28.76 ? 357 CYS B CB  1 
ATOM   606  S  SG  . CYS B 1 28 ? 1.431   9.385   6.570   1.00 26.28 ? 357 CYS B SG  1 
ATOM   607  N  N   . GLU B 1 29 ? -1.877  8.524   4.411   1.00 36.51 ? 358 GLU B N   1 
ATOM   608  C  CA  . GLU B 1 29 ? -3.118  8.046   5.008   1.00 39.29 ? 358 GLU B CA  1 
ATOM   609  C  C   . GLU B 1 29 ? -2.853  7.193   6.242   1.00 41.76 ? 358 GLU B C   1 
ATOM   610  O  O   . GLU B 1 29 ? -3.777  6.881   6.998   1.00 43.84 ? 358 GLU B O   1 
ATOM   611  C  CB  . GLU B 1 29 ? -3.930  7.249   3.995   1.00 40.21 ? 358 GLU B CB  1 
ATOM   612  C  CG  . GLU B 1 29 ? -4.473  8.077   2.851   1.00 42.03 ? 358 GLU B CG  1 
ATOM   613  C  CD  . GLU B 1 29 ? -5.338  7.260   1.914   1.00 43.93 ? 358 GLU B CD  1 
ATOM   614  O  OE1 . GLU B 1 29 ? -6.526  7.037   2.243   1.00 47.75 ? 358 GLU B OE1 1 
ATOM   615  O  OE2 . GLU B 1 29 ? -4.834  6.838   0.851   1.00 44.80 ? 358 GLU B OE2 1 
ATOM   616  N  N   . ALA B 1 30 ? -1.588  6.831   6.449   1.00 42.55 ? 359 ALA B N   1 
ATOM   617  C  CA  . ALA B 1 30 ? -1.195  6.018   7.596   1.00 44.18 ? 359 ALA B CA  1 
ATOM   618  C  C   . ALA B 1 30 ? -1.450  6.725   8.933   1.00 45.14 ? 359 ALA B C   1 
ATOM   619  O  O   . ALA B 1 30 ? -1.857  6.083   9.907   1.00 45.46 ? 359 ALA B O   1 
ATOM   620  C  CB  . ALA B 1 30 ? 0.263   5.618   7.482   1.00 43.46 ? 359 ALA B CB  1 
ATOM   621  N  N   . SER B 1 31 ? -1.242  8.044   8.973   1.00 43.31 ? 360 SER B N   1 
ATOM   622  C  CA  . SER B 1 31 ? -1.459  8.792   10.203  1.00 41.73 ? 360 SER B CA  1 
ATOM   623  C  C   . SER B 1 31 ? -1.553  10.314  10.092  1.00 40.00 ? 360 SER B C   1 
ATOM   624  O  O   . SER B 1 31 ? -2.648  10.874  10.151  1.00 40.91 ? 360 SER B O   1 
ATOM   625  C  CB  . SER B 1 31 ? -0.388  8.425   11.238  1.00 44.22 ? 360 SER B CB  1 
ATOM   626  O  OG  . SER B 1 31 ? -0.563  9.158   12.442  1.00 47.96 ? 360 SER B OG  1 
ATOM   627  N  N   . CYS B 1 32 ? -0.404  10.973  9.943   1.00 37.60 ? 361 CYS B N   1 
ATOM   628  C  CA  . CYS B 1 32 ? -0.328  12.434  9.892   1.00 34.51 ? 361 CYS B CA  1 
ATOM   629  C  C   . CYS B 1 32 ? -1.180  13.166  8.859   1.00 32.98 ? 361 CYS B C   1 
ATOM   630  O  O   . CYS B 1 32 ? -1.533  14.327  9.069   1.00 33.11 ? 361 CYS B O   1 
ATOM   631  C  CB  . CYS B 1 32 ? 1.130   12.890  9.789   1.00 34.15 ? 361 CYS B CB  1 
ATOM   632  S  SG  . CYS B 1 32 ? 1.864   12.749  8.154   1.00 34.83 ? 361 CYS B SG  1 
ATOM   633  N  N   . GLN B 1 33 ? -1.486  12.508  7.746   1.00 30.18 ? 362 GLN B N   1 
ATOM   634  C  CA  . GLN B 1 33 ? -2.304  13.096  6.682   1.00 27.95 ? 362 GLN B CA  1 
ATOM   635  C  C   . GLN B 1 33 ? -1.749  14.358  6.024   1.00 26.75 ? 362 GLN B C   1 
ATOM   636  O  O   . GLN B 1 33 ? -2.498  15.253  5.639   1.00 25.33 ? 362 GLN B O   1 
ATOM   637  C  CB  . GLN B 1 33 ? -3.746  13.331  7.149   1.00 28.15 ? 362 GLN B CB  1 
ATOM   638  C  CG  . GLN B 1 33 ? -4.497  12.055  7.500   1.00 30.61 ? 362 GLN B CG  1 
ATOM   639  C  CD  . GLN B 1 33 ? -5.978  12.282  7.743   1.00 30.41 ? 362 GLN B CD  1 
ATOM   640  O  OE1 . GLN B 1 33 ? -6.379  13.266  8.360   1.00 32.20 ? 362 GLN B OE1 1 
ATOM   641  N  NE2 . GLN B 1 33 ? -6.798  11.362  7.259   1.00 31.19 ? 362 GLN B NE2 1 
ATOM   642  N  N   . LYS B 1 34 ? -0.431  14.449  5.925   1.00 26.90 ? 363 LYS B N   1 
ATOM   643  C  CA  . LYS B 1 34 ? 0.182   15.584  5.249   1.00 26.55 ? 363 LYS B CA  1 
ATOM   644  C  C   . LYS B 1 34 ? 0.390   15.147  3.807   1.00 25.55 ? 363 LYS B C   1 
ATOM   645  O  O   . LYS B 1 34 ? 0.453   13.948  3.517   1.00 25.65 ? 363 LYS B O   1 
ATOM   646  C  CB  . LYS B 1 34 ? 1.548   15.918  5.851   1.00 28.11 ? 363 LYS B CB  1 
ATOM   647  C  CG  . LYS B 1 34 ? 1.510   16.530  7.228   1.00 32.64 ? 363 LYS B CG  1 
ATOM   648  C  CD  . LYS B 1 34 ? 2.921   16.774  7.731   1.00 36.42 ? 363 LYS B CD  1 
ATOM   649  C  CE  . LYS B 1 34 ? 2.914   17.425  9.096   1.00 38.43 ? 363 LYS B CE  1 
ATOM   650  N  NZ  . LYS B 1 34 ? 4.297   17.664  9.584   1.00 43.06 ? 363 LYS B NZ  1 
ATOM   651  N  N   . TRP B 1 35 ? 0.449   16.113  2.901   1.00 24.01 ? 364 TRP B N   1 
ATOM   652  C  CA  . TRP B 1 35 ? 0.702   15.823  1.500   1.00 23.14 ? 364 TRP B CA  1 
ATOM   653  C  C   . TRP B 1 35 ? 2.209   15.867  1.269   1.00 24.67 ? 364 TRP B C   1 
ATOM   654  O  O   . TRP B 1 35 ? 2.917   16.661  1.897   1.00 26.42 ? 364 TRP B O   1 
ATOM   655  C  CB  . TRP B 1 35 ? 0.008   16.843  0.607   1.00 21.95 ? 364 TRP B CB  1 
ATOM   656  C  CG  . TRP B 1 35 ? -1.441  16.556  0.424   1.00 22.35 ? 364 TRP B CG  1 
ATOM   657  C  CD1 . TRP B 1 35 ? -2.483  17.147  1.076   1.00 22.27 ? 364 TRP B CD1 1 
ATOM   658  C  CD2 . TRP B 1 35 ? -2.014  15.586  -0.462  1.00 20.15 ? 364 TRP B CD2 1 
ATOM   659  N  NE1 . TRP B 1 35 ? -3.670  16.604  0.652   1.00 22.52 ? 364 TRP B NE1 1 
ATOM   660  C  CE2 . TRP B 1 35 ? -3.413  15.644  -0.292  1.00 22.22 ? 364 TRP B CE2 1 
ATOM   661  C  CE3 . TRP B 1 35 ? -1.482  14.675  -1.383  1.00 20.87 ? 364 TRP B CE3 1 
ATOM   662  C  CZ2 . TRP B 1 35 ? -4.292  14.823  -1.014  1.00 23.06 ? 364 TRP B CZ2 1 
ATOM   663  C  CZ3 . TRP B 1 35 ? -2.355  13.857  -2.100  1.00 21.33 ? 364 TRP B CZ3 1 
ATOM   664  C  CH2 . TRP B 1 35 ? -3.746  13.939  -1.910  1.00 22.09 ? 364 TRP B CH2 1 
ATOM   665  N  N   . PHE B 1 36 ? 2.702   14.976  0.414   1.00 23.82 ? 365 PHE B N   1 
ATOM   666  C  CA  . PHE B 1 36 ? 4.125   14.920  0.096   1.00 23.58 ? 365 PHE B CA  1 
ATOM   667  C  C   . PHE B 1 36 ? 4.321   14.858  -1.410  1.00 25.62 ? 365 PHE B C   1 
ATOM   668  O  O   . PHE B 1 36 ? 3.636   14.091  -2.097  1.00 26.45 ? 365 PHE B O   1 
ATOM   669  C  CB  . PHE B 1 36 ? 4.780   13.668  0.696   1.00 22.69 ? 365 PHE B CB  1 
ATOM   670  C  CG  . PHE B 1 36 ? 4.749   13.607  2.196   1.00 25.40 ? 365 PHE B CG  1 
ATOM   671  C  CD1 . PHE B 1 36 ? 3.553   13.393  2.879   1.00 24.12 ? 365 PHE B CD1 1 
ATOM   672  C  CD2 . PHE B 1 36 ? 5.928   13.732  2.930   1.00 26.35 ? 365 PHE B CD2 1 
ATOM   673  C  CE1 . PHE B 1 36 ? 3.532   13.303  4.266   1.00 27.67 ? 365 PHE B CE1 1 
ATOM   674  C  CE2 . PHE B 1 36 ? 5.923   13.645  4.323   1.00 25.22 ? 365 PHE B CE2 1 
ATOM   675  C  CZ  . PHE B 1 36 ? 4.722   13.429  4.994   1.00 26.62 ? 365 PHE B CZ  1 
ATOM   676  N  N   . HIS B 1 37 ? 5.234   15.680  -1.929  1.00 25.95 ? 366 HIS B N   1 
ATOM   677  C  CA  . HIS B 1 37 ? 5.537   15.653  -3.354  1.00 26.91 ? 366 HIS B CA  1 
ATOM   678  C  C   . HIS B 1 37 ? 6.173   14.293  -3.611  1.00 27.93 ? 366 HIS B C   1 
ATOM   679  O  O   . HIS B 1 37 ? 7.033   13.849  -2.842  1.00 30.63 ? 366 HIS B O   1 
ATOM   680  C  CB  . HIS B 1 37 ? 6.553   16.730  -3.737  1.00 25.13 ? 366 HIS B CB  1 
ATOM   681  C  CG  . HIS B 1 37 ? 6.000   18.120  -3.747  1.00 27.16 ? 366 HIS B CG  1 
ATOM   682  N  ND1 . HIS B 1 37 ? 6.478   19.118  -2.924  1.00 25.23 ? 366 HIS B ND1 1 
ATOM   683  C  CD2 . HIS B 1 37 ? 5.034   18.691  -4.508  1.00 26.35 ? 366 HIS B CD2 1 
ATOM   684  C  CE1 . HIS B 1 37 ? 5.835   20.242  -3.180  1.00 26.31 ? 366 HIS B CE1 1 
ATOM   685  N  NE2 . HIS B 1 37 ? 4.953   20.010  -4.136  1.00 27.14 ? 366 HIS B NE2 1 
ATOM   686  N  N   . ARG B 1 38 ? 5.750   13.635  -4.685  1.00 26.94 ? 367 ARG B N   1 
ATOM   687  C  CA  . ARG B 1 38 ? 6.285   12.329  -5.059  1.00 27.15 ? 367 ARG B CA  1 
ATOM   688  C  C   . ARG B 1 38 ? 7.811   12.405  -5.133  1.00 27.21 ? 367 ARG B C   1 
ATOM   689  O  O   . ARG B 1 38 ? 8.515   11.569  -4.562  1.00 27.26 ? 367 ARG B O   1 
ATOM   690  C  CB  . ARG B 1 38 ? 5.716   11.926  -6.414  1.00 28.22 ? 367 ARG B CB  1 
ATOM   691  C  CG  . ARG B 1 38 ? 5.697   10.440  -6.685  1.00 30.97 ? 367 ARG B CG  1 
ATOM   692  C  CD  . ARG B 1 38 ? 6.710   10.029  -7.730  1.00 29.86 ? 367 ARG B CD  1 
ATOM   693  N  NE  . ARG B 1 38 ? 6.729   10.922  -8.884  1.00 26.88 ? 367 ARG B NE  1 
ATOM   694  C  CZ  . ARG B 1 38 ? 7.803   11.119  -9.642  1.00 28.31 ? 367 ARG B CZ  1 
ATOM   695  N  NH1 . ARG B 1 38 ? 8.937   10.477  -9.367  1.00 20.81 ? 367 ARG B NH1 1 
ATOM   696  N  NH2 . ARG B 1 38 ? 7.755   11.977  -10.655 1.00 25.70 ? 367 ARG B NH2 1 
ATOM   697  N  N   . ILE B 1 39 ? 8.304   13.456  -5.789  1.00 26.48 ? 368 ILE B N   1 
ATOM   698  C  CA  . ILE B 1 39 ? 9.734   13.684  -5.952  1.00 27.10 ? 368 ILE B CA  1 
ATOM   699  C  C   . ILE B 1 39 ? 10.497  13.773  -4.622  1.00 27.80 ? 368 ILE B C   1 
ATOM   700  O  O   . ILE B 1 39 ? 11.580  13.196  -4.482  1.00 27.93 ? 368 ILE B O   1 
ATOM   701  C  CB  . ILE B 1 39 ? 9.990   14.944  -6.819  1.00 26.96 ? 368 ILE B CB  1 
ATOM   702  C  CG1 . ILE B 1 39 ? 9.561   14.664  -8.266  1.00 30.33 ? 368 ILE B CG1 1 
ATOM   703  C  CG2 . ILE B 1 39 ? 11.461  15.341  -6.789  1.00 26.98 ? 368 ILE B CG2 1 
ATOM   704  C  CD1 . ILE B 1 39 ? 9.596   15.894  -9.182  1.00 29.34 ? 368 ILE B CD1 1 
ATOM   705  N  N   . CYS B 1 40 ? 9.924   14.455  -3.638  1.00 26.32 ? 369 CYS B N   1 
ATOM   706  C  CA  . CYS B 1 40 ? 10.584  14.597  -2.345  1.00 26.80 ? 369 CYS B CA  1 
ATOM   707  C  C   . CYS B 1 40 ? 10.713  13.282  -1.592  1.00 27.59 ? 369 CYS B C   1 
ATOM   708  O  O   . CYS B 1 40 ? 11.679  13.072  -0.862  1.00 30.43 ? 369 CYS B O   1 
ATOM   709  C  CB  . CYS B 1 40 ? 9.866   15.636  -1.484  1.00 26.73 ? 369 CYS B CB  1 
ATOM   710  S  SG  . CYS B 1 40 ? 9.794   17.276  -2.251  1.00 26.83 ? 369 CYS B SG  1 
ATOM   711  N  N   . THR B 1 41 ? 9.744   12.392  -1.780  1.00 29.35 ? 370 THR B N   1 
ATOM   712  C  CA  . THR B 1 41 ? 9.745   11.092  -1.109  1.00 28.12 ? 370 THR B CA  1 
ATOM   713  C  C   . THR B 1 41 ? 10.735  10.116  -1.733  1.00 27.96 ? 370 THR B C   1 
ATOM   714  O  O   . THR B 1 41 ? 11.118  9.130   -1.102  1.00 28.16 ? 370 THR B O   1 
ATOM   715  C  CB  . THR B 1 41 ? 8.346   10.435  -1.144  1.00 28.76 ? 370 THR B CB  1 
ATOM   716  O  OG1 . THR B 1 41 ? 8.069   9.955   -2.467  1.00 29.05 ? 370 THR B OG1 1 
ATOM   717  C  CG2 . THR B 1 41 ? 7.279   11.436  -0.749  1.00 26.38 ? 370 THR B CG2 1 
ATOM   718  N  N   . GLY B 1 42 ? 11.128  10.382  -2.976  1.00 28.65 ? 371 GLY B N   1 
ATOM   719  C  CA  . GLY B 1 42 ? 12.061  9.502   -3.667  1.00 29.42 ? 371 GLY B CA  1 
ATOM   720  C  C   . GLY B 1 42 ? 11.357  8.314   -4.300  1.00 30.48 ? 371 GLY B C   1 
ATOM   721  O  O   . GLY B 1 42 ? 11.998  7.362   -4.745  1.00 31.44 ? 371 GLY B O   1 
HETATM 722  N  N   . MSE B 1 43 ? 10.029  8.371   -4.325  1.00 30.77 ? 372 MSE B N   1 
HETATM 723  C  CA  . MSE B 1 43 ? 9.197   7.319   -4.896  1.00 30.27 ? 372 MSE B CA  1 
HETATM 724  C  C   . MSE B 1 43 ? 9.197   7.430   -6.419  1.00 29.12 ? 372 MSE B C   1 
HETATM 725  O  O   . MSE B 1 43 ? 9.193   8.532   -6.963  1.00 29.77 ? 372 MSE B O   1 
HETATM 726  C  CB  . MSE B 1 43 ? 7.772   7.470   -4.364  1.00 32.52 ? 372 MSE B CB  1 
HETATM 727  C  CG  . MSE B 1 43 ? 6.764   6.469   -4.896  1.00 35.19 ? 372 MSE B CG  1 
HETATM 728  SE SE  . MSE B 1 43 ? 4.994   6.940   -4.301  1.00 40.66 ? 372 MSE B SE  1 
HETATM 729  C  CE  . MSE B 1 43 ? 5.244   6.612   -2.423  1.00 39.10 ? 372 MSE B CE  1 
ATOM   730  N  N   . THR B 1 44 ? 9.210   6.291   -7.104  1.00 28.05 ? 373 THR B N   1 
ATOM   731  C  CA  . THR B 1 44 ? 9.208   6.284   -8.566  1.00 28.52 ? 373 THR B CA  1 
ATOM   732  C  C   . THR B 1 44 ? 7.803   6.542   -9.100  1.00 30.07 ? 373 THR B C   1 
ATOM   733  O  O   . THR B 1 44 ? 6.814   6.393   -8.378  1.00 31.06 ? 373 THR B O   1 
ATOM   734  C  CB  . THR B 1 44 ? 9.685   4.930   -9.133  1.00 27.84 ? 373 THR B CB  1 
ATOM   735  O  OG1 . THR B 1 44 ? 8.763   3.899   -8.757  1.00 29.08 ? 373 THR B OG1 1 
ATOM   736  C  CG2 . THR B 1 44 ? 11.065  4.586   -8.609  1.00 24.74 ? 373 THR B CG2 1 
ATOM   737  N  N   . GLU B 1 45 ? 7.716   6.916   -10.370 1.00 30.91 ? 374 GLU B N   1 
ATOM   738  C  CA  . GLU B 1 45 ? 6.425   7.170   -10.993 1.00 31.20 ? 374 GLU B CA  1 
ATOM   739  C  C   . GLU B 1 45 ? 5.570   5.898   -11.022 1.00 30.65 ? 374 GLU B C   1 
ATOM   740  O  O   . GLU B 1 45 ? 4.362   5.952   -10.772 1.00 30.51 ? 374 GLU B O   1 
ATOM   741  C  CB  . GLU B 1 45 ? 6.613   7.712   -12.409 1.00 32.45 ? 374 GLU B CB  1 
ATOM   742  C  CG  . GLU B 1 45 ? 7.292   9.058   -12.462 1.00 35.85 ? 374 GLU B CG  1 
ATOM   743  C  CD  . GLU B 1 45 ? 7.434   9.585   -13.874 1.00 40.71 ? 374 GLU B CD  1 
ATOM   744  O  OE1 . GLU B 1 45 ? 6.394   9.880   -14.506 1.00 42.20 ? 374 GLU B OE1 1 
ATOM   745  O  OE2 . GLU B 1 45 ? 8.587   9.708   -14.348 1.00 41.06 ? 374 GLU B OE2 1 
ATOM   746  N  N   . THR B 1 46 ? 6.201   4.758   -11.302 1.00 28.58 ? 375 THR B N   1 
ATOM   747  C  CA  . THR B 1 46 ? 5.490   3.483   -11.354 1.00 28.84 ? 375 THR B CA  1 
ATOM   748  C  C   . THR B 1 46 ? 4.881   3.112   -9.996  1.00 28.80 ? 375 THR B C   1 
ATOM   749  O  O   . THR B 1 46 ? 3.712   2.730   -9.922  1.00 29.53 ? 375 THR B O   1 
ATOM   750  C  CB  . THR B 1 46 ? 6.396   2.335   -11.876 1.00 29.10 ? 375 THR B CB  1 
ATOM   751  O  OG1 . THR B 1 46 ? 6.834   2.638   -13.209 1.00 27.31 ? 375 THR B OG1 1 
ATOM   752  C  CG2 . THR B 1 46 ? 5.633   1.019   -11.902 1.00 27.50 ? 375 THR B CG2 1 
ATOM   753  N  N   . ALA B 1 47 ? 5.659   3.246   -8.924  1.00 28.60 ? 376 ALA B N   1 
ATOM   754  C  CA  . ALA B 1 47 ? 5.158   2.947   -7.580  1.00 27.93 ? 376 ALA B CA  1 
ATOM   755  C  C   . ALA B 1 47 ? 4.037   3.933   -7.242  1.00 27.70 ? 376 ALA B C   1 
ATOM   756  O  O   . ALA B 1 47 ? 3.020   3.557   -6.670  1.00 30.59 ? 376 ALA B O   1 
ATOM   757  C  CB  . ALA B 1 47 ? 6.280   3.049   -6.552  1.00 26.27 ? 376 ALA B CB  1 
ATOM   758  N  N   . TYR B 1 48 ? 4.224   5.190   -7.629  1.00 26.52 ? 377 TYR B N   1 
ATOM   759  C  CA  . TYR B 1 48 ? 3.236   6.233   -7.381  1.00 26.99 ? 377 TYR B CA  1 
ATOM   760  C  C   . TYR B 1 48 ? 1.924   5.960   -8.115  1.00 27.48 ? 377 TYR B C   1 
ATOM   761  O  O   . TYR B 1 48 ? 0.843   6.160   -7.555  1.00 28.00 ? 377 TYR B O   1 
ATOM   762  C  CB  . TYR B 1 48 ? 3.791   7.594   -7.812  1.00 26.09 ? 377 TYR B CB  1 
ATOM   763  C  CG  . TYR B 1 48 ? 2.777   8.716   -7.794  1.00 26.18 ? 377 TYR B CG  1 
ATOM   764  C  CD1 . TYR B 1 48 ? 2.471   9.389   -6.613  1.00 27.05 ? 377 TYR B CD1 1 
ATOM   765  C  CD2 . TYR B 1 48 ? 2.133   9.113   -8.962  1.00 27.00 ? 377 TYR B CD2 1 
ATOM   766  C  CE1 . TYR B 1 48 ? 1.555   10.433  -6.597  1.00 28.05 ? 377 TYR B CE1 1 
ATOM   767  C  CE2 . TYR B 1 48 ? 1.212   10.156  -8.957  1.00 27.84 ? 377 TYR B CE2 1 
ATOM   768  C  CZ  . TYR B 1 48 ? 0.930   10.812  -7.774  1.00 27.78 ? 377 TYR B CZ  1 
ATOM   769  O  OH  . TYR B 1 48 ? 0.043   11.862  -7.773  1.00 30.66 ? 377 TYR B OH  1 
ATOM   770  N  N   . GLY B 1 49 ? 2.029   5.554   -9.379  1.00 25.53 ? 378 GLY B N   1 
ATOM   771  C  CA  . GLY B 1 49 ? 0.848   5.268   -10.172 1.00 26.26 ? 378 GLY B CA  1 
ATOM   772  C  C   . GLY B 1 49 ? 0.003   4.178   -9.544  1.00 27.77 ? 378 GLY B C   1 
ATOM   773  O  O   . GLY B 1 49 ? -1.224  4.285   -9.492  1.00 27.37 ? 378 GLY B O   1 
ATOM   774  N  N   . LEU B 1 50 ? 0.666   3.139   -9.042  1.00 28.42 ? 379 LEU B N   1 
ATOM   775  C  CA  . LEU B 1 50 ? -0.015  2.022   -8.400  1.00 30.79 ? 379 LEU B CA  1 
ATOM   776  C  C   . LEU B 1 50 ? -0.697  2.462   -7.104  1.00 32.35 ? 379 LEU B C   1 
ATOM   777  O  O   . LEU B 1 50 ? -1.884  2.203   -6.910  1.00 33.16 ? 379 LEU B O   1 
ATOM   778  C  CB  . LEU B 1 50 ? 0.979   0.876   -8.144  1.00 31.81 ? 379 LEU B CB  1 
ATOM   779  C  CG  . LEU B 1 50 ? 0.569   -0.488  -7.567  1.00 32.70 ? 379 LEU B CG  1 
ATOM   780  C  CD1 . LEU B 1 50 ? 0.768   -0.528  -6.064  1.00 34.52 ? 379 LEU B CD1 1 
ATOM   781  C  CD2 . LEU B 1 50 ? -0.859  -0.839  -7.945  1.00 34.89 ? 379 LEU B CD2 1 
ATOM   782  N  N   . LEU B 1 51 ? 0.029   3.187   -6.254  1.00 32.12 ? 380 LEU B N   1 
ATOM   783  C  CA  . LEU B 1 51 ? -0.520  3.642   -4.979  1.00 34.13 ? 380 LEU B CA  1 
ATOM   784  C  C   . LEU B 1 51 ? -1.727  4.570   -5.074  1.00 36.76 ? 380 LEU B C   1 
ATOM   785  O  O   . LEU B 1 51 ? -2.732  4.358   -4.384  1.00 36.99 ? 380 LEU B O   1 
ATOM   786  C  CB  . LEU B 1 51 ? 0.566   4.282   -4.115  1.00 32.48 ? 380 LEU B CB  1 
ATOM   787  C  CG  . LEU B 1 51 ? 1.584   3.300   -3.534  1.00 32.14 ? 380 LEU B CG  1 
ATOM   788  C  CD1 . LEU B 1 51 ? 2.644   4.032   -2.745  1.00 31.79 ? 380 LEU B CD1 1 
ATOM   789  C  CD2 . LEU B 1 51 ? 0.872   2.290   -2.661  1.00 30.44 ? 380 LEU B CD2 1 
ATOM   790  N  N   . THR B 1 52 ? -1.632  5.593   -5.921  1.00 38.99 ? 381 THR B N   1 
ATOM   791  C  CA  . THR B 1 52 ? -2.727  6.543   -6.084  1.00 42.52 ? 381 THR B CA  1 
ATOM   792  C  C   . THR B 1 52 ? -3.950  5.955   -6.788  1.00 43.78 ? 381 THR B C   1 
ATOM   793  O  O   . THR B 1 52 ? -5.076  6.379   -6.540  1.00 45.85 ? 381 THR B O   1 
ATOM   794  C  CB  . THR B 1 52 ? -2.272  7.835   -6.800  1.00 43.04 ? 381 THR B CB  1 
ATOM   795  O  OG1 . THR B 1 52 ? -1.605  7.508   -8.026  1.00 42.78 ? 381 THR B OG1 1 
ATOM   796  C  CG2 . THR B 1 52 ? -1.341  8.633   -5.901  1.00 43.19 ? 381 THR B CG2 1 
ATOM   797  N  N   . ALA B 1 53 ? -3.727  4.976   -7.656  1.00 44.73 ? 382 ALA B N   1 
ATOM   798  C  CA  . ALA B 1 53 ? -4.824  4.338   -8.366  1.00 46.46 ? 382 ALA B CA  1 
ATOM   799  C  C   . ALA B 1 53 ? -5.515  3.324   -7.455  1.00 48.88 ? 382 ALA B C   1 
ATOM   800  O  O   . ALA B 1 53 ? -6.744  3.236   -7.425  1.00 49.67 ? 382 ALA B O   1 
ATOM   801  C  CB  . ALA B 1 53 ? -4.308  3.649   -9.615  1.00 46.28 ? 382 ALA B CB  1 
ATOM   802  N  N   . GLU B 1 54 ? -4.712  2.568   -6.709  1.00 50.31 ? 383 GLU B N   1 
ATOM   803  C  CA  . GLU B 1 54 ? -5.218  1.546   -5.801  1.00 50.13 ? 383 GLU B CA  1 
ATOM   804  C  C   . GLU B 1 54 ? -5.602  2.112   -4.433  1.00 49.91 ? 383 GLU B C   1 
ATOM   805  O  O   . GLU B 1 54 ? -4.747  2.586   -3.676  1.00 50.60 ? 383 GLU B O   1 
ATOM   806  C  CB  . GLU B 1 54 ? -4.180  0.429   -5.644  1.00 51.11 ? 383 GLU B CB  1 
ATOM   807  C  CG  . GLU B 1 54 ? -4.663  -0.781  -4.861  1.00 56.24 ? 383 GLU B CG  1 
ATOM   808  C  CD  . GLU B 1 54 ? -5.920  -1.392  -5.454  1.00 59.46 ? 383 GLU B CD  1 
ATOM   809  O  OE1 . GLU B 1 54 ? -5.827  -2.029  -6.528  1.00 61.02 ? 383 GLU B OE1 1 
ATOM   810  O  OE2 . GLU B 1 54 ? -7.003  -1.226  -4.848  1.00 60.60 ? 383 GLU B OE2 1 
ATOM   811  N  N   . ALA B 1 55 ? -6.896  2.062   -4.126  1.00 49.64 ? 384 ALA B N   1 
ATOM   812  C  CA  . ALA B 1 55 ? -7.414  2.557   -2.852  1.00 48.18 ? 384 ALA B CA  1 
ATOM   813  C  C   . ALA B 1 55 ? -7.073  1.589   -1.725  1.00 47.28 ? 384 ALA B C   1 
ATOM   814  O  O   . ALA B 1 55 ? -6.915  1.994   -0.573  1.00 48.63 ? 384 ALA B O   1 
ATOM   815  C  CB  . ALA B 1 55 ? -8.917  2.756   -2.939  1.00 48.16 ? 384 ALA B CB  1 
ATOM   816  N  N   . SER B 1 56 ? -6.952  0.309   -2.070  1.00 45.13 ? 385 SER B N   1 
ATOM   817  C  CA  . SER B 1 56 ? -6.620  -0.729  -1.102  1.00 43.83 ? 385 SER B CA  1 
ATOM   818  C  C   . SER B 1 56 ? -5.204  -0.557  -0.541  1.00 43.28 ? 385 SER B C   1 
ATOM   819  O  O   . SER B 1 56 ? -4.926  -0.941  0.596   1.00 43.33 ? 385 SER B O   1 
ATOM   820  C  CB  . SER B 1 56 ? -6.756  -2.105  -1.747  1.00 44.25 ? 385 SER B CB  1 
ATOM   821  O  OG  . SER B 1 56 ? -8.078  -2.318  -2.208  1.00 45.23 ? 385 SER B OG  1 
ATOM   822  N  N   . ALA B 1 57 ? -4.318  0.027   -1.343  1.00 41.00 ? 386 ALA B N   1 
ATOM   823  C  CA  . ALA B 1 57 ? -2.940  0.256   -0.928  1.00 39.30 ? 386 ALA B CA  1 
ATOM   824  C  C   . ALA B 1 57 ? -2.753  1.689   -0.439  1.00 38.00 ? 386 ALA B C   1 
ATOM   825  O  O   . ALA B 1 57 ? -2.845  2.640   -1.215  1.00 38.44 ? 386 ALA B O   1 
ATOM   826  C  CB  . ALA B 1 57 ? -1.983  -0.042  -2.081  1.00 38.43 ? 386 ALA B CB  1 
ATOM   827  N  N   . VAL B 1 58 ? -2.520  1.835   0.861   1.00 36.17 ? 387 VAL B N   1 
ATOM   828  C  CA  . VAL B 1 58 ? -2.316  3.149   1.451   1.00 35.26 ? 387 VAL B CA  1 
ATOM   829  C  C   . VAL B 1 58 ? -0.841  3.339   1.786   1.00 34.13 ? 387 VAL B C   1 
ATOM   830  O  O   . VAL B 1 58 ? -0.136  2.386   2.131   1.00 34.17 ? 387 VAL B O   1 
ATOM   831  C  CB  . VAL B 1 58 ? -3.187  3.364   2.717   1.00 36.38 ? 387 VAL B CB  1 
ATOM   832  C  CG1 . VAL B 1 58 ? -4.659  3.157   2.388   1.00 38.16 ? 387 VAL B CG1 1 
ATOM   833  C  CG2 . VAL B 1 58 ? -2.754  2.448   3.834   1.00 36.59 ? 387 VAL B CG2 1 
ATOM   834  N  N   . TRP B 1 59 ? -0.388  4.583   1.685   1.00 30.81 ? 388 TRP B N   1 
ATOM   835  C  CA  . TRP B 1 59 ? 1.000   4.929   1.942   1.00 27.27 ? 388 TRP B CA  1 
ATOM   836  C  C   . TRP B 1 59 ? 1.201   5.674   3.254   1.00 27.68 ? 388 TRP B C   1 
ATOM   837  O  O   . TRP B 1 59 ? 0.315   6.392   3.724   1.00 27.54 ? 388 TRP B O   1 
ATOM   838  C  CB  . TRP B 1 59 ? 1.514   5.775   0.779   1.00 24.44 ? 388 TRP B CB  1 
ATOM   839  C  CG  . TRP B 1 59 ? 2.931   6.255   0.896   1.00 22.67 ? 388 TRP B CG  1 
ATOM   840  C  CD1 . TRP B 1 59 ? 4.056   5.579   0.530   1.00 21.95 ? 388 TRP B CD1 1 
ATOM   841  C  CD2 . TRP B 1 59 ? 3.362   7.559   1.309   1.00 21.49 ? 388 TRP B CD2 1 
ATOM   842  N  NE1 . TRP B 1 59 ? 5.161   6.385   0.670   1.00 22.20 ? 388 TRP B NE1 1 
ATOM   843  C  CE2 . TRP B 1 59 ? 4.764   7.606   1.146   1.00 21.74 ? 388 TRP B CE2 1 
ATOM   844  C  CE3 . TRP B 1 59 ? 2.699   8.695   1.790   1.00 20.16 ? 388 TRP B CE3 1 
ATOM   845  C  CZ2 . TRP B 1 59 ? 5.518   8.751   1.446   1.00 21.82 ? 388 TRP B CZ2 1 
ATOM   846  C  CZ3 . TRP B 1 59 ? 3.450   9.834   2.088   1.00 20.95 ? 388 TRP B CZ3 1 
ATOM   847  C  CH2 . TRP B 1 59 ? 4.844   9.850   1.913   1.00 17.11 ? 388 TRP B CH2 1 
ATOM   848  N  N   . GLY B 1 60 ? 2.386   5.500   3.829   1.00 29.02 ? 389 GLY B N   1 
ATOM   849  C  CA  . GLY B 1 60 ? 2.737   6.167   5.066   1.00 29.38 ? 389 GLY B CA  1 
ATOM   850  C  C   . GLY B 1 60 ? 4.111   6.780   4.911   1.00 30.74 ? 389 GLY B C   1 
ATOM   851  O  O   . GLY B 1 60 ? 4.981   6.176   4.279   1.00 29.55 ? 389 GLY B O   1 
ATOM   852  N  N   . CYS B 1 61 ? 4.302   7.992   5.431   1.00 32.06 ? 390 CYS B N   1 
ATOM   853  C  CA  . CYS B 1 61 ? 5.600   8.659   5.334   1.00 32.41 ? 390 CYS B CA  1 
ATOM   854  C  C   . CYS B 1 61 ? 6.608   8.006   6.276   1.00 34.24 ? 390 CYS B C   1 
ATOM   855  O  O   . CYS B 1 61 ? 6.236   7.199   7.126   1.00 33.64 ? 390 CYS B O   1 
ATOM   856  C  CB  . CYS B 1 61 ? 5.476   10.156  5.637   1.00 32.94 ? 390 CYS B CB  1 
ATOM   857  S  SG  . CYS B 1 61 ? 5.028   10.593  7.336   1.00 29.73 ? 390 CYS B SG  1 
ATOM   858  N  N   . ASP B 1 62 ? 7.879   8.367   6.126   1.00 37.10 ? 391 ASP B N   1 
ATOM   859  C  CA  . ASP B 1 62 ? 8.948   7.799   6.946   1.00 38.68 ? 391 ASP B CA  1 
ATOM   860  C  C   . ASP B 1 62 ? 8.736   7.947   8.443   1.00 40.21 ? 391 ASP B C   1 
ATOM   861  O  O   . ASP B 1 62 ? 9.002   7.017   9.201   1.00 41.28 ? 391 ASP B O   1 
ATOM   862  C  CB  . ASP B 1 62 ? 10.301  8.388   6.547   1.00 39.87 ? 391 ASP B CB  1 
ATOM   863  C  CG  . ASP B 1 62 ? 10.733  7.967   5.155   1.00 41.12 ? 391 ASP B CG  1 
ATOM   864  O  OD1 . ASP B 1 62 ? 11.485  8.728   4.512   1.00 43.31 ? 391 ASP B OD1 1 
ATOM   865  O  OD2 . ASP B 1 62 ? 10.325  6.879   4.696   1.00 40.95 ? 391 ASP B OD2 1 
ATOM   866  N  N   . THR B 1 63 ? 8.239   9.108   8.858   1.00 42.00 ? 392 THR B N   1 
ATOM   867  C  CA  . THR B 1 63 ? 7.983   9.386   10.268  1.00 42.64 ? 392 THR B CA  1 
ATOM   868  C  C   . THR B 1 63 ? 6.888   8.488   10.837  1.00 43.60 ? 392 THR B C   1 
ATOM   869  O  O   . THR B 1 63 ? 7.049   7.909   11.909  1.00 44.18 ? 392 THR B O   1 
ATOM   870  C  CB  . THR B 1 63 ? 7.558   10.849  10.478  1.00 42.70 ? 392 THR B CB  1 
ATOM   871  O  OG1 . THR B 1 63 ? 8.517   11.716  9.865   1.00 43.43 ? 392 THR B OG1 1 
ATOM   872  C  CG2 . THR B 1 63 ? 7.464   11.171  11.965  1.00 40.56 ? 392 THR B CG2 1 
ATOM   873  N  N   . CYS B 1 64 ? 5.775   8.388   10.117  1.00 44.92 ? 393 CYS B N   1 
ATOM   874  C  CA  . CYS B 1 64 ? 4.644   7.580   10.553  1.00 45.84 ? 393 CYS B CA  1 
ATOM   875  C  C   . CYS B 1 64 ? 4.903   6.085   10.479  1.00 48.42 ? 393 CYS B C   1 
ATOM   876  O  O   . CYS B 1 64 ? 4.327   5.318   11.246  1.00 49.36 ? 393 CYS B O   1 
ATOM   877  C  CB  . CYS B 1 64 ? 3.398   7.923   9.738   1.00 44.49 ? 393 CYS B CB  1 
ATOM   878  S  SG  . CYS B 1 64 ? 2.803   9.597   9.980   1.00 39.42 ? 393 CYS B SG  1 
HETATM 879  N  N   . MSE B 1 65 ? 5.742   5.667   9.538   1.00 51.55 ? 394 MSE B N   1 
HETATM 880  C  CA  . MSE B 1 65 ? 6.052   4.252   9.393   1.00 55.97 ? 394 MSE B CA  1 
HETATM 881  C  C   . MSE B 1 65 ? 6.955   3.772   10.520  1.00 57.95 ? 394 MSE B C   1 
HETATM 882  O  O   . MSE B 1 65 ? 6.803   2.654   11.011  1.00 57.86 ? 394 MSE B O   1 
HETATM 883  C  CB  . MSE B 1 65 ? 6.659   3.960   8.020   1.00 57.53 ? 394 MSE B CB  1 
HETATM 884  C  CG  . MSE B 1 65 ? 5.649   4.063   6.886   1.00 61.26 ? 394 MSE B CG  1 
HETATM 885  SE SE  . MSE B 1 65 ? 4.199   2.771   7.009   1.00 66.76 ? 394 MSE B SE  1 
HETATM 886  C  CE  . MSE B 1 65 ? 3.022   3.688   8.226   1.00 65.00 ? 394 MSE B CE  1 
ATOM   887  N  N   . ALA B 1 66 ? 7.864   4.642   10.953  1.00 60.25 ? 395 ALA B N   1 
ATOM   888  C  CA  . ALA B 1 66 ? 8.767   4.324   12.053  1.00 63.36 ? 395 ALA B CA  1 
ATOM   889  C  C   . ALA B 1 66 ? 7.991   4.411   13.372  1.00 65.44 ? 395 ALA B C   1 
ATOM   890  O  O   . ALA B 1 66 ? 8.568   4.293   14.452  1.00 66.07 ? 395 ALA B O   1 
ATOM   891  C  CB  . ALA B 1 66 ? 9.941   5.295   12.065  1.00 63.11 ? 395 ALA B CB  1 
ATOM   892  N  N   . ASP B 1 67 ? 6.676   4.613   13.256  1.00 68.18 ? 396 ASP B N   1 
ATOM   893  C  CA  . ASP B 1 67 ? 5.749   4.731   14.385  1.00 70.54 ? 396 ASP B CA  1 
ATOM   894  C  C   . ASP B 1 67 ? 5.889   6.051   15.152  1.00 71.84 ? 396 ASP B C   1 
ATOM   895  O  O   . ASP B 1 67 ? 6.971   6.679   15.090  1.00 72.30 ? 396 ASP B O   1 
ATOM   896  C  CB  . ASP B 1 67 ? 5.873   3.530   15.338  1.00 71.61 ? 396 ASP B CB  1 
ATOM   897  C  CG  . ASP B 1 67 ? 5.593   2.197   14.647  1.00 73.06 ? 396 ASP B CG  1 
ATOM   898  O  OD1 . ASP B 1 67 ? 4.474   2.009   14.121  1.00 72.43 ? 396 ASP B OD1 1 
ATOM   899  O  OD2 . ASP B 1 67 ? 6.500   1.335   14.630  1.00 73.22 ? 396 ASP B OD2 1 
ATOM   900  O  OXT . ASP B 1 67 ? 4.894   6.459   15.793  1.00 73.09 ? 396 ASP B OXT 1 
ATOM   901  N  N   . ALA C 2 1  ? 4.265   -3.452  1.634   1.00 42.36 ? 1   ALA P N   1 
ATOM   902  C  CA  . ALA C 2 1  ? 3.191   -4.434  1.950   1.00 41.24 ? 1   ALA P CA  1 
ATOM   903  C  C   . ALA C 2 1  ? 3.768   -5.825  2.153   1.00 41.95 ? 1   ALA P C   1 
ATOM   904  O  O   . ALA C 2 1  ? 4.556   -6.305  1.337   1.00 42.13 ? 1   ALA P O   1 
ATOM   905  C  CB  . ALA C 2 1  ? 2.162   -4.456  0.841   1.00 42.09 ? 1   ALA P CB  1 
ATOM   906  N  N   . ARG C 2 2  ? 3.373   -6.469  3.246   1.00 42.23 ? 2   ARG P N   1 
ATOM   907  C  CA  . ARG C 2 2  ? 3.846   -7.810  3.556   1.00 43.38 ? 2   ARG P CA  1 
ATOM   908  C  C   . ARG C 2 2  ? 3.272   -8.861  2.600   1.00 42.22 ? 2   ARG P C   1 
ATOM   909  O  O   . ARG C 2 2  ? 2.057   -9.060  2.530   1.00 40.79 ? 2   ARG P O   1 
ATOM   910  C  CB  . ARG C 2 2  ? 3.502   -8.163  5.010   1.00 46.47 ? 2   ARG P CB  1 
ATOM   911  C  CG  . ARG C 2 2  ? 3.857   -9.589  5.420   1.00 52.07 ? 2   ARG P CG  1 
ATOM   912  C  CD  . ARG C 2 2  ? 5.360   -9.847  5.400   1.00 56.52 ? 2   ARG P CD  1 
ATOM   913  N  NE  . ARG C 2 2  ? 5.668   -11.277 5.341   1.00 60.83 ? 2   ARG P NE  1 
ATOM   914  C  CZ  . ARG C 2 2  ? 5.440   -12.145 6.325   1.00 62.40 ? 2   ARG P CZ  1 
ATOM   915  N  NH1 . ARG C 2 2  ? 4.901   -11.740 7.470   1.00 63.11 ? 2   ARG P NH1 1 
ATOM   916  N  NH2 . ARG C 2 2  ? 5.734   -13.430 6.157   1.00 61.12 ? 2   ARG P NH2 1 
ATOM   917  N  N   . THR C 2 3  ? 4.155   -9.505  1.841   1.00 42.12 ? 3   THR P N   1 
ATOM   918  C  CA  . THR C 2 3  ? 3.753   -10.550 0.901   1.00 43.03 ? 3   THR P CA  1 
ATOM   919  C  C   . THR C 2 3  ? 4.546   -11.835 1.159   1.00 45.23 ? 3   THR P C   1 
ATOM   920  O  O   . THR C 2 3  ? 5.518   -11.830 1.916   1.00 45.88 ? 3   THR P O   1 
ATOM   921  C  CB  . THR C 2 3  ? 3.935   -10.115 -0.581  1.00 40.84 ? 3   THR P CB  1 
ATOM   922  O  OG1 . THR C 2 3  ? 5.323   -9.940  -0.874  1.00 37.45 ? 3   THR P OG1 1 
ATOM   923  C  CG2 . THR C 2 3  ? 3.202   -8.813  -0.858  1.00 40.55 ? 3   THR P CG2 1 
HETATM 924  N  N   . M3L C 2 4  ? 4.107   -12.937 0.555   1.00 48.32 ? 4   M3L P N   1 
HETATM 925  C  CA  . M3L C 2 4  ? 4.775   -14.229 0.712   1.00 52.56 ? 4   M3L P CA  1 
HETATM 926  C  CB  . M3L C 2 4  ? 3.891   -15.355 0.175   1.00 50.36 ? 4   M3L P CB  1 
HETATM 927  C  CG  . M3L C 2 4  ? 2.799   -15.795 1.121   1.00 48.54 ? 4   M3L P CG  1 
HETATM 928  C  CD  . M3L C 2 4  ? 3.358   -16.566 2.302   1.00 46.04 ? 4   M3L P CD  1 
HETATM 929  C  CE  . M3L C 2 4  ? 2.256   -16.889 3.290   1.00 44.35 ? 4   M3L P CE  1 
HETATM 930  N  NZ  . M3L C 2 4  ? 2.727   -17.587 4.511   1.00 44.80 ? 4   M3L P NZ  1 
HETATM 931  C  C   . M3L C 2 4  ? 6.124   -14.281 0.008   1.00 56.78 ? 4   M3L P C   1 
HETATM 932  O  O   . M3L C 2 4  ? 6.970   -15.114 0.335   1.00 57.32 ? 4   M3L P O   1 
HETATM 933  C  CM1 . M3L C 2 4  ? 1.484   -17.664 5.303   1.00 44.74 ? 4   M3L P CM1 1 
HETATM 934  C  CM2 . M3L C 2 4  ? 3.160   -18.990 4.264   1.00 44.13 ? 4   M3L P CM2 1 
HETATM 935  C  CM3 . M3L C 2 4  ? 3.670   -16.815 5.368   1.00 43.35 ? 4   M3L P CM3 1 
ATOM   936  N  N   . GLN C 2 5  ? 6.312   -13.394 -0.966  1.00 61.85 ? 5   GLN P N   1 
ATOM   937  C  CA  . GLN C 2 5  ? 7.546   -13.325 -1.740  1.00 66.59 ? 5   GLN P CA  1 
ATOM   938  C  C   . GLN C 2 5  ? 8.737   -12.919 -0.870  1.00 68.92 ? 5   GLN P C   1 
ATOM   939  O  O   . GLN C 2 5  ? 9.161   -11.761 -0.878  1.00 70.64 ? 5   GLN P O   1 
ATOM   940  C  CB  . GLN C 2 5  ? 7.371   -12.338 -2.900  1.00 67.92 ? 5   GLN P CB  1 
ATOM   941  C  CG  . GLN C 2 5  ? 7.794   -12.883 -4.256  1.00 71.14 ? 5   GLN P CG  1 
ATOM   942  C  CD  . GLN C 2 5  ? 9.269   -13.230 -4.315  1.00 74.07 ? 5   GLN P CD  1 
ATOM   943  O  OE1 . GLN C 2 5  ? 10.127  -12.358 -4.173  1.00 76.70 ? 5   GLN P OE1 1 
ATOM   944  N  NE2 . GLN C 2 5  ? 9.572   -14.509 -4.520  1.00 74.20 ? 5   GLN P NE2 1 
ATOM   945  N  N   . THR C 2 6  ? 9.261   -13.884 -0.114  1.00 70.82 ? 6   THR P N   1 
ATOM   946  C  CA  . THR C 2 6  ? 10.403  -13.666 0.777   1.00 73.16 ? 6   THR P CA  1 
ATOM   947  C  C   . THR C 2 6  ? 11.267  -14.925 0.902   1.00 73.66 ? 6   THR P C   1 
ATOM   948  O  O   . THR C 2 6  ? 10.802  -15.914 1.518   1.00 73.10 ? 6   THR P O   1 
ATOM   949  C  CB  . THR C 2 6  ? 9.959   -13.211 2.202   1.00 74.08 ? 6   THR P CB  1 
ATOM   950  O  OG1 . THR C 2 6  ? 8.886   -14.044 2.666   1.00 74.41 ? 6   THR P OG1 1 
ATOM   951  C  CG2 . THR C 2 6  ? 9.521   -11.747 2.205   1.00 73.68 ? 6   THR P CG2 1 
HETATM 952  ZN ZN  . ZN  D 3 .  ? -7.208  -18.032 -2.041  1.00 28.95 ? 401 ZN  A ZN  1 
HETATM 953  ZN ZN  . ZN  E 3 .  ? -8.710  -7.539  5.879   1.00 41.75 ? 402 ZN  A ZN  1 
HETATM 954  ZN ZN  . ZN  F 3 .  ? 8.080   18.546  -1.470  1.00 28.43 ? 403 ZN  B ZN  1 
HETATM 955  ZN ZN  . ZN  G 3 .  ? 2.860   10.703  7.910   1.00 31.76 ? 404 ZN  B ZN  1 
HETATM 956  O  O   . HOH H 4 .  ? -1.997  -16.155 -5.764  1.00 30.51 ? 3   HOH A O   1 
HETATM 957  O  O   . HOH H 4 .  ? -12.155 -22.610 -2.240  1.00 33.69 ? 4   HOH A O   1 
HETATM 958  O  O   . HOH H 4 .  ? 5.137   -10.185 -9.471  1.00 22.45 ? 5   HOH A O   1 
HETATM 959  O  O   . HOH H 4 .  ? 5.737   -16.910 -2.872  1.00 46.93 ? 11  HOH A O   1 
HETATM 960  O  O   . HOH H 4 .  ? -4.659  -16.242 7.000   1.00 42.11 ? 12  HOH A O   1 
HETATM 961  O  O   . HOH H 4 .  ? -6.790  -5.451  -10.861 1.00 56.72 ? 13  HOH A O   1 
HETATM 962  O  O   . HOH H 4 .  ? 5.225   -14.281 -4.026  1.00 48.79 ? 14  HOH A O   1 
HETATM 963  O  O   . HOH H 4 .  ? -4.038  -5.557  -9.605  1.00 36.39 ? 15  HOH A O   1 
HETATM 964  O  O   . HOH H 4 .  ? 1.830   -14.042 9.345   1.00 48.03 ? 21  HOH A O   1 
HETATM 965  O  O   . HOH H 4 .  ? -15.221 3.064   9.828   1.00 53.75 ? 22  HOH A O   1 
HETATM 966  O  O   . HOH H 4 .  ? 4.007   -12.827 -9.629  1.00 46.68 ? 25  HOH A O   1 
HETATM 967  O  O   . HOH H 4 .  ? -16.619 -15.952 -4.062  1.00 50.21 ? 29  HOH A O   1 
HETATM 968  O  O   . HOH H 4 .  ? -0.908  -15.089 9.792   1.00 78.77 ? 32  HOH A O   1 
HETATM 969  O  O   . HOH H 4 .  ? 7.865   6.091   3.923   1.00 39.86 ? 35  HOH A O   1 
HETATM 970  O  O   . HOH H 4 .  ? -11.440 -10.375 6.988   1.00 50.06 ? 38  HOH A O   1 
HETATM 971  O  O   . HOH H 4 .  ? 7.639   -6.757  1.059   1.00 48.39 ? 39  HOH A O   1 
HETATM 972  O  O   . HOH H 4 .  ? 0.870   -8.385  -14.443 1.00 44.56 ? 41  HOH A O   1 
HETATM 973  O  O   . HOH H 4 .  ? -13.700 -7.603  14.847  1.00 50.28 ? 43  HOH A O   1 
HETATM 974  O  O   . HOH H 4 .  ? -6.378  -29.937 5.990   1.00 69.63 ? 47  HOH A O   1 
HETATM 975  O  O   . HOH H 4 .  ? 3.530   -26.584 -1.105  1.00 57.34 ? 50  HOH A O   1 
HETATM 976  O  O   . HOH H 4 .  ? -17.923 1.324   9.803   1.00 77.23 ? 52  HOH A O   1 
HETATM 977  O  O   . HOH H 4 .  ? -6.125  -19.069 11.112  1.00 53.36 ? 53  HOH A O   1 
HETATM 978  O  O   . HOH H 4 .  ? 9.155   5.080   -2.228  1.00 46.89 ? 57  HOH A O   1 
HETATM 979  O  O   . HOH H 4 .  ? -11.173 -17.648 -5.183  1.00 40.12 ? 58  HOH A O   1 
HETATM 980  O  O   . HOH H 4 .  ? 0.963   -17.727 -7.264  1.00 48.14 ? 60  HOH A O   1 
HETATM 981  O  O   . HOH I 4 .  ? 9.018   4.150   -12.494 1.00 21.47 ? 1   HOH B O   1 
HETATM 982  O  O   . HOH I 4 .  ? -7.939  13.297  10.548  1.00 24.57 ? 2   HOH B O   1 
HETATM 983  O  O   . HOH I 4 .  ? 0.381   18.904  3.277   1.00 24.65 ? 6   HOH B O   1 
HETATM 984  O  O   . HOH I 4 .  ? 6.305   15.305  -7.292  1.00 31.59 ? 7   HOH B O   1 
HETATM 985  O  O   . HOH I 4 .  ? -2.427  10.102  -2.221  1.00 35.15 ? 8   HOH B O   1 
HETATM 986  O  O   . HOH I 4 .  ? -2.300  22.372  8.686   1.00 63.42 ? 9   HOH B O   1 
HETATM 987  O  O   . HOH I 4 .  ? 8.813   10.229  3.704   1.00 42.77 ? 10  HOH B O   1 
HETATM 988  O  O   . HOH I 4 .  ? -2.446  6.138   -11.827 1.00 43.16 ? 16  HOH B O   1 
HETATM 989  O  O   . HOH I 4 .  ? 10.515  7.763   -11.719 1.00 40.40 ? 17  HOH B O   1 
HETATM 990  O  O   . HOH I 4 .  ? -7.850  23.084  -1.440  1.00 56.20 ? 18  HOH B O   1 
HETATM 991  O  O   . HOH I 4 .  ? 4.001   10.350  -12.815 1.00 39.45 ? 19  HOH B O   1 
HETATM 992  O  O   . HOH I 4 .  ? 5.760   24.224  -4.927  1.00 52.65 ? 20  HOH B O   1 
HETATM 993  O  O   . HOH I 4 .  ? -2.028  22.371  5.365   1.00 52.82 ? 23  HOH B O   1 
HETATM 994  O  O   . HOH I 4 .  ? -0.387  32.240  -6.380  1.00 74.22 ? 24  HOH B O   1 
HETATM 995  O  O   . HOH I 4 .  ? 11.687  10.470  -10.531 1.00 70.03 ? 26  HOH B O   1 
HETATM 996  O  O   . HOH I 4 .  ? -3.451  23.836  -6.670  1.00 59.55 ? 27  HOH B O   1 
HETATM 997  O  O   . HOH I 4 .  ? 12.397  4.516   -4.611  1.00 34.94 ? 28  HOH B O   1 
HETATM 998  O  O   . HOH I 4 .  ? 0.348   30.621  -3.672  1.00 58.65 ? 30  HOH B O   1 
HETATM 999  O  O   . HOH I 4 .  ? 7.013   18.456  -7.341  1.00 36.66 ? 31  HOH B O   1 
HETATM 1000 O  O   . HOH I 4 .  ? -3.210  22.124  -3.779  1.00 29.88 ? 33  HOH B O   1 
HETATM 1001 O  O   . HOH I 4 .  ? 12.457  23.443  0.535   1.00 38.07 ? 34  HOH B O   1 
HETATM 1002 O  O   . HOH I 4 .  ? -2.006  6.834   0.947   1.00 31.98 ? 36  HOH B O   1 
HETATM 1003 O  O   . HOH I 4 .  ? -8.863  -4.726  -1.633  1.00 58.02 ? 37  HOH B O   1 
HETATM 1004 O  O   . HOH I 4 .  ? -1.660  17.502  -5.955  1.00 46.75 ? 40  HOH B O   1 
HETATM 1005 O  O   . HOH I 4 .  ? 1.077   15.899  -13.055 1.00 60.83 ? 44  HOH B O   1 
HETATM 1006 O  O   . HOH I 4 .  ? 4.334   14.281  9.887   1.00 48.04 ? 45  HOH B O   1 
HETATM 1007 O  O   . HOH I 4 .  ? -4.672  4.964   -1.819  1.00 58.62 ? 46  HOH B O   1 
HETATM 1008 O  O   . HOH I 4 .  ? 11.965  10.136  -7.325  1.00 60.56 ? 48  HOH B O   1 
HETATM 1009 O  O   . HOH I 4 .  ? -2.315  6.942   -1.981  1.00 58.82 ? 49  HOH B O   1 
HETATM 1010 O  O   . HOH I 4 .  ? -0.316  12.861  -10.199 1.00 56.44 ? 51  HOH B O   1 
HETATM 1011 O  O   . HOH I 4 .  ? -6.536  4.622   7.718   1.00 48.17 ? 54  HOH B O   1 
HETATM 1012 O  O   . HOH I 4 .  ? 2.285   2.333   -12.606 1.00 48.85 ? 55  HOH B O   1 
HETATM 1013 O  O   . HOH I 4 .  ? 3.854   11.806  12.168  1.00 75.99 ? 59  HOH B O   1 
HETATM 1014 O  O   . HOH J 4 .  ? 6.611   -4.601  1.304   1.00 81.24 ? 42  HOH P O   1 
HETATM 1015 O  O   . HOH J 4 .  ? 10.648  -9.846  -4.741  1.00 49.64 ? 56  HOH P O   1 
# 
loop_
_pdbx_poly_seq_scheme.asym_id 
_pdbx_poly_seq_scheme.entity_id 
_pdbx_poly_seq_scheme.seq_id 
_pdbx_poly_seq_scheme.mon_id 
_pdbx_poly_seq_scheme.ndb_seq_num 
_pdbx_poly_seq_scheme.pdb_seq_num 
_pdbx_poly_seq_scheme.auth_seq_num 
_pdbx_poly_seq_scheme.pdb_mon_id 
_pdbx_poly_seq_scheme.auth_mon_id 
_pdbx_poly_seq_scheme.pdb_strand_id 
_pdbx_poly_seq_scheme.pdb_ins_code 
_pdbx_poly_seq_scheme.hetero 
A 1 1  HIS 1  330 ?   ?   ?   A . n 
A 1 2  GLY 2  331 ?   ?   ?   A . n 
A 1 3  HIS 3  332 ?   ?   ?   A . n 
A 1 4  SER 4  333 ?   ?   ?   A . n 
A 1 5  SER 5  334 ?   ?   ?   A . n 
A 1 6  SER 6  335 ?   ?   ?   A . n 
A 1 7  ASP 7  336 ?   ?   ?   A . n 
A 1 8  PRO 8  337 337 PRO PRO A . n 
A 1 9  VAL 9  338 338 VAL VAL A . n 
A 1 10 TYR 10 339 339 TYR TYR A . n 
A 1 11 PRO 11 340 340 PRO PRO A . n 
A 1 12 CYS 12 341 341 CYS CYS A . n 
A 1 13 GLY 13 342 342 GLY GLY A . n 
A 1 14 ILE 14 343 343 ILE ILE A . n 
A 1 15 CYS 15 344 344 CYS CYS A . n 
A 1 16 THR 16 345 345 THR THR A . n 
A 1 17 ASN 17 346 346 ASN ASN A . n 
A 1 18 GLU 18 347 347 GLU GLU A . n 
A 1 19 VAL 19 348 348 VAL VAL A . n 
A 1 20 ASN 20 349 349 ASN ASN A . n 
A 1 21 ASP 21 350 350 ASP ASP A . n 
A 1 22 ASP 22 351 351 ASP ASP A . n 
A 1 23 GLN 23 352 352 GLN GLN A . n 
A 1 24 ASP 24 353 353 ASP ASP A . n 
A 1 25 ALA 25 354 354 ALA ALA A . n 
A 1 26 ILE 26 355 355 ILE ILE A . n 
A 1 27 LEU 27 356 356 LEU LEU A . n 
A 1 28 CYS 28 357 357 CYS CYS A . n 
A 1 29 GLU 29 358 358 GLU GLU A . n 
A 1 30 ALA 30 359 359 ALA ALA A . n 
A 1 31 SER 31 360 360 SER SER A . n 
A 1 32 CYS 32 361 361 CYS CYS A . n 
A 1 33 GLN 33 362 362 GLN GLN A . n 
A 1 34 LYS 34 363 363 LYS LYS A . n 
A 1 35 TRP 35 364 364 TRP TRP A . n 
A 1 36 PHE 36 365 365 PHE PHE A . n 
A 1 37 HIS 37 366 366 HIS HIS A . n 
A 1 38 ARG 38 367 367 ARG ARG A . n 
A 1 39 ILE 39 368 368 ILE ILE A . n 
A 1 40 CYS 40 369 369 CYS CYS A . n 
A 1 41 THR 41 370 370 THR THR A . n 
A 1 42 GLY 42 371 371 GLY GLY A . n 
A 1 43 MSE 43 372 372 MSE MSE A . n 
A 1 44 THR 44 373 373 THR THR A . n 
A 1 45 GLU 45 374 374 GLU GLU A . n 
A 1 46 THR 46 375 375 THR THR A . n 
A 1 47 ALA 47 376 376 ALA ALA A . n 
A 1 48 TYR 48 377 377 TYR TYR A . n 
A 1 49 GLY 49 378 378 GLY GLY A . n 
A 1 50 LEU 50 379 379 LEU LEU A . n 
A 1 51 LEU 51 380 380 LEU LEU A . n 
A 1 52 THR 52 381 381 THR THR A . n 
A 1 53 ALA 53 382 382 ALA ALA A . n 
A 1 54 GLU 54 383 383 GLU GLU A . n 
A 1 55 ALA 55 384 384 ALA ALA A . n 
A 1 56 SER 56 385 385 SER SER A . n 
A 1 57 ALA 57 386 386 ALA ALA A . n 
A 1 58 VAL 58 387 387 VAL VAL A . n 
A 1 59 TRP 59 388 388 TRP TRP A . n 
A 1 60 GLY 60 389 389 GLY GLY A . n 
A 1 61 CYS 61 390 390 CYS CYS A . n 
A 1 62 ASP 62 391 391 ASP ASP A . n 
A 1 63 THR 63 392 392 THR THR A . n 
A 1 64 CYS 64 393 393 CYS CYS A . n 
A 1 65 MSE 65 394 394 MSE MSE A . n 
A 1 66 ALA 66 395 395 ALA ALA A . n 
A 1 67 ASP 67 396 396 ASP ASP A . n 
B 1 1  HIS 1  330 ?   ?   ?   B . n 
B 1 2  GLY 2  331 ?   ?   ?   B . n 
B 1 3  HIS 3  332 ?   ?   ?   B . n 
B 1 4  SER 4  333 ?   ?   ?   B . n 
B 1 5  SER 5  334 ?   ?   ?   B . n 
B 1 6  SER 6  335 ?   ?   ?   B . n 
B 1 7  ASP 7  336 ?   ?   ?   B . n 
B 1 8  PRO 8  337 337 PRO PRO B . n 
B 1 9  VAL 9  338 338 VAL VAL B . n 
B 1 10 TYR 10 339 339 TYR TYR B . n 
B 1 11 PRO 11 340 340 PRO PRO B . n 
B 1 12 CYS 12 341 341 CYS CYS B . n 
B 1 13 GLY 13 342 342 GLY GLY B . n 
B 1 14 ILE 14 343 343 ILE ILE B . n 
B 1 15 CYS 15 344 344 CYS CYS B . n 
B 1 16 THR 16 345 345 THR THR B . n 
B 1 17 ASN 17 346 346 ASN ASN B . n 
B 1 18 GLU 18 347 347 GLU GLU B . n 
B 1 19 VAL 19 348 348 VAL VAL B . n 
B 1 20 ASN 20 349 349 ASN ASN B . n 
B 1 21 ASP 21 350 350 ASP ASP B . n 
B 1 22 ASP 22 351 351 ASP ASP B . n 
B 1 23 GLN 23 352 352 GLN GLN B . n 
B 1 24 ASP 24 353 353 ASP ASP B . n 
B 1 25 ALA 25 354 354 ALA ALA B . n 
B 1 26 ILE 26 355 355 ILE ILE B . n 
B 1 27 LEU 27 356 356 LEU LEU B . n 
B 1 28 CYS 28 357 357 CYS CYS B . n 
B 1 29 GLU 29 358 358 GLU GLU B . n 
B 1 30 ALA 30 359 359 ALA ALA B . n 
B 1 31 SER 31 360 360 SER SER B . n 
B 1 32 CYS 32 361 361 CYS CYS B . n 
B 1 33 GLN 33 362 362 GLN GLN B . n 
B 1 34 LYS 34 363 363 LYS LYS B . n 
B 1 35 TRP 35 364 364 TRP TRP B . n 
B 1 36 PHE 36 365 365 PHE PHE B . n 
B 1 37 HIS 37 366 366 HIS HIS B . n 
B 1 38 ARG 38 367 367 ARG ARG B . n 
B 1 39 ILE 39 368 368 ILE ILE B . n 
B 1 40 CYS 40 369 369 CYS CYS B . n 
B 1 41 THR 41 370 370 THR THR B . n 
B 1 42 GLY 42 371 371 GLY GLY B . n 
B 1 43 MSE 43 372 372 MSE MSE B . n 
B 1 44 THR 44 373 373 THR THR B . n 
B 1 45 GLU 45 374 374 GLU GLU B . n 
B 1 46 THR 46 375 375 THR THR B . n 
B 1 47 ALA 47 376 376 ALA ALA B . n 
B 1 48 TYR 48 377 377 TYR TYR B . n 
B 1 49 GLY 49 378 378 GLY GLY B . n 
B 1 50 LEU 50 379 379 LEU LEU B . n 
B 1 51 LEU 51 380 380 LEU LEU B . n 
B 1 52 THR 52 381 381 THR THR B . n 
B 1 53 ALA 53 382 382 ALA ALA B . n 
B 1 54 GLU 54 383 383 GLU GLU B . n 
B 1 55 ALA 55 384 384 ALA ALA B . n 
B 1 56 SER 56 385 385 SER SER B . n 
B 1 57 ALA 57 386 386 ALA ALA B . n 
B 1 58 VAL 58 387 387 VAL VAL B . n 
B 1 59 TRP 59 388 388 TRP TRP B . n 
B 1 60 GLY 60 389 389 GLY GLY B . n 
B 1 61 CYS 61 390 390 CYS CYS B . n 
B 1 62 ASP 62 391 391 ASP ASP B . n 
B 1 63 THR 63 392 392 THR THR B . n 
B 1 64 CYS 64 393 393 CYS CYS B . n 
B 1 65 MSE 65 394 394 MSE MSE B . n 
B 1 66 ALA 66 395 395 ALA ALA B . n 
B 1 67 ASP 67 396 396 ASP ASP B . n 
C 2 1  ALA 1  1   1   ALA ALA P . n 
C 2 2  ARG 2  2   2   ARG ARG P . n 
C 2 3  THR 3  3   3   THR THR P . n 
C 2 4  M3L 4  4   4   M3L M3L P . n 
C 2 5  GLN 5  5   5   GLN GLN P . n 
C 2 6  THR 6  6   6   THR THR P . n 
C 2 7  ALA 7  7   ?   ?   ?   P . n 
C 2 8  ARG 8  8   ?   ?   ?   P . n 
# 
_pdbx_SG_project.id                    1 
_pdbx_SG_project.project_name          'NPPSFA, National Project on Protein Structural and Functional Analyses' 
_pdbx_SG_project.full_name_of_center   'RIKEN Structural Genomics/Proteomics Initiative' 
_pdbx_SG_project.initial_of_center     RSGI 
# 
loop_
_pdbx_nonpoly_scheme.asym_id 
_pdbx_nonpoly_scheme.entity_id 
_pdbx_nonpoly_scheme.mon_id 
_pdbx_nonpoly_scheme.ndb_seq_num 
_pdbx_nonpoly_scheme.pdb_seq_num 
_pdbx_nonpoly_scheme.auth_seq_num 
_pdbx_nonpoly_scheme.pdb_mon_id 
_pdbx_nonpoly_scheme.auth_mon_id 
_pdbx_nonpoly_scheme.pdb_strand_id 
_pdbx_nonpoly_scheme.pdb_ins_code 
D 3 ZN  1  401 401 ZN  ZN  A . 
E 3 ZN  1  402 402 ZN  ZN  A . 
F 3 ZN  1  403 403 ZN  ZN  B . 
G 3 ZN  1  404 404 ZN  ZN  B . 
H 4 HOH 1  3   3   HOH WAT A . 
H 4 HOH 2  4   4   HOH WAT A . 
H 4 HOH 3  5   5   HOH WAT A . 
H 4 HOH 4  11  11  HOH WAT A . 
H 4 HOH 5  12  12  HOH WAT A . 
H 4 HOH 6  13  13  HOH WAT A . 
H 4 HOH 7  14  14  HOH WAT A . 
H 4 HOH 8  15  15  HOH WAT A . 
H 4 HOH 9  21  21  HOH WAT A . 
H 4 HOH 10 22  22  HOH WAT A . 
H 4 HOH 11 25  25  HOH WAT A . 
H 4 HOH 12 29  29  HOH WAT A . 
H 4 HOH 13 32  32  HOH WAT A . 
H 4 HOH 14 35  35  HOH WAT A . 
H 4 HOH 15 38  38  HOH WAT A . 
H 4 HOH 16 39  39  HOH WAT A . 
H 4 HOH 17 41  41  HOH WAT A . 
H 4 HOH 18 43  43  HOH WAT A . 
H 4 HOH 19 47  47  HOH WAT A . 
H 4 HOH 20 50  50  HOH WAT A . 
H 4 HOH 21 52  52  HOH WAT A . 
H 4 HOH 22 53  53  HOH WAT A . 
H 4 HOH 23 57  57  HOH WAT A . 
H 4 HOH 24 58  58  HOH WAT A . 
H 4 HOH 25 60  60  HOH WAT A . 
I 4 HOH 1  1   1   HOH WAT B . 
I 4 HOH 2  2   2   HOH WAT B . 
I 4 HOH 3  6   6   HOH WAT B . 
I 4 HOH 4  7   7   HOH WAT B . 
I 4 HOH 5  8   8   HOH WAT B . 
I 4 HOH 6  9   9   HOH WAT B . 
I 4 HOH 7  10  10  HOH WAT B . 
I 4 HOH 8  16  16  HOH WAT B . 
I 4 HOH 9  17  17  HOH WAT B . 
I 4 HOH 10 18  18  HOH WAT B . 
I 4 HOH 11 19  19  HOH WAT B . 
I 4 HOH 12 20  20  HOH WAT B . 
I 4 HOH 13 23  23  HOH WAT B . 
I 4 HOH 14 24  24  HOH WAT B . 
I 4 HOH 15 26  26  HOH WAT B . 
I 4 HOH 16 27  27  HOH WAT B . 
I 4 HOH 17 28  28  HOH WAT B . 
I 4 HOH 18 30  30  HOH WAT B . 
I 4 HOH 19 31  31  HOH WAT B . 
I 4 HOH 20 33  33  HOH WAT B . 
I 4 HOH 21 34  34  HOH WAT B . 
I 4 HOH 22 36  36  HOH WAT B . 
I 4 HOH 23 37  37  HOH WAT B . 
I 4 HOH 24 40  40  HOH WAT B . 
I 4 HOH 25 44  44  HOH WAT B . 
I 4 HOH 26 45  45  HOH WAT B . 
I 4 HOH 27 46  46  HOH WAT B . 
I 4 HOH 28 48  48  HOH WAT B . 
I 4 HOH 29 49  49  HOH WAT B . 
I 4 HOH 30 51  51  HOH WAT B . 
I 4 HOH 31 54  54  HOH WAT B . 
I 4 HOH 32 55  55  HOH WAT B . 
I 4 HOH 33 59  59  HOH WAT B . 
J 4 HOH 1  42  42  HOH WAT P . 
J 4 HOH 2  56  56  HOH WAT P . 
# 
loop_
_pdbx_struct_mod_residue.id 
_pdbx_struct_mod_residue.label_asym_id 
_pdbx_struct_mod_residue.label_comp_id 
_pdbx_struct_mod_residue.label_seq_id 
_pdbx_struct_mod_residue.auth_asym_id 
_pdbx_struct_mod_residue.auth_comp_id 
_pdbx_struct_mod_residue.auth_seq_id 
_pdbx_struct_mod_residue.PDB_ins_code 
_pdbx_struct_mod_residue.parent_comp_id 
_pdbx_struct_mod_residue.details 
1 A MSE 43 A MSE 372 ? MET SELENOMETHIONINE  
2 A MSE 65 A MSE 394 ? MET SELENOMETHIONINE  
3 B MSE 43 B MSE 372 ? MET SELENOMETHIONINE  
4 B MSE 65 B MSE 394 ? MET SELENOMETHIONINE  
5 C M3L 4  P M3L 4   ? LYS N-TRIMETHYLLYSINE 
# 
_pdbx_struct_assembly.id                   1 
_pdbx_struct_assembly.details              author_and_software_defined_assembly 
_pdbx_struct_assembly.method_details       PISA 
_pdbx_struct_assembly.oligomeric_details   trimeric 
_pdbx_struct_assembly.oligomeric_count     3 
# 
_pdbx_struct_assembly_gen.assembly_id       1 
_pdbx_struct_assembly_gen.oper_expression   1 
_pdbx_struct_assembly_gen.asym_id_list      A,B,C,D,E,F,G,H,I,J 
# 
loop_
_pdbx_struct_assembly_prop.biol_id 
_pdbx_struct_assembly_prop.type 
_pdbx_struct_assembly_prop.value 
_pdbx_struct_assembly_prop.details 
1 'ABSA (A^2)' 1960  ? 
1 MORE         -32.4 ? 
1 'SSA (A^2)'  7710  ? 
# 
_pdbx_struct_oper_list.id                   1 
_pdbx_struct_oper_list.type                 'identity operation' 
_pdbx_struct_oper_list.name                 1_555 
_pdbx_struct_oper_list.symmetry_operation   x,y,z 
_pdbx_struct_oper_list.matrix[1][1]         1.0000000000 
_pdbx_struct_oper_list.matrix[1][2]         0.0000000000 
_pdbx_struct_oper_list.matrix[1][3]         0.0000000000 
_pdbx_struct_oper_list.vector[1]            0.0000000000 
_pdbx_struct_oper_list.matrix[2][1]         0.0000000000 
_pdbx_struct_oper_list.matrix[2][2]         1.0000000000 
_pdbx_struct_oper_list.matrix[2][3]         0.0000000000 
_pdbx_struct_oper_list.vector[2]            0.0000000000 
_pdbx_struct_oper_list.matrix[3][1]         0.0000000000 
_pdbx_struct_oper_list.matrix[3][2]         0.0000000000 
_pdbx_struct_oper_list.matrix[3][3]         1.0000000000 
_pdbx_struct_oper_list.vector[3]            0.0000000000 
# 
loop_
_pdbx_struct_conn_angle.id 
_pdbx_struct_conn_angle.ptnr1_label_atom_id 
_pdbx_struct_conn_angle.ptnr1_label_alt_id 
_pdbx_struct_conn_angle.ptnr1_label_asym_id 
_pdbx_struct_conn_angle.ptnr1_label_comp_id 
_pdbx_struct_conn_angle.ptnr1_label_seq_id 
_pdbx_struct_conn_angle.ptnr1_auth_atom_id 
_pdbx_struct_conn_angle.ptnr1_auth_asym_id 
_pdbx_struct_conn_angle.ptnr1_auth_comp_id 
_pdbx_struct_conn_angle.ptnr1_auth_seq_id 
_pdbx_struct_conn_angle.ptnr1_PDB_ins_code 
_pdbx_struct_conn_angle.ptnr1_symmetry 
_pdbx_struct_conn_angle.ptnr2_label_atom_id 
_pdbx_struct_conn_angle.ptnr2_label_alt_id 
_pdbx_struct_conn_angle.ptnr2_label_asym_id 
_pdbx_struct_conn_angle.ptnr2_label_comp_id 
_pdbx_struct_conn_angle.ptnr2_label_seq_id 
_pdbx_struct_conn_angle.ptnr2_auth_atom_id 
_pdbx_struct_conn_angle.ptnr2_auth_asym_id 
_pdbx_struct_conn_angle.ptnr2_auth_comp_id 
_pdbx_struct_conn_angle.ptnr2_auth_seq_id 
_pdbx_struct_conn_angle.ptnr2_PDB_ins_code 
_pdbx_struct_conn_angle.ptnr2_symmetry 
_pdbx_struct_conn_angle.ptnr3_label_atom_id 
_pdbx_struct_conn_angle.ptnr3_label_alt_id 
_pdbx_struct_conn_angle.ptnr3_label_asym_id 
_pdbx_struct_conn_angle.ptnr3_label_comp_id 
_pdbx_struct_conn_angle.ptnr3_label_seq_id 
_pdbx_struct_conn_angle.ptnr3_auth_atom_id 
_pdbx_struct_conn_angle.ptnr3_auth_asym_id 
_pdbx_struct_conn_angle.ptnr3_auth_comp_id 
_pdbx_struct_conn_angle.ptnr3_auth_seq_id 
_pdbx_struct_conn_angle.ptnr3_PDB_ins_code 
_pdbx_struct_conn_angle.ptnr3_symmetry 
_pdbx_struct_conn_angle.value 
_pdbx_struct_conn_angle.value_esd 
1  SG  ? A CYS 12 ? A CYS 341 ? 1_555 ZN ? D ZN . ? A ZN 401 ? 1_555 SG  ? A CYS 15 ? A CYS 344 ? 1_555 106.5 ? 
2  SG  ? A CYS 12 ? A CYS 341 ? 1_555 ZN ? D ZN . ? A ZN 401 ? 1_555 ND1 ? A HIS 37 ? A HIS 366 ? 1_555 98.3  ? 
3  SG  ? A CYS 15 ? A CYS 344 ? 1_555 ZN ? D ZN . ? A ZN 401 ? 1_555 ND1 ? A HIS 37 ? A HIS 366 ? 1_555 104.1 ? 
4  SG  ? A CYS 12 ? A CYS 341 ? 1_555 ZN ? D ZN . ? A ZN 401 ? 1_555 SG  ? A CYS 40 ? A CYS 369 ? 1_555 114.1 ? 
5  SG  ? A CYS 15 ? A CYS 344 ? 1_555 ZN ? D ZN . ? A ZN 401 ? 1_555 SG  ? A CYS 40 ? A CYS 369 ? 1_555 111.7 ? 
6  ND1 ? A HIS 37 ? A HIS 366 ? 1_555 ZN ? D ZN . ? A ZN 401 ? 1_555 SG  ? A CYS 40 ? A CYS 369 ? 1_555 120.4 ? 
7  SG  ? A CYS 28 ? A CYS 357 ? 1_555 ZN ? E ZN . ? A ZN 402 ? 1_555 SG  ? A CYS 32 ? A CYS 361 ? 1_555 106.8 ? 
8  SG  ? A CYS 28 ? A CYS 357 ? 1_555 ZN ? E ZN . ? A ZN 402 ? 1_555 SG  ? A CYS 61 ? A CYS 390 ? 1_555 114.3 ? 
9  SG  ? A CYS 32 ? A CYS 361 ? 1_555 ZN ? E ZN . ? A ZN 402 ? 1_555 SG  ? A CYS 61 ? A CYS 390 ? 1_555 119.2 ? 
10 SG  ? A CYS 28 ? A CYS 357 ? 1_555 ZN ? E ZN . ? A ZN 402 ? 1_555 SG  ? A CYS 64 ? A CYS 393 ? 1_555 105.5 ? 
11 SG  ? A CYS 32 ? A CYS 361 ? 1_555 ZN ? E ZN . ? A ZN 402 ? 1_555 SG  ? A CYS 64 ? A CYS 393 ? 1_555 109.4 ? 
12 SG  ? A CYS 61 ? A CYS 390 ? 1_555 ZN ? E ZN . ? A ZN 402 ? 1_555 SG  ? A CYS 64 ? A CYS 393 ? 1_555 100.7 ? 
13 SG  ? B CYS 12 ? B CYS 341 ? 1_555 ZN ? F ZN . ? B ZN 403 ? 1_555 SG  ? B CYS 15 ? B CYS 344 ? 1_555 111.4 ? 
14 SG  ? B CYS 12 ? B CYS 341 ? 1_555 ZN ? F ZN . ? B ZN 403 ? 1_555 ND1 ? B HIS 37 ? B HIS 366 ? 1_555 99.7  ? 
15 SG  ? B CYS 15 ? B CYS 344 ? 1_555 ZN ? F ZN . ? B ZN 403 ? 1_555 ND1 ? B HIS 37 ? B HIS 366 ? 1_555 100.4 ? 
16 SG  ? B CYS 12 ? B CYS 341 ? 1_555 ZN ? F ZN . ? B ZN 403 ? 1_555 SG  ? B CYS 40 ? B CYS 369 ? 1_555 116.9 ? 
17 SG  ? B CYS 15 ? B CYS 344 ? 1_555 ZN ? F ZN . ? B ZN 403 ? 1_555 SG  ? B CYS 40 ? B CYS 369 ? 1_555 109.6 ? 
18 ND1 ? B HIS 37 ? B HIS 366 ? 1_555 ZN ? F ZN . ? B ZN 403 ? 1_555 SG  ? B CYS 40 ? B CYS 369 ? 1_555 117.3 ? 
19 SG  ? B CYS 28 ? B CYS 357 ? 1_555 ZN ? G ZN . ? B ZN 404 ? 1_555 SG  ? B CYS 32 ? B CYS 361 ? 1_555 107.2 ? 
20 SG  ? B CYS 28 ? B CYS 357 ? 1_555 ZN ? G ZN . ? B ZN 404 ? 1_555 SG  ? B CYS 61 ? B CYS 390 ? 1_555 114.3 ? 
21 SG  ? B CYS 32 ? B CYS 361 ? 1_555 ZN ? G ZN . ? B ZN 404 ? 1_555 SG  ? B CYS 61 ? B CYS 390 ? 1_555 119.4 ? 
22 SG  ? B CYS 28 ? B CYS 357 ? 1_555 ZN ? G ZN . ? B ZN 404 ? 1_555 SG  ? B CYS 64 ? B CYS 393 ? 1_555 102.9 ? 
23 SG  ? B CYS 32 ? B CYS 361 ? 1_555 ZN ? G ZN . ? B ZN 404 ? 1_555 SG  ? B CYS 64 ? B CYS 393 ? 1_555 108.5 ? 
24 SG  ? B CYS 61 ? B CYS 390 ? 1_555 ZN ? G ZN . ? B ZN 404 ? 1_555 SG  ? B CYS 64 ? B CYS 393 ? 1_555 103.0 ? 
# 
loop_
_pdbx_audit_revision_history.ordinal 
_pdbx_audit_revision_history.data_content_type 
_pdbx_audit_revision_history.major_revision 
_pdbx_audit_revision_history.minor_revision 
_pdbx_audit_revision_history.revision_date 
1 'Structure model' 1 0 2008-05-06 
2 'Structure model' 1 1 2011-07-13 
3 'Structure model' 1 2 2023-10-25 
4 'Structure model' 1 3 2023-11-15 
# 
_pdbx_audit_revision_details.ordinal             1 
_pdbx_audit_revision_details.revision_ordinal    1 
_pdbx_audit_revision_details.data_content_type   'Structure model' 
_pdbx_audit_revision_details.provider            repository 
_pdbx_audit_revision_details.type                'Initial release' 
_pdbx_audit_revision_details.description         ? 
_pdbx_audit_revision_details.details             ? 
# 
loop_
_pdbx_audit_revision_group.ordinal 
_pdbx_audit_revision_group.revision_ordinal 
_pdbx_audit_revision_group.data_content_type 
_pdbx_audit_revision_group.group 
1 2 'Structure model' 'Version format compliance' 
2 3 'Structure model' 'Data collection'           
3 3 'Structure model' 'Database references'       
4 3 'Structure model' 'Derived calculations'      
5 3 'Structure model' 'Refinement description'    
6 4 'Structure model' 'Data collection'           
# 
loop_
_pdbx_audit_revision_category.ordinal 
_pdbx_audit_revision_category.revision_ordinal 
_pdbx_audit_revision_category.data_content_type 
_pdbx_audit_revision_category.category 
1 3 'Structure model' chem_comp_atom                
2 3 'Structure model' chem_comp_bond                
3 3 'Structure model' database_2                    
4 3 'Structure model' pdbx_initial_refinement_model 
5 3 'Structure model' struct_conn                   
6 3 'Structure model' struct_site                   
7 4 'Structure model' chem_comp_atom                
8 4 'Structure model' chem_comp_bond                
# 
loop_
_pdbx_audit_revision_item.ordinal 
_pdbx_audit_revision_item.revision_ordinal 
_pdbx_audit_revision_item.data_content_type 
_pdbx_audit_revision_item.item 
1  3 'Structure model' '_database_2.pdbx_DOI'                
2  3 'Structure model' '_database_2.pdbx_database_accession' 
3  3 'Structure model' '_struct_conn.pdbx_dist_value'        
4  3 'Structure model' '_struct_conn.ptnr1_auth_comp_id'     
5  3 'Structure model' '_struct_conn.ptnr1_auth_seq_id'      
6  3 'Structure model' '_struct_conn.ptnr1_label_asym_id'    
7  3 'Structure model' '_struct_conn.ptnr1_label_atom_id'    
8  3 'Structure model' '_struct_conn.ptnr1_label_comp_id'    
9  3 'Structure model' '_struct_conn.ptnr1_label_seq_id'     
10 3 'Structure model' '_struct_conn.ptnr2_auth_comp_id'     
11 3 'Structure model' '_struct_conn.ptnr2_auth_seq_id'      
12 3 'Structure model' '_struct_conn.ptnr2_label_asym_id'    
13 3 'Structure model' '_struct_conn.ptnr2_label_atom_id'    
14 3 'Structure model' '_struct_conn.ptnr2_label_comp_id'    
15 3 'Structure model' '_struct_conn.ptnr2_label_seq_id'     
16 3 'Structure model' '_struct_site.pdbx_auth_asym_id'      
17 3 'Structure model' '_struct_site.pdbx_auth_comp_id'      
18 3 'Structure model' '_struct_site.pdbx_auth_seq_id'       
19 4 'Structure model' '_chem_comp_atom.atom_id'             
20 4 'Structure model' '_chem_comp_bond.atom_id_2'           
# 
loop_
_software.name 
_software.classification 
_software.version 
_software.citation_id 
_software.pdbx_ordinal 
CNS       refinement        1.1     ? 1 
ADSC      'data collection' Quantum ? 2 
HKL-2000  'data reduction'  .       ? 3 
SCALEPACK 'data scaling'    .       ? 4 
MOLREP    phasing           .       ? 5 
# 
loop_
_pdbx_validate_torsion.id 
_pdbx_validate_torsion.PDB_model_num 
_pdbx_validate_torsion.auth_comp_id 
_pdbx_validate_torsion.auth_asym_id 
_pdbx_validate_torsion.auth_seq_id 
_pdbx_validate_torsion.PDB_ins_code 
_pdbx_validate_torsion.label_alt_id 
_pdbx_validate_torsion.phi 
_pdbx_validate_torsion.psi 
1 1 THR A 345 ? ? 67.98   -1.75  
2 1 SER A 360 ? ? -164.22 -75.04 
3 1 VAL B 338 ? ? 52.32   132.71 
4 1 SER B 360 ? ? -164.68 -77.31 
5 1 GLN P 5   ? ? -65.05  78.66  
# 
loop_
_pdbx_unobs_or_zero_occ_residues.id 
_pdbx_unobs_or_zero_occ_residues.PDB_model_num 
_pdbx_unobs_or_zero_occ_residues.polymer_flag 
_pdbx_unobs_or_zero_occ_residues.occupancy_flag 
_pdbx_unobs_or_zero_occ_residues.auth_asym_id 
_pdbx_unobs_or_zero_occ_residues.auth_comp_id 
_pdbx_unobs_or_zero_occ_residues.auth_seq_id 
_pdbx_unobs_or_zero_occ_residues.PDB_ins_code 
_pdbx_unobs_or_zero_occ_residues.label_asym_id 
_pdbx_unobs_or_zero_occ_residues.label_comp_id 
_pdbx_unobs_or_zero_occ_residues.label_seq_id 
1  1 Y 1 A HIS 330 ? A HIS 1 
2  1 Y 1 A GLY 331 ? A GLY 2 
3  1 Y 1 A HIS 332 ? A HIS 3 
4  1 Y 1 A SER 333 ? A SER 4 
5  1 Y 1 A SER 334 ? A SER 5 
6  1 Y 1 A SER 335 ? A SER 6 
7  1 Y 1 A ASP 336 ? A ASP 7 
8  1 Y 1 B HIS 330 ? B HIS 1 
9  1 Y 1 B GLY 331 ? B GLY 2 
10 1 Y 1 B HIS 332 ? B HIS 3 
11 1 Y 1 B SER 333 ? B SER 4 
12 1 Y 1 B SER 334 ? B SER 5 
13 1 Y 1 B SER 335 ? B SER 6 
14 1 Y 1 B ASP 336 ? B ASP 7 
15 1 Y 1 P ALA 7   ? C ALA 7 
16 1 Y 1 P ARG 8   ? C ARG 8 
# 
loop_
_chem_comp_atom.comp_id 
_chem_comp_atom.atom_id 
_chem_comp_atom.type_symbol 
_chem_comp_atom.pdbx_aromatic_flag 
_chem_comp_atom.pdbx_stereo_config 
_chem_comp_atom.pdbx_ordinal 
ALA N    N  N N 1   
ALA CA   C  N S 2   
ALA C    C  N N 3   
ALA O    O  N N 4   
ALA CB   C  N N 5   
ALA OXT  O  N N 6   
ALA H    H  N N 7   
ALA H2   H  N N 8   
ALA HA   H  N N 9   
ALA HB1  H  N N 10  
ALA HB2  H  N N 11  
ALA HB3  H  N N 12  
ALA HXT  H  N N 13  
ARG N    N  N N 14  
ARG CA   C  N S 15  
ARG C    C  N N 16  
ARG O    O  N N 17  
ARG CB   C  N N 18  
ARG CG   C  N N 19  
ARG CD   C  N N 20  
ARG NE   N  N N 21  
ARG CZ   C  N N 22  
ARG NH1  N  N N 23  
ARG NH2  N  N N 24  
ARG OXT  O  N N 25  
ARG H    H  N N 26  
ARG H2   H  N N 27  
ARG HA   H  N N 28  
ARG HB2  H  N N 29  
ARG HB3  H  N N 30  
ARG HG2  H  N N 31  
ARG HG3  H  N N 32  
ARG HD2  H  N N 33  
ARG HD3  H  N N 34  
ARG HE   H  N N 35  
ARG HH11 H  N N 36  
ARG HH12 H  N N 37  
ARG HH21 H  N N 38  
ARG HH22 H  N N 39  
ARG HXT  H  N N 40  
ASN N    N  N N 41  
ASN CA   C  N S 42  
ASN C    C  N N 43  
ASN O    O  N N 44  
ASN CB   C  N N 45  
ASN CG   C  N N 46  
ASN OD1  O  N N 47  
ASN ND2  N  N N 48  
ASN OXT  O  N N 49  
ASN H    H  N N 50  
ASN H2   H  N N 51  
ASN HA   H  N N 52  
ASN HB2  H  N N 53  
ASN HB3  H  N N 54  
ASN HD21 H  N N 55  
ASN HD22 H  N N 56  
ASN HXT  H  N N 57  
ASP N    N  N N 58  
ASP CA   C  N S 59  
ASP C    C  N N 60  
ASP O    O  N N 61  
ASP CB   C  N N 62  
ASP CG   C  N N 63  
ASP OD1  O  N N 64  
ASP OD2  O  N N 65  
ASP OXT  O  N N 66  
ASP H    H  N N 67  
ASP H2   H  N N 68  
ASP HA   H  N N 69  
ASP HB2  H  N N 70  
ASP HB3  H  N N 71  
ASP HD2  H  N N 72  
ASP HXT  H  N N 73  
CYS N    N  N N 74  
CYS CA   C  N R 75  
CYS C    C  N N 76  
CYS O    O  N N 77  
CYS CB   C  N N 78  
CYS SG   S  N N 79  
CYS OXT  O  N N 80  
CYS H    H  N N 81  
CYS H2   H  N N 82  
CYS HA   H  N N 83  
CYS HB2  H  N N 84  
CYS HB3  H  N N 85  
CYS HG   H  N N 86  
CYS HXT  H  N N 87  
GLN N    N  N N 88  
GLN CA   C  N S 89  
GLN C    C  N N 90  
GLN O    O  N N 91  
GLN CB   C  N N 92  
GLN CG   C  N N 93  
GLN CD   C  N N 94  
GLN OE1  O  N N 95  
GLN NE2  N  N N 96  
GLN OXT  O  N N 97  
GLN H    H  N N 98  
GLN H2   H  N N 99  
GLN HA   H  N N 100 
GLN HB2  H  N N 101 
GLN HB3  H  N N 102 
GLN HG2  H  N N 103 
GLN HG3  H  N N 104 
GLN HE21 H  N N 105 
GLN HE22 H  N N 106 
GLN HXT  H  N N 107 
GLU N    N  N N 108 
GLU CA   C  N S 109 
GLU C    C  N N 110 
GLU O    O  N N 111 
GLU CB   C  N N 112 
GLU CG   C  N N 113 
GLU CD   C  N N 114 
GLU OE1  O  N N 115 
GLU OE2  O  N N 116 
GLU OXT  O  N N 117 
GLU H    H  N N 118 
GLU H2   H  N N 119 
GLU HA   H  N N 120 
GLU HB2  H  N N 121 
GLU HB3  H  N N 122 
GLU HG2  H  N N 123 
GLU HG3  H  N N 124 
GLU HE2  H  N N 125 
GLU HXT  H  N N 126 
GLY N    N  N N 127 
GLY CA   C  N N 128 
GLY C    C  N N 129 
GLY O    O  N N 130 
GLY OXT  O  N N 131 
GLY H    H  N N 132 
GLY H2   H  N N 133 
GLY HA2  H  N N 134 
GLY HA3  H  N N 135 
GLY HXT  H  N N 136 
HIS N    N  N N 137 
HIS CA   C  N S 138 
HIS C    C  N N 139 
HIS O    O  N N 140 
HIS CB   C  N N 141 
HIS CG   C  Y N 142 
HIS ND1  N  Y N 143 
HIS CD2  C  Y N 144 
HIS CE1  C  Y N 145 
HIS NE2  N  Y N 146 
HIS OXT  O  N N 147 
HIS H    H  N N 148 
HIS H2   H  N N 149 
HIS HA   H  N N 150 
HIS HB2  H  N N 151 
HIS HB3  H  N N 152 
HIS HD1  H  N N 153 
HIS HD2  H  N N 154 
HIS HE1  H  N N 155 
HIS HE2  H  N N 156 
HIS HXT  H  N N 157 
HOH O    O  N N 158 
HOH H1   H  N N 159 
HOH H2   H  N N 160 
ILE N    N  N N 161 
ILE CA   C  N S 162 
ILE C    C  N N 163 
ILE O    O  N N 164 
ILE CB   C  N S 165 
ILE CG1  C  N N 166 
ILE CG2  C  N N 167 
ILE CD1  C  N N 168 
ILE OXT  O  N N 169 
ILE H    H  N N 170 
ILE H2   H  N N 171 
ILE HA   H  N N 172 
ILE HB   H  N N 173 
ILE HG12 H  N N 174 
ILE HG13 H  N N 175 
ILE HG21 H  N N 176 
ILE HG22 H  N N 177 
ILE HG23 H  N N 178 
ILE HD11 H  N N 179 
ILE HD12 H  N N 180 
ILE HD13 H  N N 181 
ILE HXT  H  N N 182 
LEU N    N  N N 183 
LEU CA   C  N S 184 
LEU C    C  N N 185 
LEU O    O  N N 186 
LEU CB   C  N N 187 
LEU CG   C  N N 188 
LEU CD1  C  N N 189 
LEU CD2  C  N N 190 
LEU OXT  O  N N 191 
LEU H    H  N N 192 
LEU H2   H  N N 193 
LEU HA   H  N N 194 
LEU HB2  H  N N 195 
LEU HB3  H  N N 196 
LEU HG   H  N N 197 
LEU HD11 H  N N 198 
LEU HD12 H  N N 199 
LEU HD13 H  N N 200 
LEU HD21 H  N N 201 
LEU HD22 H  N N 202 
LEU HD23 H  N N 203 
LEU HXT  H  N N 204 
LYS N    N  N N 205 
LYS CA   C  N S 206 
LYS C    C  N N 207 
LYS O    O  N N 208 
LYS CB   C  N N 209 
LYS CG   C  N N 210 
LYS CD   C  N N 211 
LYS CE   C  N N 212 
LYS NZ   N  N N 213 
LYS OXT  O  N N 214 
LYS H    H  N N 215 
LYS H2   H  N N 216 
LYS HA   H  N N 217 
LYS HB2  H  N N 218 
LYS HB3  H  N N 219 
LYS HG2  H  N N 220 
LYS HG3  H  N N 221 
LYS HD2  H  N N 222 
LYS HD3  H  N N 223 
LYS HE2  H  N N 224 
LYS HE3  H  N N 225 
LYS HZ1  H  N N 226 
LYS HZ2  H  N N 227 
LYS HZ3  H  N N 228 
LYS HXT  H  N N 229 
M3L N    N  N N 230 
M3L CA   C  N S 231 
M3L CB   C  N N 232 
M3L CG   C  N N 233 
M3L CD   C  N N 234 
M3L CE   C  N N 235 
M3L NZ   N  N N 236 
M3L C    C  N N 237 
M3L O    O  N N 238 
M3L OXT  O  N N 239 
M3L CM1  C  N N 240 
M3L CM2  C  N N 241 
M3L CM3  C  N N 242 
M3L H    H  N N 243 
M3L H2   H  N N 244 
M3L HA   H  N N 245 
M3L HB2  H  N N 246 
M3L HB3  H  N N 247 
M3L HG2  H  N N 248 
M3L HG3  H  N N 249 
M3L HD2  H  N N 250 
M3L HD3  H  N N 251 
M3L HE2  H  N N 252 
M3L HE3  H  N N 253 
M3L HXT  H  N N 254 
M3L HM11 H  N N 255 
M3L HM12 H  N N 256 
M3L HM13 H  N N 257 
M3L HM21 H  N N 258 
M3L HM22 H  N N 259 
M3L HM23 H  N N 260 
M3L HM31 H  N N 261 
M3L HM32 H  N N 262 
M3L HM33 H  N N 263 
MSE N    N  N N 264 
MSE CA   C  N S 265 
MSE C    C  N N 266 
MSE O    O  N N 267 
MSE OXT  O  N N 268 
MSE CB   C  N N 269 
MSE CG   C  N N 270 
MSE SE   SE N N 271 
MSE CE   C  N N 272 
MSE H    H  N N 273 
MSE H2   H  N N 274 
MSE HA   H  N N 275 
MSE HXT  H  N N 276 
MSE HB2  H  N N 277 
MSE HB3  H  N N 278 
MSE HG2  H  N N 279 
MSE HG3  H  N N 280 
MSE HE1  H  N N 281 
MSE HE2  H  N N 282 
MSE HE3  H  N N 283 
PHE N    N  N N 284 
PHE CA   C  N S 285 
PHE C    C  N N 286 
PHE O    O  N N 287 
PHE CB   C  N N 288 
PHE CG   C  Y N 289 
PHE CD1  C  Y N 290 
PHE CD2  C  Y N 291 
PHE CE1  C  Y N 292 
PHE CE2  C  Y N 293 
PHE CZ   C  Y N 294 
PHE OXT  O  N N 295 
PHE H    H  N N 296 
PHE H2   H  N N 297 
PHE HA   H  N N 298 
PHE HB2  H  N N 299 
PHE HB3  H  N N 300 
PHE HD1  H  N N 301 
PHE HD2  H  N N 302 
PHE HE1  H  N N 303 
PHE HE2  H  N N 304 
PHE HZ   H  N N 305 
PHE HXT  H  N N 306 
PRO N    N  N N 307 
PRO CA   C  N S 308 
PRO C    C  N N 309 
PRO O    O  N N 310 
PRO CB   C  N N 311 
PRO CG   C  N N 312 
PRO CD   C  N N 313 
PRO OXT  O  N N 314 
PRO H    H  N N 315 
PRO HA   H  N N 316 
PRO HB2  H  N N 317 
PRO HB3  H  N N 318 
PRO HG2  H  N N 319 
PRO HG3  H  N N 320 
PRO HD2  H  N N 321 
PRO HD3  H  N N 322 
PRO HXT  H  N N 323 
SER N    N  N N 324 
SER CA   C  N S 325 
SER C    C  N N 326 
SER O    O  N N 327 
SER CB   C  N N 328 
SER OG   O  N N 329 
SER OXT  O  N N 330 
SER H    H  N N 331 
SER H2   H  N N 332 
SER HA   H  N N 333 
SER HB2  H  N N 334 
SER HB3  H  N N 335 
SER HG   H  N N 336 
SER HXT  H  N N 337 
THR N    N  N N 338 
THR CA   C  N S 339 
THR C    C  N N 340 
THR O    O  N N 341 
THR CB   C  N R 342 
THR OG1  O  N N 343 
THR CG2  C  N N 344 
THR OXT  O  N N 345 
THR H    H  N N 346 
THR H2   H  N N 347 
THR HA   H  N N 348 
THR HB   H  N N 349 
THR HG1  H  N N 350 
THR HG21 H  N N 351 
THR HG22 H  N N 352 
THR HG23 H  N N 353 
THR HXT  H  N N 354 
TRP N    N  N N 355 
TRP CA   C  N S 356 
TRP C    C  N N 357 
TRP O    O  N N 358 
TRP CB   C  N N 359 
TRP CG   C  Y N 360 
TRP CD1  C  Y N 361 
TRP CD2  C  Y N 362 
TRP NE1  N  Y N 363 
TRP CE2  C  Y N 364 
TRP CE3  C  Y N 365 
TRP CZ2  C  Y N 366 
TRP CZ3  C  Y N 367 
TRP CH2  C  Y N 368 
TRP OXT  O  N N 369 
TRP H    H  N N 370 
TRP H2   H  N N 371 
TRP HA   H  N N 372 
TRP HB2  H  N N 373 
TRP HB3  H  N N 374 
TRP HD1  H  N N 375 
TRP HE1  H  N N 376 
TRP HE3  H  N N 377 
TRP HZ2  H  N N 378 
TRP HZ3  H  N N 379 
TRP HH2  H  N N 380 
TRP HXT  H  N N 381 
TYR N    N  N N 382 
TYR CA   C  N S 383 
TYR C    C  N N 384 
TYR O    O  N N 385 
TYR CB   C  N N 386 
TYR CG   C  Y N 387 
TYR CD1  C  Y N 388 
TYR CD2  C  Y N 389 
TYR CE1  C  Y N 390 
TYR CE2  C  Y N 391 
TYR CZ   C  Y N 392 
TYR OH   O  N N 393 
TYR OXT  O  N N 394 
TYR H    H  N N 395 
TYR H2   H  N N 396 
TYR HA   H  N N 397 
TYR HB2  H  N N 398 
TYR HB3  H  N N 399 
TYR HD1  H  N N 400 
TYR HD2  H  N N 401 
TYR HE1  H  N N 402 
TYR HE2  H  N N 403 
TYR HH   H  N N 404 
TYR HXT  H  N N 405 
VAL N    N  N N 406 
VAL CA   C  N S 407 
VAL C    C  N N 408 
VAL O    O  N N 409 
VAL CB   C  N N 410 
VAL CG1  C  N N 411 
VAL CG2  C  N N 412 
VAL OXT  O  N N 413 
VAL H    H  N N 414 
VAL H2   H  N N 415 
VAL HA   H  N N 416 
VAL HB   H  N N 417 
VAL HG11 H  N N 418 
VAL HG12 H  N N 419 
VAL HG13 H  N N 420 
VAL HG21 H  N N 421 
VAL HG22 H  N N 422 
VAL HG23 H  N N 423 
VAL HXT  H  N N 424 
ZN  ZN   ZN N N 425 
# 
loop_
_chem_comp_bond.comp_id 
_chem_comp_bond.atom_id_1 
_chem_comp_bond.atom_id_2 
_chem_comp_bond.value_order 
_chem_comp_bond.pdbx_aromatic_flag 
_chem_comp_bond.pdbx_stereo_config 
_chem_comp_bond.pdbx_ordinal 
ALA N   CA   sing N N 1   
ALA N   H    sing N N 2   
ALA N   H2   sing N N 3   
ALA CA  C    sing N N 4   
ALA CA  CB   sing N N 5   
ALA CA  HA   sing N N 6   
ALA C   O    doub N N 7   
ALA C   OXT  sing N N 8   
ALA CB  HB1  sing N N 9   
ALA CB  HB2  sing N N 10  
ALA CB  HB3  sing N N 11  
ALA OXT HXT  sing N N 12  
ARG N   CA   sing N N 13  
ARG N   H    sing N N 14  
ARG N   H2   sing N N 15  
ARG CA  C    sing N N 16  
ARG CA  CB   sing N N 17  
ARG CA  HA   sing N N 18  
ARG C   O    doub N N 19  
ARG C   OXT  sing N N 20  
ARG CB  CG   sing N N 21  
ARG CB  HB2  sing N N 22  
ARG CB  HB3  sing N N 23  
ARG CG  CD   sing N N 24  
ARG CG  HG2  sing N N 25  
ARG CG  HG3  sing N N 26  
ARG CD  NE   sing N N 27  
ARG CD  HD2  sing N N 28  
ARG CD  HD3  sing N N 29  
ARG NE  CZ   sing N N 30  
ARG NE  HE   sing N N 31  
ARG CZ  NH1  sing N N 32  
ARG CZ  NH2  doub N N 33  
ARG NH1 HH11 sing N N 34  
ARG NH1 HH12 sing N N 35  
ARG NH2 HH21 sing N N 36  
ARG NH2 HH22 sing N N 37  
ARG OXT HXT  sing N N 38  
ASN N   CA   sing N N 39  
ASN N   H    sing N N 40  
ASN N   H2   sing N N 41  
ASN CA  C    sing N N 42  
ASN CA  CB   sing N N 43  
ASN CA  HA   sing N N 44  
ASN C   O    doub N N 45  
ASN C   OXT  sing N N 46  
ASN CB  CG   sing N N 47  
ASN CB  HB2  sing N N 48  
ASN CB  HB3  sing N N 49  
ASN CG  OD1  doub N N 50  
ASN CG  ND2  sing N N 51  
ASN ND2 HD21 sing N N 52  
ASN ND2 HD22 sing N N 53  
ASN OXT HXT  sing N N 54  
ASP N   CA   sing N N 55  
ASP N   H    sing N N 56  
ASP N   H2   sing N N 57  
ASP CA  C    sing N N 58  
ASP CA  CB   sing N N 59  
ASP CA  HA   sing N N 60  
ASP C   O    doub N N 61  
ASP C   OXT  sing N N 62  
ASP CB  CG   sing N N 63  
ASP CB  HB2  sing N N 64  
ASP CB  HB3  sing N N 65  
ASP CG  OD1  doub N N 66  
ASP CG  OD2  sing N N 67  
ASP OD2 HD2  sing N N 68  
ASP OXT HXT  sing N N 69  
CYS N   CA   sing N N 70  
CYS N   H    sing N N 71  
CYS N   H2   sing N N 72  
CYS CA  C    sing N N 73  
CYS CA  CB   sing N N 74  
CYS CA  HA   sing N N 75  
CYS C   O    doub N N 76  
CYS C   OXT  sing N N 77  
CYS CB  SG   sing N N 78  
CYS CB  HB2  sing N N 79  
CYS CB  HB3  sing N N 80  
CYS SG  HG   sing N N 81  
CYS OXT HXT  sing N N 82  
GLN N   CA   sing N N 83  
GLN N   H    sing N N 84  
GLN N   H2   sing N N 85  
GLN CA  C    sing N N 86  
GLN CA  CB   sing N N 87  
GLN CA  HA   sing N N 88  
GLN C   O    doub N N 89  
GLN C   OXT  sing N N 90  
GLN CB  CG   sing N N 91  
GLN CB  HB2  sing N N 92  
GLN CB  HB3  sing N N 93  
GLN CG  CD   sing N N 94  
GLN CG  HG2  sing N N 95  
GLN CG  HG3  sing N N 96  
GLN CD  OE1  doub N N 97  
GLN CD  NE2  sing N N 98  
GLN NE2 HE21 sing N N 99  
GLN NE2 HE22 sing N N 100 
GLN OXT HXT  sing N N 101 
GLU N   CA   sing N N 102 
GLU N   H    sing N N 103 
GLU N   H2   sing N N 104 
GLU CA  C    sing N N 105 
GLU CA  CB   sing N N 106 
GLU CA  HA   sing N N 107 
GLU C   O    doub N N 108 
GLU C   OXT  sing N N 109 
GLU CB  CG   sing N N 110 
GLU CB  HB2  sing N N 111 
GLU CB  HB3  sing N N 112 
GLU CG  CD   sing N N 113 
GLU CG  HG2  sing N N 114 
GLU CG  HG3  sing N N 115 
GLU CD  OE1  doub N N 116 
GLU CD  OE2  sing N N 117 
GLU OE2 HE2  sing N N 118 
GLU OXT HXT  sing N N 119 
GLY N   CA   sing N N 120 
GLY N   H    sing N N 121 
GLY N   H2   sing N N 122 
GLY CA  C    sing N N 123 
GLY CA  HA2  sing N N 124 
GLY CA  HA3  sing N N 125 
GLY C   O    doub N N 126 
GLY C   OXT  sing N N 127 
GLY OXT HXT  sing N N 128 
HIS N   CA   sing N N 129 
HIS N   H    sing N N 130 
HIS N   H2   sing N N 131 
HIS CA  C    sing N N 132 
HIS CA  CB   sing N N 133 
HIS CA  HA   sing N N 134 
HIS C   O    doub N N 135 
HIS C   OXT  sing N N 136 
HIS CB  CG   sing N N 137 
HIS CB  HB2  sing N N 138 
HIS CB  HB3  sing N N 139 
HIS CG  ND1  sing Y N 140 
HIS CG  CD2  doub Y N 141 
HIS ND1 CE1  doub Y N 142 
HIS ND1 HD1  sing N N 143 
HIS CD2 NE2  sing Y N 144 
HIS CD2 HD2  sing N N 145 
HIS CE1 NE2  sing Y N 146 
HIS CE1 HE1  sing N N 147 
HIS NE2 HE2  sing N N 148 
HIS OXT HXT  sing N N 149 
HOH O   H1   sing N N 150 
HOH O   H2   sing N N 151 
ILE N   CA   sing N N 152 
ILE N   H    sing N N 153 
ILE N   H2   sing N N 154 
ILE CA  C    sing N N 155 
ILE CA  CB   sing N N 156 
ILE CA  HA   sing N N 157 
ILE C   O    doub N N 158 
ILE C   OXT  sing N N 159 
ILE CB  CG1  sing N N 160 
ILE CB  CG2  sing N N 161 
ILE CB  HB   sing N N 162 
ILE CG1 CD1  sing N N 163 
ILE CG1 HG12 sing N N 164 
ILE CG1 HG13 sing N N 165 
ILE CG2 HG21 sing N N 166 
ILE CG2 HG22 sing N N 167 
ILE CG2 HG23 sing N N 168 
ILE CD1 HD11 sing N N 169 
ILE CD1 HD12 sing N N 170 
ILE CD1 HD13 sing N N 171 
ILE OXT HXT  sing N N 172 
LEU N   CA   sing N N 173 
LEU N   H    sing N N 174 
LEU N   H2   sing N N 175 
LEU CA  C    sing N N 176 
LEU CA  CB   sing N N 177 
LEU CA  HA   sing N N 178 
LEU C   O    doub N N 179 
LEU C   OXT  sing N N 180 
LEU CB  CG   sing N N 181 
LEU CB  HB2  sing N N 182 
LEU CB  HB3  sing N N 183 
LEU CG  CD1  sing N N 184 
LEU CG  CD2  sing N N 185 
LEU CG  HG   sing N N 186 
LEU CD1 HD11 sing N N 187 
LEU CD1 HD12 sing N N 188 
LEU CD1 HD13 sing N N 189 
LEU CD2 HD21 sing N N 190 
LEU CD2 HD22 sing N N 191 
LEU CD2 HD23 sing N N 192 
LEU OXT HXT  sing N N 193 
LYS N   CA   sing N N 194 
LYS N   H    sing N N 195 
LYS N   H2   sing N N 196 
LYS CA  C    sing N N 197 
LYS CA  CB   sing N N 198 
LYS CA  HA   sing N N 199 
LYS C   O    doub N N 200 
LYS C   OXT  sing N N 201 
LYS CB  CG   sing N N 202 
LYS CB  HB2  sing N N 203 
LYS CB  HB3  sing N N 204 
LYS CG  CD   sing N N 205 
LYS CG  HG2  sing N N 206 
LYS CG  HG3  sing N N 207 
LYS CD  CE   sing N N 208 
LYS CD  HD2  sing N N 209 
LYS CD  HD3  sing N N 210 
LYS CE  NZ   sing N N 211 
LYS CE  HE2  sing N N 212 
LYS CE  HE3  sing N N 213 
LYS NZ  HZ1  sing N N 214 
LYS NZ  HZ2  sing N N 215 
LYS NZ  HZ3  sing N N 216 
LYS OXT HXT  sing N N 217 
M3L N   CA   sing N N 218 
M3L N   H    sing N N 219 
M3L N   H2   sing N N 220 
M3L CA  CB   sing N N 221 
M3L CA  C    sing N N 222 
M3L CA  HA   sing N N 223 
M3L CB  CG   sing N N 224 
M3L CB  HB2  sing N N 225 
M3L CB  HB3  sing N N 226 
M3L CG  CD   sing N N 227 
M3L CG  HG2  sing N N 228 
M3L CG  HG3  sing N N 229 
M3L CD  CE   sing N N 230 
M3L CD  HD2  sing N N 231 
M3L CD  HD3  sing N N 232 
M3L CE  NZ   sing N N 233 
M3L CE  HE2  sing N N 234 
M3L CE  HE3  sing N N 235 
M3L NZ  CM1  sing N N 236 
M3L NZ  CM2  sing N N 237 
M3L NZ  CM3  sing N N 238 
M3L C   O    doub N N 239 
M3L C   OXT  sing N N 240 
M3L OXT HXT  sing N N 241 
M3L CM1 HM11 sing N N 242 
M3L CM1 HM12 sing N N 243 
M3L CM1 HM13 sing N N 244 
M3L CM2 HM21 sing N N 245 
M3L CM2 HM22 sing N N 246 
M3L CM2 HM23 sing N N 247 
M3L CM3 HM31 sing N N 248 
M3L CM3 HM32 sing N N 249 
M3L CM3 HM33 sing N N 250 
MSE N   CA   sing N N 251 
MSE N   H    sing N N 252 
MSE N   H2   sing N N 253 
MSE CA  C    sing N N 254 
MSE CA  CB   sing N N 255 
MSE CA  HA   sing N N 256 
MSE C   O    doub N N 257 
MSE C   OXT  sing N N 258 
MSE OXT HXT  sing N N 259 
MSE CB  CG   sing N N 260 
MSE CB  HB2  sing N N 261 
MSE CB  HB3  sing N N 262 
MSE CG  SE   sing N N 263 
MSE CG  HG2  sing N N 264 
MSE CG  HG3  sing N N 265 
MSE SE  CE   sing N N 266 
MSE CE  HE1  sing N N 267 
MSE CE  HE2  sing N N 268 
MSE CE  HE3  sing N N 269 
PHE N   CA   sing N N 270 
PHE N   H    sing N N 271 
PHE N   H2   sing N N 272 
PHE CA  C    sing N N 273 
PHE CA  CB   sing N N 274 
PHE CA  HA   sing N N 275 
PHE C   O    doub N N 276 
PHE C   OXT  sing N N 277 
PHE CB  CG   sing N N 278 
PHE CB  HB2  sing N N 279 
PHE CB  HB3  sing N N 280 
PHE CG  CD1  doub Y N 281 
PHE CG  CD2  sing Y N 282 
PHE CD1 CE1  sing Y N 283 
PHE CD1 HD1  sing N N 284 
PHE CD2 CE2  doub Y N 285 
PHE CD2 HD2  sing N N 286 
PHE CE1 CZ   doub Y N 287 
PHE CE1 HE1  sing N N 288 
PHE CE2 CZ   sing Y N 289 
PHE CE2 HE2  sing N N 290 
PHE CZ  HZ   sing N N 291 
PHE OXT HXT  sing N N 292 
PRO N   CA   sing N N 293 
PRO N   CD   sing N N 294 
PRO N   H    sing N N 295 
PRO CA  C    sing N N 296 
PRO CA  CB   sing N N 297 
PRO CA  HA   sing N N 298 
PRO C   O    doub N N 299 
PRO C   OXT  sing N N 300 
PRO CB  CG   sing N N 301 
PRO CB  HB2  sing N N 302 
PRO CB  HB3  sing N N 303 
PRO CG  CD   sing N N 304 
PRO CG  HG2  sing N N 305 
PRO CG  HG3  sing N N 306 
PRO CD  HD2  sing N N 307 
PRO CD  HD3  sing N N 308 
PRO OXT HXT  sing N N 309 
SER N   CA   sing N N 310 
SER N   H    sing N N 311 
SER N   H2   sing N N 312 
SER CA  C    sing N N 313 
SER CA  CB   sing N N 314 
SER CA  HA   sing N N 315 
SER C   O    doub N N 316 
SER C   OXT  sing N N 317 
SER CB  OG   sing N N 318 
SER CB  HB2  sing N N 319 
SER CB  HB3  sing N N 320 
SER OG  HG   sing N N 321 
SER OXT HXT  sing N N 322 
THR N   CA   sing N N 323 
THR N   H    sing N N 324 
THR N   H2   sing N N 325 
THR CA  C    sing N N 326 
THR CA  CB   sing N N 327 
THR CA  HA   sing N N 328 
THR C   O    doub N N 329 
THR C   OXT  sing N N 330 
THR CB  OG1  sing N N 331 
THR CB  CG2  sing N N 332 
THR CB  HB   sing N N 333 
THR OG1 HG1  sing N N 334 
THR CG2 HG21 sing N N 335 
THR CG2 HG22 sing N N 336 
THR CG2 HG23 sing N N 337 
THR OXT HXT  sing N N 338 
TRP N   CA   sing N N 339 
TRP N   H    sing N N 340 
TRP N   H2   sing N N 341 
TRP CA  C    sing N N 342 
TRP CA  CB   sing N N 343 
TRP CA  HA   sing N N 344 
TRP C   O    doub N N 345 
TRP C   OXT  sing N N 346 
TRP CB  CG   sing N N 347 
TRP CB  HB2  sing N N 348 
TRP CB  HB3  sing N N 349 
TRP CG  CD1  doub Y N 350 
TRP CG  CD2  sing Y N 351 
TRP CD1 NE1  sing Y N 352 
TRP CD1 HD1  sing N N 353 
TRP CD2 CE2  doub Y N 354 
TRP CD2 CE3  sing Y N 355 
TRP NE1 CE2  sing Y N 356 
TRP NE1 HE1  sing N N 357 
TRP CE2 CZ2  sing Y N 358 
TRP CE3 CZ3  doub Y N 359 
TRP CE3 HE3  sing N N 360 
TRP CZ2 CH2  doub Y N 361 
TRP CZ2 HZ2  sing N N 362 
TRP CZ3 CH2  sing Y N 363 
TRP CZ3 HZ3  sing N N 364 
TRP CH2 HH2  sing N N 365 
TRP OXT HXT  sing N N 366 
TYR N   CA   sing N N 367 
TYR N   H    sing N N 368 
TYR N   H2   sing N N 369 
TYR CA  C    sing N N 370 
TYR CA  CB   sing N N 371 
TYR CA  HA   sing N N 372 
TYR C   O    doub N N 373 
TYR C   OXT  sing N N 374 
TYR CB  CG   sing N N 375 
TYR CB  HB2  sing N N 376 
TYR CB  HB3  sing N N 377 
TYR CG  CD1  doub Y N 378 
TYR CG  CD2  sing Y N 379 
TYR CD1 CE1  sing Y N 380 
TYR CD1 HD1  sing N N 381 
TYR CD2 CE2  doub Y N 382 
TYR CD2 HD2  sing N N 383 
TYR CE1 CZ   doub Y N 384 
TYR CE1 HE1  sing N N 385 
TYR CE2 CZ   sing Y N 386 
TYR CE2 HE2  sing N N 387 
TYR CZ  OH   sing N N 388 
TYR OH  HH   sing N N 389 
TYR OXT HXT  sing N N 390 
VAL N   CA   sing N N 391 
VAL N   H    sing N N 392 
VAL N   H2   sing N N 393 
VAL CA  C    sing N N 394 
VAL CA  CB   sing N N 395 
VAL CA  HA   sing N N 396 
VAL C   O    doub N N 397 
VAL C   OXT  sing N N 398 
VAL CB  CG1  sing N N 399 
VAL CB  CG2  sing N N 400 
VAL CB  HB   sing N N 401 
VAL CG1 HG11 sing N N 402 
VAL CG1 HG12 sing N N 403 
VAL CG1 HG13 sing N N 404 
VAL CG2 HG21 sing N N 405 
VAL CG2 HG22 sing N N 406 
VAL CG2 HG23 sing N N 407 
VAL OXT HXT  sing N N 408 
# 
loop_
_pdbx_entity_nonpoly.entity_id 
_pdbx_entity_nonpoly.name 
_pdbx_entity_nonpoly.comp_id 
3 'ZINC ION' ZN  
4 water      HOH 
# 
_pdbx_initial_refinement_model.id               1 
_pdbx_initial_refinement_model.entity_id_list   ? 
_pdbx_initial_refinement_model.type             'experimental model' 
_pdbx_initial_refinement_model.source_name      PDB 
_pdbx_initial_refinement_model.accession_code   2DX8 
_pdbx_initial_refinement_model.details          ? 
# 
